data_5QGR
# 
_entry.id   5QGR 
# 
_audit_conform.dict_name       mmcif_pdbx.dic 
_audit_conform.dict_version    5.381 
_audit_conform.dict_location   http://mmcif.pdb.org/dictionaries/ascii/mmcif_pdbx.dic 
# 
loop_
_database_2.database_id 
_database_2.database_code 
_database_2.pdbx_database_accession 
_database_2.pdbx_DOI 
PDB   5QGR         pdb_00005qgr 10.2210/pdb5qgr/pdb 
WWPDB D_1001401928 ?            ?                   
# 
_pdbx_database_status.entry_id                        5QGR 
_pdbx_database_status.status_code                     REL 
_pdbx_database_status.status_code_sf                  REL 
_pdbx_database_status.status_code_mr                  ? 
_pdbx_database_status.status_code_cs                  ? 
_pdbx_database_status.recvd_initial_deposition_date   2018-05-15 
_pdbx_database_status.deposit_site                    RCSB 
_pdbx_database_status.process_site                    RCSB 
_pdbx_database_status.SG_entry                        ? 
_pdbx_database_status.pdb_format_compatible           Y 
_pdbx_database_status.methods_development_category    ? 
_pdbx_database_status.status_code_nmr_data            ? 
# 
loop_
_audit_author.name 
_audit_author.pdbx_ordinal 
_audit_author.identifier_ORCID 
'Krojer, T.'         1  ? 
'Talon, R.'          2  ? 
'Fairhead, M.'       3  ? 
'Diaz Saez, L.'      4  ? 
'Bradley, A.R.'      5  ? 
'Aimon, A.'          6  ? 
'Collins, P.'        7  ? 
'Brandao-Neto, J.'   8  ? 
'Douangamath, A.'    9  ? 
'Ruda, G.F.'         10 ? 
'Szommer, T.'        11 ? 
'Srikannathasan, V.' 12 ? 
'Elkins, J.'         13 ? 
'Spencer, J.'        14 ? 
'London, N.'         15 ? 
'Nelson, A.'         16 ? 
'Brennan, P.E.'      17 ? 
'Huber, K.'          18 ? 
'Bountra, C.'        19 ? 
'Arrowsmith, C.H.'   20 ? 
'Edwards, A.'        21 ? 
'von Delft, F.'      22 ? 
# 
_citation.id                        primary 
_citation.title                     'PanDDA analysis group deposition of models with modelled events (e.g. bound ligands)' 
_citation.journal_abbrev            'To Be Published' 
_citation.journal_volume            ? 
_citation.page_first                ? 
_citation.page_last                 ? 
_citation.year                      ? 
_citation.journal_id_ASTM           ? 
_citation.country                   ? 
_citation.journal_id_ISSN           ? 
_citation.journal_id_CSD            0353 
_citation.book_publisher            ? 
_citation.pdbx_database_id_PubMed   ? 
_citation.pdbx_database_id_DOI      ? 
# 
loop_
_citation_author.citation_id 
_citation_author.name 
_citation_author.identifier_ORCID 
_citation_author.ordinal 
primary 'Krojer, T.'         ? 1  
primary 'Talon, R.'          ? 2  
primary 'Fairhead, M.'       ? 3  
primary 'Diaz Saez, L.'      ? 4  
primary 'Bradley, A.R.'      ? 5  
primary 'Aimon, A.'          ? 6  
primary 'Collins, P.'        ? 7  
primary 'Brandao-Neto, J.'   ? 8  
primary 'Douangamath, A.'    ? 9  
primary 'Ruda, G.F.'         ? 10 
primary 'Szommer, T.'        ? 11 
primary 'Srikannathasan, V.' ? 12 
primary 'Elkins, J.'         ? 13 
primary 'Spencer, J.'        ? 14 
primary 'London, N.'         ? 15 
primary 'Nelson, A.'         ? 16 
primary 'Brennan, P.E.'      ? 17 
primary 'Huber, K.'          ? 18 
primary 'Bountra, C.'        ? 19 
primary 'Arrowsmith, C.H.'   ? 20 
primary 'Edwards, A.'        ? 21 
primary 'von Delft, F.'      ? 22 
# 
_cell.entry_id           5QGR 
_cell.length_a           126.350 
_cell.length_b           126.350 
_cell.length_c           41.630 
_cell.angle_alpha        90.000 
_cell.angle_beta         90.000 
_cell.angle_gamma        120.000 
_cell.Z_PDB              6 
_cell.pdbx_unique_axis   ? 
# 
_symmetry.entry_id                         5QGR 
_symmetry.Int_Tables_number                150 
_symmetry.space_group_name_H-M             'P 3 2 1' 
_symmetry.pdbx_full_space_group_name_H-M   ? 
_symmetry.cell_setting                     ? 
# 
loop_
_entity.id 
_entity.type 
_entity.src_method 
_entity.pdbx_description 
_entity.formula_weight 
_entity.pdbx_number_of_molecules 
_entity.pdbx_ec 
_entity.pdbx_mutation 
_entity.pdbx_fragment 
_entity.details 
1 polymer     man 'Peroxisomal coenzyme A diphosphatase NUDT7' 22197.600 1   3.6.1.- ? ? ? 
2 non-polymer syn 'ACETATE ION'                                59.044    2   ?       ? ? ? 
3 non-polymer syn 'DIMETHYL SULFOXIDE'                         78.133    2   ?       ? ? ? 
4 non-polymer syn '5-(pyridin-2-yl)thiophene-2-carbothioamide' 220.314   2   ?       ? ? ? 
5 water       nat water                                        18.015    156 ?       ? ? ? 
# 
_entity_name_com.entity_id   1 
_entity_name_com.name        'Nucleoside diphosphate-linked moiety X motif 7,Nudix motif 7' 
# 
_entity_poly.entity_id                      1 
_entity_poly.type                           'polypeptide(L)' 
_entity_poly.nstd_linkage                   no 
_entity_poly.nstd_monomer                   yes 
_entity_poly.pdbx_seq_one_letter_code       
;SMLDDAKARLRKYDIGGKYSHLPYNKYSVLLPLVAKEGKLHLLFTVRSEKLRRAPGEVCFPGGKRDPTDMDDAATALREA
QEEVGLR(HYP)HQVEVV(CSO)CLVPCLIDTDTLITPFVGLIDHNFQAQPNPAEVKDVFLVPLAYFLHPQVHDQHYVTR
LGHRFINHIFEYTNPEDGVTYQIKGMTANLAVLVAFIILEKKPT
;
_entity_poly.pdbx_seq_one_letter_code_can   
;SMLDDAKARLRKYDIGGKYSHLPYNKYSVLLPLVAKEGKLHLLFTVRSEKLRRAPGEVCFPGGKRDPTDMDDAATALREA
QEEVGLRPHQVEVVCCLVPCLIDTDTLITPFVGLIDHNFQAQPNPAEVKDVFLVPLAYFLHPQVHDQHYVTRLGHRFINH
IFEYTNPEDGVTYQIKGMTANLAVLVAFIILEKKPT
;
_entity_poly.pdbx_strand_id                 A 
_entity_poly.pdbx_target_identifier         ? 
# 
loop_
_entity_poly_seq.entity_id 
_entity_poly_seq.num 
_entity_poly_seq.mon_id 
_entity_poly_seq.hetero 
1 1   SER n 
1 2   MET n 
1 3   LEU n 
1 4   ASP n 
1 5   ASP n 
1 6   ALA n 
1 7   LYS n 
1 8   ALA n 
1 9   ARG n 
1 10  LEU n 
1 11  ARG n 
1 12  LYS n 
1 13  TYR n 
1 14  ASP n 
1 15  ILE n 
1 16  GLY n 
1 17  GLY n 
1 18  LYS n 
1 19  TYR n 
1 20  SER n 
1 21  HIS n 
1 22  LEU n 
1 23  PRO n 
1 24  TYR n 
1 25  ASN n 
1 26  LYS n 
1 27  TYR n 
1 28  SER n 
1 29  VAL n 
1 30  LEU n 
1 31  LEU n 
1 32  PRO n 
1 33  LEU n 
1 34  VAL n 
1 35  ALA n 
1 36  LYS n 
1 37  GLU n 
1 38  GLY n 
1 39  LYS n 
1 40  LEU n 
1 41  HIS n 
1 42  LEU n 
1 43  LEU n 
1 44  PHE n 
1 45  THR n 
1 46  VAL n 
1 47  ARG n 
1 48  SER n 
1 49  GLU n 
1 50  LYS n 
1 51  LEU n 
1 52  ARG n 
1 53  ARG n 
1 54  ALA n 
1 55  PRO n 
1 56  GLY n 
1 57  GLU n 
1 58  VAL n 
1 59  CYS n 
1 60  PHE n 
1 61  PRO n 
1 62  GLY n 
1 63  GLY n 
1 64  LYS n 
1 65  ARG n 
1 66  ASP n 
1 67  PRO n 
1 68  THR n 
1 69  ASP n 
1 70  MET n 
1 71  ASP n 
1 72  ASP n 
1 73  ALA n 
1 74  ALA n 
1 75  THR n 
1 76  ALA n 
1 77  LEU n 
1 78  ARG n 
1 79  GLU n 
1 80  ALA n 
1 81  GLN n 
1 82  GLU n 
1 83  GLU n 
1 84  VAL n 
1 85  GLY n 
1 86  LEU n 
1 87  ARG n 
1 88  HYP n 
1 89  HIS n 
1 90  GLN n 
1 91  VAL n 
1 92  GLU n 
1 93  VAL n 
1 94  VAL n 
1 95  CSO n 
1 96  CYS n 
1 97  LEU n 
1 98  VAL n 
1 99  PRO n 
1 100 CYS n 
1 101 LEU n 
1 102 ILE n 
1 103 ASP n 
1 104 THR n 
1 105 ASP n 
1 106 THR n 
1 107 LEU n 
1 108 ILE n 
1 109 THR n 
1 110 PRO n 
1 111 PHE n 
1 112 VAL n 
1 113 GLY n 
1 114 LEU n 
1 115 ILE n 
1 116 ASP n 
1 117 HIS n 
1 118 ASN n 
1 119 PHE n 
1 120 GLN n 
1 121 ALA n 
1 122 GLN n 
1 123 PRO n 
1 124 ASN n 
1 125 PRO n 
1 126 ALA n 
1 127 GLU n 
1 128 VAL n 
1 129 LYS n 
1 130 ASP n 
1 131 VAL n 
1 132 PHE n 
1 133 LEU n 
1 134 VAL n 
1 135 PRO n 
1 136 LEU n 
1 137 ALA n 
1 138 TYR n 
1 139 PHE n 
1 140 LEU n 
1 141 HIS n 
1 142 PRO n 
1 143 GLN n 
1 144 VAL n 
1 145 HIS n 
1 146 ASP n 
1 147 GLN n 
1 148 HIS n 
1 149 TYR n 
1 150 VAL n 
1 151 THR n 
1 152 ARG n 
1 153 LEU n 
1 154 GLY n 
1 155 HIS n 
1 156 ARG n 
1 157 PHE n 
1 158 ILE n 
1 159 ASN n 
1 160 HIS n 
1 161 ILE n 
1 162 PHE n 
1 163 GLU n 
1 164 TYR n 
1 165 THR n 
1 166 ASN n 
1 167 PRO n 
1 168 GLU n 
1 169 ASP n 
1 170 GLY n 
1 171 VAL n 
1 172 THR n 
1 173 TYR n 
1 174 GLN n 
1 175 ILE n 
1 176 LYS n 
1 177 GLY n 
1 178 MET n 
1 179 THR n 
1 180 ALA n 
1 181 ASN n 
1 182 LEU n 
1 183 ALA n 
1 184 VAL n 
1 185 LEU n 
1 186 VAL n 
1 187 ALA n 
1 188 PHE n 
1 189 ILE n 
1 190 ILE n 
1 191 LEU n 
1 192 GLU n 
1 193 LYS n 
1 194 LYS n 
1 195 PRO n 
1 196 THR n 
# 
_entity_src_gen.entity_id                          1 
_entity_src_gen.pdbx_src_id                        1 
_entity_src_gen.pdbx_alt_source_flag               sample 
_entity_src_gen.pdbx_seq_type                      'Biological sequence' 
_entity_src_gen.pdbx_beg_seq_num                   1 
_entity_src_gen.pdbx_end_seq_num                   196 
_entity_src_gen.gene_src_common_name               Human 
_entity_src_gen.gene_src_genus                     ? 
_entity_src_gen.pdbx_gene_src_gene                 NUDT7 
_entity_src_gen.gene_src_species                   ? 
_entity_src_gen.gene_src_strain                    ? 
_entity_src_gen.gene_src_tissue                    ? 
_entity_src_gen.gene_src_tissue_fraction           ? 
_entity_src_gen.gene_src_details                   ? 
_entity_src_gen.pdbx_gene_src_fragment             ? 
_entity_src_gen.pdbx_gene_src_scientific_name      'Homo sapiens' 
_entity_src_gen.pdbx_gene_src_ncbi_taxonomy_id     9606 
_entity_src_gen.pdbx_gene_src_variant              ? 
_entity_src_gen.pdbx_gene_src_cell_line            ? 
_entity_src_gen.pdbx_gene_src_atcc                 ? 
_entity_src_gen.pdbx_gene_src_organ                ? 
_entity_src_gen.pdbx_gene_src_organelle            ? 
_entity_src_gen.pdbx_gene_src_cell                 ? 
_entity_src_gen.pdbx_gene_src_cellular_location    ? 
_entity_src_gen.host_org_common_name               ? 
_entity_src_gen.pdbx_host_org_scientific_name      'Escherichia coli' 
_entity_src_gen.pdbx_host_org_ncbi_taxonomy_id     562 
_entity_src_gen.host_org_genus                     ? 
_entity_src_gen.pdbx_host_org_gene                 ? 
_entity_src_gen.pdbx_host_org_organ                ? 
_entity_src_gen.host_org_species                   ? 
_entity_src_gen.pdbx_host_org_tissue               ? 
_entity_src_gen.pdbx_host_org_tissue_fraction      ? 
_entity_src_gen.pdbx_host_org_strain               ? 
_entity_src_gen.pdbx_host_org_variant              ? 
_entity_src_gen.pdbx_host_org_cell_line            ? 
_entity_src_gen.pdbx_host_org_atcc                 ? 
_entity_src_gen.pdbx_host_org_culture_collection   ? 
_entity_src_gen.pdbx_host_org_cell                 ? 
_entity_src_gen.pdbx_host_org_organelle            ? 
_entity_src_gen.pdbx_host_org_cellular_location    ? 
_entity_src_gen.pdbx_host_org_vector_type          ? 
_entity_src_gen.pdbx_host_org_vector               ? 
_entity_src_gen.host_org_details                   ? 
_entity_src_gen.expression_system_id               ? 
_entity_src_gen.plasmid_name                       ? 
_entity_src_gen.plasmid_details                    ? 
_entity_src_gen.pdbx_description                   ? 
# 
_struct_ref.id                         1 
_struct_ref.db_name                    UNP 
_struct_ref.db_code                    NUDT7_HUMAN 
_struct_ref.pdbx_db_accession          P0C024 
_struct_ref.pdbx_db_isoform            ? 
_struct_ref.entity_id                  1 
_struct_ref.pdbx_seq_one_letter_code   
;SLLDDAKARLRKYDIGGKYSHLPYNKYSVLLPLVAKEGKLHLLFTVRSEKLRRAPGEVCFPGGKRDPTDMDDAATALREA
QEEVGLRPHQVEVVCCLVPCLIDTDTLITPFVGLIDHNFQAQPNPAEVKDVFLVPLAYFLHPQVHDQHYVTRLGHRFINH
IFEYTNPEDGVTYQIKGMTANLAVLVAFIILEKKPT
;
_struct_ref.pdbx_align_begin           14 
# 
_struct_ref_seq.align_id                      1 
_struct_ref_seq.ref_id                        1 
_struct_ref_seq.pdbx_PDB_id_code              5QGR 
_struct_ref_seq.pdbx_strand_id                A 
_struct_ref_seq.seq_align_beg                 1 
_struct_ref_seq.pdbx_seq_align_beg_ins_code   ? 
_struct_ref_seq.seq_align_end                 196 
_struct_ref_seq.pdbx_seq_align_end_ins_code   ? 
_struct_ref_seq.pdbx_db_accession             P0C024 
_struct_ref_seq.db_align_beg                  14 
_struct_ref_seq.pdbx_db_align_beg_ins_code    ? 
_struct_ref_seq.db_align_end                  209 
_struct_ref_seq.pdbx_db_align_end_ins_code    ? 
_struct_ref_seq.pdbx_auth_seq_align_beg       15 
_struct_ref_seq.pdbx_auth_seq_align_end       210 
# 
_struct_ref_seq_dif.align_id                     1 
_struct_ref_seq_dif.pdbx_pdb_id_code             5QGR 
_struct_ref_seq_dif.mon_id                       MET 
_struct_ref_seq_dif.pdbx_pdb_strand_id           A 
_struct_ref_seq_dif.seq_num                      2 
_struct_ref_seq_dif.pdbx_pdb_ins_code            ? 
_struct_ref_seq_dif.pdbx_seq_db_name             UNP 
_struct_ref_seq_dif.pdbx_seq_db_accession_code   P0C024 
_struct_ref_seq_dif.db_mon_id                    LEU 
_struct_ref_seq_dif.pdbx_seq_db_seq_num          15 
_struct_ref_seq_dif.details                      conflict 
_struct_ref_seq_dif.pdbx_auth_seq_num            16 
_struct_ref_seq_dif.pdbx_ordinal                 1 
# 
loop_
_chem_comp.id 
_chem_comp.type 
_chem_comp.mon_nstd_flag 
_chem_comp.name 
_chem_comp.pdbx_synonyms 
_chem_comp.formula 
_chem_comp.formula_weight 
ACT non-polymer         . 'ACETATE ION'                                ?              'C2 H3 O2 -1'    59.044  
ALA 'L-peptide linking' y ALANINE                                      ?              'C3 H7 N O2'     89.093  
ARG 'L-peptide linking' y ARGININE                                     ?              'C6 H15 N4 O2 1' 175.209 
ASN 'L-peptide linking' y ASPARAGINE                                   ?              'C4 H8 N2 O3'    132.118 
ASP 'L-peptide linking' y 'ASPARTIC ACID'                              ?              'C4 H7 N O4'     133.103 
CSO 'L-peptide linking' n S-HYDROXYCYSTEINE                            ?              'C3 H7 N O3 S'   137.158 
CYS 'L-peptide linking' y CYSTEINE                                     ?              'C3 H7 N O2 S'   121.158 
DMS non-polymer         . 'DIMETHYL SULFOXIDE'                         ?              'C2 H6 O S'      78.133  
GLN 'L-peptide linking' y GLUTAMINE                                    ?              'C5 H10 N2 O3'   146.144 
GLU 'L-peptide linking' y 'GLUTAMIC ACID'                              ?              'C5 H9 N O4'     147.129 
GLY 'peptide linking'   y GLYCINE                                      ?              'C2 H5 N O2'     75.067  
H0J non-polymer         . '5-(pyridin-2-yl)thiophene-2-carbothioamide' ?              'C10 H8 N2 S2'   220.314 
HIS 'L-peptide linking' y HISTIDINE                                    ?              'C6 H10 N3 O2 1' 156.162 
HOH non-polymer         . WATER                                        ?              'H2 O'           18.015  
HYP 'L-peptide linking' n 4-HYDROXYPROLINE                             HYDROXYPROLINE 'C5 H9 N O3'     131.130 
ILE 'L-peptide linking' y ISOLEUCINE                                   ?              'C6 H13 N O2'    131.173 
LEU 'L-peptide linking' y LEUCINE                                      ?              'C6 H13 N O2'    131.173 
LYS 'L-peptide linking' y LYSINE                                       ?              'C6 H15 N2 O2 1' 147.195 
MET 'L-peptide linking' y METHIONINE                                   ?              'C5 H11 N O2 S'  149.211 
PHE 'L-peptide linking' y PHENYLALANINE                                ?              'C9 H11 N O2'    165.189 
PRO 'L-peptide linking' y PROLINE                                      ?              'C5 H9 N O2'     115.130 
SER 'L-peptide linking' y SERINE                                       ?              'C3 H7 N O3'     105.093 
THR 'L-peptide linking' y THREONINE                                    ?              'C4 H9 N O3'     119.119 
TYR 'L-peptide linking' y TYROSINE                                     ?              'C9 H11 N O3'    181.189 
VAL 'L-peptide linking' y VALINE                                       ?              'C5 H11 N O2'    117.146 
# 
_exptl.crystals_number   1 
_exptl.entry_id          5QGR 
_exptl.method            'X-RAY DIFFRACTION' 
# 
_exptl_crystal.id                    1 
_exptl_crystal.pdbx_mosaicity        0.000 
_exptl_crystal.pdbx_mosaicity_esd    ? 
_exptl_crystal.density_Matthews      4.32 
_exptl_crystal.density_diffrn        ? 
_exptl_crystal.density_meas          ? 
_exptl_crystal.density_meas_temp     ? 
_exptl_crystal.density_percent_sol   71.54 
_exptl_crystal.size_max              ? 
_exptl_crystal.size_mid              ? 
_exptl_crystal.size_min              ? 
_exptl_crystal.size_rad              ? 
_exptl_crystal.description           ? 
# 
_exptl_crystal_grow.crystal_id      1 
_exptl_crystal_grow.method          'VAPOR DIFFUSION, SITTING DROP' 
_exptl_crystal_grow.pH              5.5 
_exptl_crystal_grow.temp            293 
_exptl_crystal_grow.pdbx_details    '0.1M bis-tris pH 5.5 -- 0.1M ammonium acetate -- 5%(w/v) PEG10K' 
_exptl_crystal_grow.temp_details    ? 
_exptl_crystal_grow.pdbx_pH_range   ? 
# 
_diffrn.id                     1 
_diffrn.ambient_temp           100 
_diffrn.crystal_id             1 
_diffrn.ambient_temp_details   ? 
# 
_diffrn_detector.detector               PIXEL 
_diffrn_detector.type                   'DECTRIS PILATUS 6M' 
_diffrn_detector.pdbx_collection_date   2017-05-11 
_diffrn_detector.diffrn_id              1 
_diffrn_detector.details                ? 
# 
_diffrn_radiation.diffrn_id                        1 
_diffrn_radiation.wavelength_id                    1 
_diffrn_radiation.pdbx_diffrn_protocol             'SINGLE WAVELENGTH' 
_diffrn_radiation.pdbx_monochromatic_or_laue_m_l   ? 
_diffrn_radiation.monochromator                    ? 
_diffrn_radiation.pdbx_scattering_type             x-ray 
# 
_diffrn_radiation_wavelength.id           1 
_diffrn_radiation_wavelength.wavelength   0.92819 
_diffrn_radiation_wavelength.wt           1.0 
# 
_diffrn_source.diffrn_id                   1 
_diffrn_source.source                      SYNCHROTRON 
_diffrn_source.type                        'DIAMOND BEAMLINE I04-1' 
_diffrn_source.pdbx_wavelength_list        0.92819 
_diffrn_source.pdbx_synchrotron_site       Diamond 
_diffrn_source.pdbx_synchrotron_beamline   I04-1 
_diffrn_source.pdbx_wavelength             ? 
# 
_reflns.entry_id                     5QGR 
_reflns.pdbx_diffrn_id               1 
_reflns.pdbx_ordinal                 1 
_reflns.observed_criterion_sigma_I   ? 
_reflns.observed_criterion_sigma_F   ? 
_reflns.d_resolution_low             31.590 
_reflns.d_resolution_high            1.960 
_reflns.number_obs                   26973 
_reflns.number_all                   ? 
_reflns.percent_possible_obs         97.600 
_reflns.pdbx_Rmerge_I_obs            0.087 
_reflns.pdbx_Rsym_value              ? 
_reflns.pdbx_netI_over_sigmaI        19.800 
_reflns.B_iso_Wilson_estimate        ? 
_reflns.pdbx_redundancy              9.700 
_reflns.pdbx_Rrim_I_all              0.092 
_reflns.pdbx_Rpim_I_all              0.030 
_reflns.pdbx_CC_half                 0.999 
_reflns.pdbx_netI_over_av_sigmaI     ? 
_reflns.pdbx_number_measured_all     262983 
_reflns.pdbx_scaling_rejects         0 
_reflns.pdbx_chi_squared             ? 
_reflns.Rmerge_F_all                 ? 
_reflns.Rmerge_F_obs                 ? 
_reflns.observed_criterion_F_max     ? 
_reflns.observed_criterion_F_min     ? 
_reflns.observed_criterion_I_max     ? 
_reflns.observed_criterion_I_min     ? 
_reflns.pdbx_d_res_high_opt          ? 
_reflns.pdbx_d_res_low_opt           ? 
_reflns.details                      ? 
# 
loop_
_reflns_shell.pdbx_diffrn_id 
_reflns_shell.pdbx_ordinal 
_reflns_shell.d_res_high 
_reflns_shell.d_res_low 
_reflns_shell.number_measured_obs 
_reflns_shell.number_measured_all 
_reflns_shell.number_unique_obs 
_reflns_shell.pdbx_rejects 
_reflns_shell.Rmerge_I_obs 
_reflns_shell.meanI_over_sigI_obs 
_reflns_shell.pdbx_Rsym_value 
_reflns_shell.pdbx_chi_squared 
_reflns_shell.pdbx_redundancy 
_reflns_shell.percent_possible_obs 
_reflns_shell.pdbx_netI_over_sigmaI_obs 
_reflns_shell.number_possible 
_reflns_shell.number_unique_all 
_reflns_shell.Rmerge_F_all 
_reflns_shell.Rmerge_F_obs 
_reflns_shell.Rmerge_I_all 
_reflns_shell.meanI_over_sigI_all 
_reflns_shell.percent_possible_all 
_reflns_shell.pdbx_Rrim_I_all 
_reflns_shell.pdbx_Rpim_I_all 
_reflns_shell.pdbx_CC_half 
1 1 1.960 2.010  ? 20920 ? ? 1.504 ? ? ? 10.300 ? 1.600  ? 2028 ? ? ? ? 99.900 1.584 0.492 0.753 
1 2 8.770 31.590 ? 3179  ? ? 0.017 ? ? ? 9.400  ? 84.000 ? 339  ? ? ? ? 97.600 0.018 0.006 1.000 
# 
_refine.entry_id                                 5QGR 
_refine.pdbx_refine_id                           'X-RAY DIFFRACTION' 
_refine.ls_d_res_high                            1.9600 
_refine.ls_d_res_low                             109.4200 
_refine.pdbx_ls_sigma_F                          0.000 
_refine.pdbx_data_cutoff_high_absF               ? 
_refine.pdbx_data_cutoff_low_absF                ? 
_refine.ls_percent_reflns_obs                    97.5300 
_refine.ls_number_reflns_obs                     25646 
_refine.ls_number_reflns_all                     ? 
_refine.pdbx_ls_cross_valid_method               THROUGHOUT 
_refine.ls_matrix_type                           ? 
_refine.pdbx_R_Free_selection_details            RANDOM 
_refine.details                                  
'HYDROGENS HAVE BEEN ADDED IN THE RIDING POSITIONS U VALUES      : REFINED INDIVIDUALLY' 
_refine.ls_R_factor_all                          ? 
_refine.ls_R_factor_obs                          0.2142 
_refine.ls_R_factor_R_work                       0.2126 
_refine.ls_wR_factor_R_work                      ? 
_refine.ls_R_factor_R_free                       0.2438 
_refine.ls_wR_factor_R_free                      ? 
_refine.ls_percent_reflns_R_free                 4.9000 
_refine.ls_number_reflns_R_free                  1317 
_refine.ls_number_reflns_R_work                  ? 
_refine.ls_R_factor_R_free_error                 ? 
_refine.B_iso_mean                               42.5540 
_refine.solvent_model_param_bsol                 ? 
_refine.solvent_model_param_ksol                 ? 
_refine.pdbx_isotropic_thermal_model             ? 
_refine.aniso_B[1][1]                            0.6200 
_refine.aniso_B[2][2]                            0.6200 
_refine.aniso_B[3][3]                            -2.0200 
_refine.aniso_B[1][2]                            0.3100 
_refine.aniso_B[1][3]                            0.0000 
_refine.aniso_B[2][3]                            -0.0000 
_refine.correlation_coeff_Fo_to_Fc               0.9450 
_refine.correlation_coeff_Fo_to_Fc_free          0.9310 
_refine.overall_SU_R_Cruickshank_DPI             ? 
_refine.pdbx_overall_SU_R_free_Cruickshank_DPI   ? 
_refine.pdbx_overall_SU_R_Blow_DPI               ? 
_refine.pdbx_overall_SU_R_free_Blow_DPI          ? 
_refine.overall_SU_R_free                        ? 
_refine.pdbx_overall_ESU_R                       0.1270 
_refine.pdbx_overall_ESU_R_Free                  0.1250 
_refine.overall_SU_ML                            0.1120 
_refine.overall_SU_B                             4.2610 
_refine.solvent_model_details                    MASK 
_refine.pdbx_solvent_vdw_probe_radii             1.2000 
_refine.pdbx_solvent_ion_probe_radii             0.8000 
_refine.pdbx_solvent_shrinkage_radii             0.8000 
_refine.ls_number_parameters                     ? 
_refine.ls_number_restraints                     ? 
_refine.pdbx_starting_model                      5T3P 
_refine.pdbx_method_to_determine_struct          'FOURIER SYNTHESIS' 
_refine.pdbx_stereochemistry_target_values       'MAXIMUM LIKELIHOOD' 
_refine.pdbx_stereochem_target_val_spec_case     ? 
_refine.overall_FOM_work_R_set                   ? 
_refine.B_iso_max                                120.970 
_refine.B_iso_min                                23.050 
_refine.pdbx_overall_phase_error                 ? 
_refine.occupancy_max                            ? 
_refine.occupancy_min                            ? 
_refine.pdbx_diffrn_id                           1 
_refine.pdbx_TLS_residual_ADP_flag               ? 
_refine.pdbx_ls_sigma_I                          ? 
_refine.pdbx_data_cutoff_high_rms_absF           ? 
_refine.ls_R_factor_R_free_error_details         ? 
# 
_refine_hist.cycle_id                         final 
_refine_hist.pdbx_refine_id                   'X-RAY DIFFRACTION' 
_refine_hist.d_res_high                       1.9600 
_refine_hist.d_res_low                        109.4200 
_refine_hist.pdbx_number_atoms_ligand         44 
_refine_hist.number_atoms_solvent             156 
_refine_hist.number_atoms_total               1667 
_refine_hist.pdbx_number_residues_total       186 
_refine_hist.pdbx_B_iso_mean_ligand           58.58 
_refine_hist.pdbx_B_iso_mean_solvent          51.46 
_refine_hist.pdbx_number_atoms_protein        1467 
_refine_hist.pdbx_number_atoms_nucleic_acid   0 
# 
loop_
_refine_ls_restr.pdbx_refine_id 
_refine_ls_restr.type 
_refine_ls_restr.number 
_refine_ls_restr.dev_ideal 
_refine_ls_restr.dev_ideal_target 
_refine_ls_restr.weight 
_refine_ls_restr.pdbx_restraint_function 
'X-RAY DIFFRACTION' r_bond_refined_d       1543 0.015  0.019  ? ? 
'X-RAY DIFFRACTION' r_bond_other_d         1453 0.002  0.020  ? ? 
'X-RAY DIFFRACTION' r_angle_refined_deg    2093 1.742  1.992  ? ? 
'X-RAY DIFFRACTION' r_angle_other_deg      3366 0.970  2.989  ? ? 
'X-RAY DIFFRACTION' r_dihedral_angle_1_deg 184  6.128  5.000  ? ? 
'X-RAY DIFFRACTION' r_dihedral_angle_2_deg 66   31.689 24.242 ? ? 
'X-RAY DIFFRACTION' r_dihedral_angle_3_deg 252  15.280 15.000 ? ? 
'X-RAY DIFFRACTION' r_dihedral_angle_4_deg 8    17.405 15.000 ? ? 
'X-RAY DIFFRACTION' r_chiral_restr         237  0.105  0.200  ? ? 
'X-RAY DIFFRACTION' r_gen_planes_refined   1698 0.008  0.021  ? ? 
'X-RAY DIFFRACTION' r_gen_planes_other     296  0.001  0.020  ? ? 
'X-RAY DIFFRACTION' r_mcbond_it            744  3.218  3.846  ? ? 
'X-RAY DIFFRACTION' r_mcbond_other         741  3.131  3.832  ? ? 
'X-RAY DIFFRACTION' r_mcangle_it           924  4.369  5.708  ? ? 
# 
_refine_ls_shell.d_res_high                       1.9600 
_refine_ls_shell.d_res_low                        2.0110 
_refine_ls_shell.pdbx_total_number_of_bins_used   20 
_refine_ls_shell.percent_reflns_obs               99.7000 
_refine_ls_shell.number_reflns_R_work             1950 
_refine_ls_shell.R_factor_all                     ? 
_refine_ls_shell.R_factor_R_work                  0.3320 
_refine_ls_shell.R_factor_R_free                  0.3210 
_refine_ls_shell.percent_reflns_R_free            ? 
_refine_ls_shell.number_reflns_R_free             74 
_refine_ls_shell.R_factor_R_free_error            ? 
_refine_ls_shell.number_reflns_all                2024 
_refine_ls_shell.number_reflns_obs                ? 
_refine_ls_shell.pdbx_refine_id                   'X-RAY DIFFRACTION' 
# 
_struct.entry_id                  5QGR 
_struct.title                     
;PanDDA analysis group deposition of models with modelled events (e.g. bound ligands) -- Crystal Structure of NUDT7 in complex with FMOPL000022a
;
_struct.pdbx_model_details        ? 
_struct.pdbx_CASP_flag            ? 
_struct.pdbx_model_type_details   ? 
# 
_struct_keywords.entry_id        5QGR 
_struct_keywords.text            'PanDDA, SGC - Diamond I04-1 fragment screening, NUDIX domain, XChemExplorer, HYDROLASE' 
_struct_keywords.pdbx_keywords   HYDROLASE 
# 
loop_
_struct_asym.id 
_struct_asym.pdbx_blank_PDB_chainid_flag 
_struct_asym.pdbx_modified 
_struct_asym.entity_id 
_struct_asym.details 
A N N 1 ? 
B N N 2 ? 
C N N 2 ? 
D N N 3 ? 
E N N 3 ? 
F N N 4 ? 
G N N 4 ? 
H N N 5 ? 
# 
loop_
_struct_conf.conf_type_id 
_struct_conf.id 
_struct_conf.pdbx_PDB_helix_id 
_struct_conf.beg_label_comp_id 
_struct_conf.beg_label_asym_id 
_struct_conf.beg_label_seq_id 
_struct_conf.pdbx_beg_PDB_ins_code 
_struct_conf.end_label_comp_id 
_struct_conf.end_label_asym_id 
_struct_conf.end_label_seq_id 
_struct_conf.pdbx_end_PDB_ins_code 
_struct_conf.beg_auth_comp_id 
_struct_conf.beg_auth_asym_id 
_struct_conf.beg_auth_seq_id 
_struct_conf.end_auth_comp_id 
_struct_conf.end_auth_asym_id 
_struct_conf.end_auth_seq_id 
_struct_conf.pdbx_PDB_helix_class 
_struct_conf.details 
_struct_conf.pdbx_PDB_helix_length 
HELX_P HELX_P1 AA1 SER A 1   ? LYS A 12  ? SER A 15  LYS A 26  1 ? 12 
HELX_P HELX_P2 AA2 ASP A 71  ? GLY A 85  ? ASP A 85  GLY A 99  1 ? 15 
HELX_P HELX_P3 AA3 ARG A 87  ? HIS A 89  ? ARG A 101 HIS A 103 5 ? 3  
HELX_P HELX_P4 AA4 ALA A 137 ? HIS A 141 ? ALA A 151 HIS A 155 5 ? 5  
HELX_P HELX_P5 AA5 LYS A 176 ? GLU A 192 ? LYS A 190 GLU A 206 1 ? 17 
# 
_struct_conf_type.id          HELX_P 
_struct_conf_type.criteria    ? 
_struct_conf_type.reference   ? 
# 
loop_
_struct_conn.id 
_struct_conn.conn_type_id 
_struct_conn.pdbx_leaving_atom_flag 
_struct_conn.pdbx_PDB_id 
_struct_conn.ptnr1_label_asym_id 
_struct_conn.ptnr1_label_comp_id 
_struct_conn.ptnr1_label_seq_id 
_struct_conn.ptnr1_label_atom_id 
_struct_conn.pdbx_ptnr1_label_alt_id 
_struct_conn.pdbx_ptnr1_PDB_ins_code 
_struct_conn.pdbx_ptnr1_standard_comp_id 
_struct_conn.ptnr1_symmetry 
_struct_conn.ptnr2_label_asym_id 
_struct_conn.ptnr2_label_comp_id 
_struct_conn.ptnr2_label_seq_id 
_struct_conn.ptnr2_label_atom_id 
_struct_conn.pdbx_ptnr2_label_alt_id 
_struct_conn.pdbx_ptnr2_PDB_ins_code 
_struct_conn.ptnr1_auth_asym_id 
_struct_conn.ptnr1_auth_comp_id 
_struct_conn.ptnr1_auth_seq_id 
_struct_conn.ptnr2_auth_asym_id 
_struct_conn.ptnr2_auth_comp_id 
_struct_conn.ptnr2_auth_seq_id 
_struct_conn.ptnr2_symmetry 
_struct_conn.pdbx_ptnr3_label_atom_id 
_struct_conn.pdbx_ptnr3_label_seq_id 
_struct_conn.pdbx_ptnr3_label_comp_id 
_struct_conn.pdbx_ptnr3_label_asym_id 
_struct_conn.pdbx_ptnr3_label_alt_id 
_struct_conn.pdbx_ptnr3_PDB_ins_code 
_struct_conn.details 
_struct_conn.pdbx_dist_value 
_struct_conn.pdbx_value_order 
_struct_conn.pdbx_role 
covale1 covale both ? A ARG 87 C ? ? ? 1_555 A HYP 88 N ? ? A ARG 101 A HYP 102 1_555 ? ? ? ? ? ? ? 1.345 ? ? 
covale2 covale both ? A HYP 88 C ? ? ? 1_555 A HIS 89 N ? ? A HYP 102 A HIS 103 1_555 ? ? ? ? ? ? ? 1.331 ? ? 
covale3 covale both ? A VAL 94 C ? ? ? 1_555 A CSO 95 N ? ? A VAL 108 A CSO 109 1_555 ? ? ? ? ? ? ? 1.337 ? ? 
covale4 covale both ? A CSO 95 C ? ? ? 1_555 A CYS 96 N ? ? A CSO 109 A CYS 110 1_555 ? ? ? ? ? ? ? 1.313 ? ? 
# 
_struct_conn_type.id          covale 
_struct_conn_type.criteria    ? 
_struct_conn_type.reference   ? 
# 
loop_
_struct_sheet.id 
_struct_sheet.type 
_struct_sheet.number_strands 
_struct_sheet.details 
AA1 ? 4 ? 
AA2 ? 4 ? 
AA3 ? 3 ? 
AA4 ? 3 ? 
# 
loop_
_struct_sheet_order.sheet_id 
_struct_sheet_order.range_id_1 
_struct_sheet_order.range_id_2 
_struct_sheet_order.offset 
_struct_sheet_order.sense 
AA1 1 2 ? anti-parallel 
AA1 2 3 ? parallel      
AA1 3 4 ? anti-parallel 
AA2 1 2 ? anti-parallel 
AA2 2 3 ? parallel      
AA2 3 4 ? anti-parallel 
AA3 1 2 ? anti-parallel 
AA3 2 3 ? anti-parallel 
AA4 1 2 ? anti-parallel 
AA4 2 3 ? anti-parallel 
# 
loop_
_struct_sheet_range.sheet_id 
_struct_sheet_range.id 
_struct_sheet_range.beg_label_comp_id 
_struct_sheet_range.beg_label_asym_id 
_struct_sheet_range.beg_label_seq_id 
_struct_sheet_range.pdbx_beg_PDB_ins_code 
_struct_sheet_range.end_label_comp_id 
_struct_sheet_range.end_label_asym_id 
_struct_sheet_range.end_label_seq_id 
_struct_sheet_range.pdbx_end_PDB_ins_code 
_struct_sheet_range.beg_auth_comp_id 
_struct_sheet_range.beg_auth_asym_id 
_struct_sheet_range.beg_auth_seq_id 
_struct_sheet_range.end_auth_comp_id 
_struct_sheet_range.end_auth_asym_id 
_struct_sheet_range.end_auth_seq_id 
AA1 1 VAL A 91  ? CYS A 96  ? VAL A 105 CYS A 110 
AA1 2 THR A 106 ? ILE A 115 ? THR A 120 ILE A 129 
AA1 3 ASN A 25  ? LYS A 36  ? ASN A 39  LYS A 50  
AA1 4 LYS A 39  ? ARG A 47  ? LYS A 53  ARG A 61  
AA2 1 CYS A 100 ? ILE A 102 ? CYS A 114 ILE A 116 
AA2 2 THR A 106 ? ILE A 115 ? THR A 120 ILE A 129 
AA2 3 ASN A 25  ? LYS A 36  ? ASN A 39  LYS A 50  
AA2 4 GLY A 62  ? LYS A 64  ? GLY A 76  LYS A 78  
AA3 1 VAL A 128 ? PRO A 135 ? VAL A 142 PRO A 149 
AA3 2 LYS A 39  ? ARG A 47  ? LYS A 53  ARG A 61  
AA3 3 VAL A 58  ? CYS A 59  ? VAL A 72  CYS A 73  
AA4 1 VAL A 144 ? ASP A 146 ? VAL A 158 ASP A 160 
AA4 2 HIS A 160 ? THR A 165 ? HIS A 174 THR A 179 
AA4 3 THR A 172 ? ILE A 175 ? THR A 186 ILE A 189 
# 
loop_
_pdbx_struct_sheet_hbond.sheet_id 
_pdbx_struct_sheet_hbond.range_id_1 
_pdbx_struct_sheet_hbond.range_id_2 
_pdbx_struct_sheet_hbond.range_1_label_atom_id 
_pdbx_struct_sheet_hbond.range_1_label_comp_id 
_pdbx_struct_sheet_hbond.range_1_label_asym_id 
_pdbx_struct_sheet_hbond.range_1_label_seq_id 
_pdbx_struct_sheet_hbond.range_1_PDB_ins_code 
_pdbx_struct_sheet_hbond.range_1_auth_atom_id 
_pdbx_struct_sheet_hbond.range_1_auth_comp_id 
_pdbx_struct_sheet_hbond.range_1_auth_asym_id 
_pdbx_struct_sheet_hbond.range_1_auth_seq_id 
_pdbx_struct_sheet_hbond.range_2_label_atom_id 
_pdbx_struct_sheet_hbond.range_2_label_comp_id 
_pdbx_struct_sheet_hbond.range_2_label_asym_id 
_pdbx_struct_sheet_hbond.range_2_label_seq_id 
_pdbx_struct_sheet_hbond.range_2_PDB_ins_code 
_pdbx_struct_sheet_hbond.range_2_auth_atom_id 
_pdbx_struct_sheet_hbond.range_2_auth_comp_id 
_pdbx_struct_sheet_hbond.range_2_auth_asym_id 
_pdbx_struct_sheet_hbond.range_2_auth_seq_id 
AA1 1 2 N VAL A 94  ? N VAL A 108 O VAL A 112 ? O VAL A 126 
AA1 2 3 O PHE A 111 ? O PHE A 125 N LEU A 31  ? N LEU A 45  
AA1 3 4 N LYS A 36  ? N LYS A 50  O LYS A 39  ? O LYS A 53  
AA2 1 2 N CYS A 100 ? N CYS A 114 O ILE A 108 ? O ILE A 122 
AA2 2 3 O PHE A 111 ? O PHE A 125 N LEU A 31  ? N LEU A 45  
AA2 3 4 N SER A 28  ? N SER A 42  O GLY A 63  ? O GLY A 77  
AA3 1 2 O PHE A 132 ? O PHE A 146 N PHE A 44  ? N PHE A 58  
AA3 2 3 N THR A 45  ? N THR A 59  O CYS A 59  ? O CYS A 73  
AA4 1 2 N HIS A 145 ? N HIS A 159 O ILE A 161 ? O ILE A 175 
AA4 2 3 N PHE A 162 ? N PHE A 176 O ILE A 175 ? O ILE A 189 
# 
loop_
_struct_site.id 
_struct_site.pdbx_evidence_code 
_struct_site.pdbx_auth_asym_id 
_struct_site.pdbx_auth_comp_id 
_struct_site.pdbx_auth_seq_id 
_struct_site.pdbx_auth_ins_code 
_struct_site.pdbx_num_residues 
_struct_site.details 
AC1 Software A ACT 301 ? 5 'binding site for residue ACT A 301' 
AC2 Software A ACT 302 ? 3 'binding site for residue ACT A 302' 
AC3 Software A DMS 303 ? 6 'binding site for residue DMS A 303' 
AC4 Software A DMS 304 ? 4 'binding site for residue DMS A 304' 
AC5 Software A H0J 305 ? 5 'binding site for residue H0J A 305' 
AC6 Software A H0J 306 ? 4 'binding site for residue H0J A 306' 
# 
loop_
_struct_site_gen.id 
_struct_site_gen.site_id 
_struct_site_gen.pdbx_num_res 
_struct_site_gen.label_comp_id 
_struct_site_gen.label_asym_id 
_struct_site_gen.label_seq_id 
_struct_site_gen.pdbx_auth_ins_code 
_struct_site_gen.auth_comp_id 
_struct_site_gen.auth_asym_id 
_struct_site_gen.auth_seq_id 
_struct_site_gen.label_atom_id 
_struct_site_gen.label_alt_id 
_struct_site_gen.symmetry 
_struct_site_gen.details 
1  AC1 5 GLY A 56  ? GLY A 70  . ? 1_555 ? 
2  AC1 5 VAL A 58  ? VAL A 72  . ? 1_555 ? 
3  AC1 5 TYR A 173 ? TYR A 187 . ? 1_555 ? 
4  AC1 5 GLN A 174 ? GLN A 188 . ? 1_555 ? 
5  AC1 5 HOH H .   ? HOH A 477 . ? 1_555 ? 
6  AC2 3 HYP A 88  ? HYP A 102 . ? 1_555 ? 
7  AC2 3 HIS A 89  ? HIS A 103 . ? 1_555 ? 
8  AC2 3 VAL A 91  ? VAL A 105 . ? 1_555 ? 
9  AC3 6 GLY A 85  ? GLY A 99  . ? 1_555 ? 
10 AC3 6 ARG A 87  ? ARG A 101 . ? 1_555 ? 
11 AC3 6 GLN A 90  ? GLN A 104 . ? 1_555 ? 
12 AC3 6 PHE A 119 ? PHE A 133 . ? 1_555 ? 
13 AC3 6 GLN A 120 ? GLN A 134 . ? 1_555 ? 
14 AC3 6 GLN A 122 ? GLN A 136 . ? 1_555 ? 
15 AC4 4 ASP A 116 ? ASP A 130 . ? 1_555 ? 
16 AC4 4 HIS A 117 ? HIS A 131 . ? 1_555 ? 
17 AC4 4 ASP A 130 ? ASP A 144 . ? 2_545 ? 
18 AC4 4 TYR A 173 ? TYR A 187 . ? 2_545 ? 
19 AC5 5 TYR A 27  ? TYR A 41  . ? 1_555 ? 
20 AC5 5 VAL A 29  ? VAL A 43  . ? 1_555 ? 
21 AC5 5 PHE A 60  ? PHE A 74  . ? 1_555 ? 
22 AC5 5 ILE A 102 ? ILE A 116 . ? 1_555 ? 
23 AC5 5 H0J G .   ? H0J A 306 . ? 1_555 ? 
24 AC6 4 ARG A 47  ? ARG A 61  . ? 1_555 ? 
25 AC6 4 ARG A 53  ? ARG A 67  . ? 1_555 ? 
26 AC6 4 H0J F .   ? H0J A 305 . ? 1_555 ? 
27 AC6 4 HOH H .   ? HOH A 533 . ? 1_555 ? 
# 
_atom_sites.entry_id                    5QGR 
_atom_sites.fract_transf_matrix[1][1]   -0.00881642 
_atom_sites.fract_transf_matrix[1][2]   -0.00239088 
_atom_sites.fract_transf_matrix[1][3]   -0.00027814 
_atom_sites.fract_transf_matrix[2][1]   -0.00643656 
_atom_sites.fract_transf_matrix[2][2]   0.00597654 
_atom_sites.fract_transf_matrix[2][3]   0.00252448 
_atom_sites.fract_transf_matrix[3][1]   -0.00145233 
_atom_sites.fract_transf_matrix[3][2]   0.00798555 
_atom_sites.fract_transf_matrix[3][3]   -0.02260819 
_atom_sites.fract_transf_vector[1]      0.137302 
_atom_sites.fract_transf_vector[2]      -0.433365 
_atom_sites.fract_transf_vector[3]      1.980443 
# 
loop_
_atom_type.symbol 
C 
N 
O 
S 
# 
loop_
_atom_site.group_PDB 
_atom_site.id 
_atom_site.type_symbol 
_atom_site.label_atom_id 
_atom_site.label_alt_id 
_atom_site.label_comp_id 
_atom_site.label_asym_id 
_atom_site.label_entity_id 
_atom_site.label_seq_id 
_atom_site.pdbx_PDB_ins_code 
_atom_site.Cartn_x 
_atom_site.Cartn_y 
_atom_site.Cartn_z 
_atom_site.occupancy 
_atom_site.B_iso_or_equiv 
_atom_site.pdbx_formal_charge 
_atom_site.auth_seq_id 
_atom_site.auth_comp_id 
_atom_site.auth_asym_id 
_atom_site.auth_atom_id 
_atom_site.pdbx_PDB_model_num 
ATOM   1    N N   . SER A 1 1   ? -3.249  -14.411 -17.854 1.00 59.55  ? 15  SER A N   1 
ATOM   2    C CA  . SER A 1 1   ? -4.351  -13.519 -17.393 1.00 59.27  ? 15  SER A CA  1 
ATOM   3    C C   . SER A 1 1   ? -3.773  -12.237 -16.760 1.00 60.48  ? 15  SER A C   1 
ATOM   4    O O   . SER A 1 1   ? -2.559  -12.138 -16.572 1.00 59.44  ? 15  SER A O   1 
ATOM   5    C CB  . SER A 1 1   ? -5.258  -14.272 -16.409 1.00 58.61  ? 15  SER A CB  1 
ATOM   6    O OG  . SER A 1 1   ? -4.581  -14.563 -15.183 1.00 53.51  ? 15  SER A OG  1 
ATOM   7    N N   . MET A 1 2   ? -4.646  -11.271 -16.477 1.00 55.56  ? 16  MET A N   1 
ATOM   8    C CA  . MET A 1 2   ? -4.285  -10.007 -15.814 1.00 58.46  ? 16  MET A CA  1 
ATOM   9    C C   . MET A 1 2   ? -3.580  -10.229 -14.461 1.00 59.32  ? 16  MET A C   1 
ATOM   10   O O   . MET A 1 2   ? -2.637  -9.500  -14.125 1.00 53.37  ? 16  MET A O   1 
ATOM   11   C CB  . MET A 1 2   ? -5.529  -9.125  -15.640 1.00 55.93  ? 16  MET A CB  1 
ATOM   12   C CG  . MET A 1 2   ? -5.429  -7.972  -14.650 1.00 61.39  ? 16  MET A CG  1 
ATOM   13   S SD  . MET A 1 2   ? -6.965  -7.002  -14.652 1.00 70.03  ? 16  MET A SD  1 
ATOM   14   C CE  . MET A 1 2   ? -8.103  -8.154  -13.892 1.00 58.83  ? 16  MET A CE  1 
ATOM   15   N N   . LEU A 1 3   ? -4.002  -11.229 -13.700 1.00 52.63  ? 17  LEU A N   1 
ATOM   16   C CA  . LEU A 1 3   ? -3.450  -11.364 -12.358 1.00 57.27  ? 17  LEU A CA  1 
ATOM   17   C C   . LEU A 1 3   ? -2.136  -12.138 -12.369 1.00 55.58  ? 17  LEU A C   1 
ATOM   18   O O   . LEU A 1 3   ? -1.216  -11.826 -11.613 1.00 55.14  ? 17  LEU A O   1 
ATOM   19   C CB  . LEU A 1 3   ? -4.454  -12.015 -11.441 1.00 53.56  ? 17  LEU A CB  1 
ATOM   20   C CG  . LEU A 1 3   ? -5.542  -11.027 -11.024 1.00 58.68  ? 17  LEU A CG  1 
ATOM   21   C CD1 . LEU A 1 3   ? -6.765  -11.802 -10.524 1.00 55.81  ? 17  LEU A CD1 1 
ATOM   22   C CD2 . LEU A 1 3   ? -5.026  -10.060 -9.966  1.00 59.57  ? 17  LEU A CD2 1 
ATOM   23   N N   . ASP A 1 4   ? -2.074  -13.139 -13.231 1.00 53.08  ? 18  ASP A N   1 
ATOM   24   C CA  . ASP A 1 4   ? -0.869  -13.913 -13.430 1.00 56.95  ? 18  ASP A CA  1 
ATOM   25   C C   . ASP A 1 4   ? 0.249   -13.055 -13.983 1.00 55.70  ? 18  ASP A C   1 
ATOM   26   O O   . ASP A 1 4   ? 1.405   -13.228 -13.607 1.00 54.41  ? 18  ASP A O   1 
ATOM   27   C CB  . ASP A 1 4   ? -1.145  -15.102 -14.365 1.00 60.67  ? 18  ASP A CB  1 
ATOM   28   C CG  . ASP A 1 4   ? -1.911  -16.227 -13.666 1.00 68.42  ? 18  ASP A CG  1 
ATOM   29   O OD1 . ASP A 1 4   ? -2.434  -16.012 -12.543 1.00 66.60  ? 18  ASP A OD1 1 
ATOM   30   O OD2 . ASP A 1 4   ? -1.966  -17.341 -14.233 1.00 73.77  ? 18  ASP A OD2 1 
ATOM   31   N N   . ASP A 1 5   ? -0.115  -12.144 -14.877 1.00 53.94  ? 19  ASP A N   1 
ATOM   32   C CA  . ASP A 1 5   ? 0.801   -11.193 -15.454 1.00 56.41  ? 19  ASP A CA  1 
ATOM   33   C C   . ASP A 1 5   ? 1.350   -10.184 -14.424 1.00 47.91  ? 19  ASP A C   1 
ATOM   34   O O   . ASP A 1 5   ? 2.551   -9.917  -14.424 1.00 45.75  ? 19  ASP A O   1 
ATOM   35   C CB  . ASP A 1 5   ? 0.124   -10.483 -16.622 1.00 62.92  ? 19  ASP A CB  1 
ATOM   36   C CG  . ASP A 1 5   ? -0.036  -11.390 -17.849 1.00 68.94  ? 19  ASP A CG  1 
ATOM   37   O OD1 . ASP A 1 5   ? 0.514   -12.515 -17.860 1.00 79.69  ? 19  ASP A OD1 1 
ATOM   38   O OD2 . ASP A 1 5   ? -0.728  -10.984 -18.805 1.00 78.74  ? 19  ASP A OD2 1 
ATOM   39   N N   . ALA A 1 6   ? 0.498   -9.718  -13.524 1.00 39.96  ? 20  ALA A N   1 
ATOM   40   C CA  . ALA A 1 6   ? 0.920   -8.811  -12.476 1.00 38.32  ? 20  ALA A CA  1 
ATOM   41   C C   . ALA A 1 6   ? 1.930   -9.431  -11.546 1.00 39.38  ? 20  ALA A C   1 
ATOM   42   O O   . ALA A 1 6   ? 2.934   -8.798  -11.224 1.00 31.13  ? 20  ALA A O   1 
ATOM   43   C CB  . ALA A 1 6   ? -0.243  -8.332  -11.678 1.00 36.14  ? 20  ALA A CB  1 
ATOM   44   N N   . LYS A 1 7   ? 1.656   -10.650 -11.108 1.00 37.43  ? 21  LYS A N   1 
ATOM   45   C CA  . LYS A 1 7   ? 2.573   -11.373 -10.231 1.00 40.62  ? 21  LYS A CA  1 
ATOM   46   C C   . LYS A 1 7   ? 3.939   -11.681 -10.870 1.00 38.79  ? 21  LYS A C   1 
ATOM   47   O O   . LYS A 1 7   ? 4.974   -11.616 -10.210 1.00 35.45  ? 21  LYS A O   1 
ATOM   48   C CB  . LYS A 1 7   ? 1.985   -12.714 -9.812  1.00 44.78  ? 21  LYS A CB  1 
ATOM   49   C CG  . LYS A 1 7   ? 0.819   -12.630 -8.891  1.00 51.54  ? 21  LYS A CG  1 
ATOM   50   C CD  . LYS A 1 7   ? 0.260   -14.029 -8.592  1.00 62.15  ? 21  LYS A CD  1 
ATOM   51   C CE  . LYS A 1 7   ? -1.026  -14.330 -9.351  1.00 63.72  ? 21  LYS A CE  1 
ATOM   52   N NZ  . LYS A 1 7   ? -1.814  -15.353 -8.604  1.00 69.99  ? 21  LYS A NZ  1 
ATOM   53   N N   . ALA A 1 8   ? 3.940   -12.061 -12.135 1.00 37.17  ? 22  ALA A N   1 
ATOM   54   C CA  . ALA A 1 8   ? 5.197   -12.410 -12.794 1.00 39.96  ? 22  ALA A CA  1 
ATOM   55   C C   . ALA A 1 8   ? 6.111   -11.146 -12.912 1.00 36.39  ? 22  ALA A C   1 
ATOM   56   O O   . ALA A 1 8   ? 7.313   -11.222 -12.712 1.00 37.13  ? 22  ALA A O   1 
ATOM   57   C CB  . ALA A 1 8   ? 4.928   -13.052 -14.156 1.00 40.78  ? 22  ALA A CB  1 
ATOM   58   N N   . ARG A 1 9   ? 5.501   -10.016 -13.238 1.00 32.76  ? 23  ARG A N   1 
ATOM   59   C CA  . ARG A 1 9   ? 6.169   -8.710  -13.258 1.00 33.84  ? 23  ARG A CA  1 
ATOM   60   C C   . ARG A 1 9   ? 6.700   -8.363  -11.866 1.00 34.62  ? 23  ARG A C   1 
ATOM   61   O O   . ARG A 1 9   ? 7.860   -8.037  -11.730 1.00 33.11  ? 23  ARG A O   1 
ATOM   62   C CB  . ARG A 1 9   ? 5.214   -7.594  -13.657 1.00 36.35  ? 23  ARG A CB  1 
ATOM   63   C CG  . ARG A 1 9   ? 4.709   -7.594  -15.086 1.00 40.62  ? 23  ARG A CG  1 
ATOM   64   C CD  . ARG A 1 9   ? 5.744   -7.075  -16.036 1.00 47.71  ? 23  ARG A CD  1 
ATOM   65   N NE  . ARG A 1 9   ? 5.162   -6.749  -17.365 1.00 51.73  ? 23  ARG A NE  1 
ATOM   66   C CZ  . ARG A 1 9   ? 4.846   -5.531  -17.821 1.00 51.42  ? 23  ARG A CZ  1 
ATOM   67   N NH1 . ARG A 1 9   ? 5.016   -4.443  -17.082 1.00 44.07  ? 23  ARG A NH1 1 
ATOM   68   N NH2 . ARG A 1 9   ? 4.355   -5.399  -19.061 1.00 52.13  ? 23  ARG A NH2 1 
ATOM   69   N N   . LEU A 1 10  ? 5.821   -8.390  -10.856 1.00 31.02  ? 24  LEU A N   1 
ATOM   70   C CA  . LEU A 1 10  ? 6.208   -8.054  -9.472  1.00 30.11  ? 24  LEU A CA  1 
ATOM   71   C C   . LEU A 1 10  ? 7.374   -8.893  -8.956  1.00 30.46  ? 24  LEU A C   1 
ATOM   72   O O   . LEU A 1 10  ? 8.227   -8.383  -8.228  1.00 32.66  ? 24  LEU A O   1 
ATOM   73   C CB  . LEU A 1 10  ? 5.023   -8.198  -8.524  1.00 29.57  ? 24  LEU A CB  1 
ATOM   74   C CG  . LEU A 1 10  ? 3.895   -7.138  -8.623  1.00 30.22  ? 24  LEU A CG  1 
ATOM   75   C CD1 . LEU A 1 10  ? 2.595   -7.587  -7.941  1.00 30.69  ? 24  LEU A CD1 1 
ATOM   76   C CD2 . LEU A 1 10  ? 4.390   -5.819  -8.046  1.00 29.82  ? 24  LEU A CD2 1 
ATOM   77   N N   . ARG A 1 11  ? 7.388   -10.172 -9.276  1.00 31.61  ? 25  ARG A N   1 
ATOM   78   C CA  . ARG A 1 11  ? 8.468   -11.060 -8.784  1.00 35.20  ? 25  ARG A CA  1 
ATOM   79   C C   . ARG A 1 11  ? 9.853   -10.668 -9.234  1.00 37.41  ? 25  ARG A C   1 
ATOM   80   O O   . ARG A 1 11  ? 10.793  -10.917 -8.515  1.00 38.53  ? 25  ARG A O   1 
ATOM   81   C CB  . ARG A 1 11  ? 8.206   -12.515 -9.141  1.00 39.89  ? 25  ARG A CB  1 
ATOM   82   C CG  . ARG A 1 11  ? 7.117   -13.103 -8.252  1.00 45.46  ? 25  ARG A CG  1 
ATOM   83   C CD  . ARG A 1 11  ? 6.697   -14.494 -8.710  1.00 51.57  ? 25  ARG A CD  1 
ATOM   84   N NE  . ARG A 1 11  ? 5.418   -14.884 -8.095  1.00 57.33  ? 25  ARG A NE  1 
ATOM   85   C CZ  . ARG A 1 11  ? 4.357   -15.415 -8.732  1.00 67.11  ? 25  ARG A CZ  1 
ATOM   86   N NH1 . ARG A 1 11  ? 4.380   -15.673 -10.067 1.00 65.81  ? 25  ARG A NH1 1 
ATOM   87   N NH2 . ARG A 1 11  ? 3.252   -15.702 -8.019  1.00 63.10  ? 25  ARG A NH2 1 
ATOM   88   N N   . LYS A 1 12  ? 9.988   -10.046 -10.405 1.00 36.89  ? 26  LYS A N   1 
ATOM   89   C CA  . LYS A 1 12  ? 11.288  -9.619  -10.879 1.00 42.12  ? 26  LYS A CA  1 
ATOM   90   C C   . LYS A 1 12  ? 11.904  -8.471  -10.064 1.00 39.91  ? 26  LYS A C   1 
ATOM   91   O O   . LYS A 1 12  ? 13.055  -8.173  -10.272 1.00 37.88  ? 26  LYS A O   1 
ATOM   92   C CB  . LYS A 1 12  ? 11.203  -9.178  -12.344 1.00 47.68  ? 26  LYS A CB  1 
ATOM   93   C CG  . LYS A 1 12  ? 10.785  -10.262 -13.340 1.00 51.35  ? 26  LYS A CG  1 
ATOM   94   C CD  . LYS A 1 12  ? 10.629  -9.629  -14.721 1.00 61.10  ? 26  LYS A CD  1 
ATOM   95   C CE  . LYS A 1 12  ? 9.814   -10.473 -15.682 1.00 69.02  ? 26  LYS A CE  1 
ATOM   96   N NZ  . LYS A 1 12  ? 10.510  -11.757 -15.956 1.00 73.26  ? 26  LYS A NZ  1 
ATOM   97   N N   . TYR A 1 13  ? 11.142  -7.796  -9.185  1.00 34.66  ? 27  TYR A N   1 
ATOM   98   C CA  . TYR A 1 13  ? 11.664  -6.718  -8.385  1.00 27.31  ? 27  TYR A CA  1 
ATOM   99   C C   . TYR A 1 13  ? 11.763  -7.080  -6.895  1.00 27.70  ? 27  TYR A C   1 
ATOM   100  O O   . TYR A 1 13  ? 12.093  -6.216  -6.082  1.00 29.14  ? 27  TYR A O   1 
ATOM   101  C CB  . TYR A 1 13  ? 10.818  -5.441  -8.586  1.00 28.68  ? 27  TYR A CB  1 
ATOM   102  C CG  . TYR A 1 13  ? 10.729  -4.963  -10.010 1.00 29.07  ? 27  TYR A CG  1 
ATOM   103  C CD1 . TYR A 1 13  ? 9.850   -5.570  -10.904 1.00 29.88  ? 27  TYR A CD1 1 
ATOM   104  C CD2 . TYR A 1 13  ? 11.521  -3.896  -10.483 1.00 31.30  ? 27  TYR A CD2 1 
ATOM   105  C CE1 . TYR A 1 13  ? 9.761   -5.136  -12.245 1.00 30.16  ? 27  TYR A CE1 1 
ATOM   106  C CE2 . TYR A 1 13  ? 11.439  -3.455  -11.829 1.00 32.65  ? 27  TYR A CE2 1 
ATOM   107  C CZ  . TYR A 1 13  ? 10.575  -4.100  -12.702 1.00 32.74  ? 27  TYR A CZ  1 
ATOM   108  O OH  . TYR A 1 13  ? 10.434  -3.678  -14.024 1.00 34.85  ? 27  TYR A OH  1 
ATOM   109  N N   . ASP A 1 14  ? 11.499  -8.338  -6.561  1.00 28.45  ? 28  ASP A N   1 
ATOM   110  C CA  . ASP A 1 14  ? 11.519  -8.836  -5.178  1.00 32.54  ? 28  ASP A CA  1 
ATOM   111  C C   . ASP A 1 14  ? 12.955  -8.764  -4.710  1.00 40.48  ? 28  ASP A C   1 
ATOM   112  O O   . ASP A 1 14  ? 13.828  -9.337  -5.362  1.00 36.81  ? 28  ASP A O   1 
ATOM   113  C CB  . ASP A 1 14  ? 11.095  -10.281 -5.157  1.00 33.38  ? 28  ASP A CB  1 
ATOM   114  C CG  . ASP A 1 14  ? 10.888  -10.853 -3.751  1.00 40.88  ? 28  ASP A CG  1 
ATOM   115  O OD1 . ASP A 1 14  ? 10.765  -10.141 -2.748  1.00 40.80  ? 28  ASP A OD1 1 
ATOM   116  O OD2 . ASP A 1 14  ? 10.752  -12.080 -3.689  1.00 52.13  ? 28  ASP A OD2 1 
ATOM   117  N N   . ILE A 1 15  ? 13.206  -8.043  -3.630  1.00 40.35  ? 29  ILE A N   1 
ATOM   118  C CA  . ILE A 1 15  ? 14.555  -8.029  -3.097  1.00 48.38  ? 29  ILE A CA  1 
ATOM   119  C C   . ILE A 1 15  ? 14.856  -9.159  -2.081  1.00 47.52  ? 29  ILE A C   1 
ATOM   120  O O   . ILE A 1 15  ? 15.996  -9.334  -1.717  1.00 51.63  ? 29  ILE A O   1 
ATOM   121  C CB  . ILE A 1 15  ? 14.977  -6.627  -2.596  1.00 50.50  ? 29  ILE A CB  1 
ATOM   122  C CG1 . ILE A 1 15  ? 14.574  -6.369  -1.166  1.00 52.85  ? 29  ILE A CG1 1 
ATOM   123  C CG2 . ILE A 1 15  ? 14.472  -5.513  -3.524  1.00 54.13  ? 29  ILE A CG2 1 
ATOM   124  C CD1 . ILE A 1 15  ? 15.629  -5.546  -0.468  1.00 56.60  ? 29  ILE A CD1 1 
ATOM   125  N N   . GLY A 1 16  ? 13.849  -9.908  -1.649  1.00 47.65  ? 30  GLY A N   1 
ATOM   126  C CA  . GLY A 1 16  ? 14.010  -10.937 -0.609  1.00 50.98  ? 30  GLY A CA  1 
ATOM   127  C C   . GLY A 1 16  ? 14.195  -10.444 0.839   1.00 51.97  ? 30  GLY A C   1 
ATOM   128  O O   . GLY A 1 16  ? 13.740  -9.345  1.237   1.00 50.88  ? 30  GLY A O   1 
ATOM   129  N N   . GLY A 1 17  ? 14.839  -11.288 1.642   1.00 49.81  ? 31  GLY A N   1 
ATOM   130  C CA  . GLY A 1 17  ? 15.173  -10.956 3.029   1.00 48.74  ? 31  GLY A CA  1 
ATOM   131  C C   . GLY A 1 17  ? 16.517  -10.269 3.263   1.00 44.38  ? 31  GLY A C   1 
ATOM   132  O O   . GLY A 1 17  ? 16.879  -9.989  4.397   1.00 37.04  ? 31  GLY A O   1 
ATOM   133  N N   . LYS A 1 18  ? 17.241  -9.990  2.179   1.00 51.70  ? 32  LYS A N   1 
ATOM   134  C CA  . LYS A 1 18  ? 18.533  -9.272  2.186   1.00 48.31  ? 32  LYS A CA  1 
ATOM   135  C C   . LYS A 1 18  ? 18.758  -8.244  3.290   1.00 41.21  ? 32  LYS A C   1 
ATOM   136  O O   . LYS A 1 18  ? 19.721  -8.355  4.043   1.00 45.37  ? 32  LYS A O   1 
ATOM   137  C CB  . LYS A 1 18  ? 18.650  -8.542  0.847   1.00 53.30  ? 32  LYS A CB  1 
ATOM   138  C CG  . LYS A 1 18  ? 18.998  -9.421  -0.336  1.00 48.47  ? 32  LYS A CG  1 
ATOM   139  C CD  . LYS A 1 18  ? 19.956  -8.665  -1.257  1.00 53.67  ? 32  LYS A CD  1 
ATOM   140  C CE  . LYS A 1 18  ? 20.653  -9.616  -2.189  1.00 59.56  ? 32  LYS A CE  1 
ATOM   141  N NZ  . LYS A 1 18  ? 20.273  -9.358  -3.593  1.00 65.08  ? 32  LYS A NZ  1 
ATOM   142  N N   . TYR A 1 19  ? 17.850  -7.271  3.392   1.00 39.35  ? 33  TYR A N   1 
ATOM   143  C CA  . TYR A 1 19  ? 17.964  -6.131  4.334   1.00 37.54  ? 33  TYR A CA  1 
ATOM   144  C C   . TYR A 1 19  ? 17.224  -6.319  5.704   1.00 38.93  ? 33  TYR A C   1 
ATOM   145  O O   . TYR A 1 19  ? 17.344  -5.468  6.624   1.00 34.45  ? 33  TYR A O   1 
ATOM   146  C CB  . TYR A 1 19  ? 17.504  -4.831  3.635   1.00 34.98  ? 33  TYR A CB  1 
ATOM   147  C CG  . TYR A 1 19  ? 18.477  -4.316  2.553   1.00 31.81  ? 33  TYR A CG  1 
ATOM   148  C CD1 . TYR A 1 19  ? 18.681  -5.015  1.356   1.00 35.14  ? 33  TYR A CD1 1 
ATOM   149  C CD2 . TYR A 1 19  ? 19.225  -3.151  2.737   1.00 33.02  ? 33  TYR A CD2 1 
ATOM   150  C CE1 . TYR A 1 19  ? 19.578  -4.557  0.364   1.00 31.53  ? 33  TYR A CE1 1 
ATOM   151  C CE2 . TYR A 1 19  ? 20.100  -2.683  1.735   1.00 31.23  ? 33  TYR A CE2 1 
ATOM   152  C CZ  . TYR A 1 19  ? 20.294  -3.380  0.578   1.00 30.37  ? 33  TYR A CZ  1 
ATOM   153  O OH  . TYR A 1 19  ? 21.173  -2.891  -0.418  1.00 31.42  ? 33  TYR A OH  1 
ATOM   154  N N   . SER A 1 20  ? 16.552  -7.459  5.870   1.00 36.14  ? 34  SER A N   1 
ATOM   155  C CA  . SER A 1 20  ? 15.580  -7.630  6.975   1.00 37.66  ? 34  SER A CA  1 
ATOM   156  C C   . SER A 1 20  ? 16.189  -7.868  8.365   1.00 38.41  ? 34  SER A C   1 
ATOM   157  O O   . SER A 1 20  ? 15.486  -7.721  9.386   1.00 41.77  ? 34  SER A O   1 
ATOM   158  C CB  . SER A 1 20  ? 14.706  -8.814  6.655   1.00 43.70  ? 34  SER A CB  1 
ATOM   159  O OG  . SER A 1 20  ? 15.509  -9.986  6.770   1.00 48.16  ? 34  SER A OG  1 
ATOM   160  N N   . HIS A 1 21  ? 17.456  -8.256  8.407   1.00 37.04  ? 35  HIS A N   1 
ATOM   161  C CA  . HIS A 1 21  ? 18.153  -8.546  9.680   1.00 45.68  ? 35  HIS A CA  1 
ATOM   162  C C   . HIS A 1 21  ? 18.908  -7.336  10.258  1.00 42.29  ? 35  HIS A C   1 
ATOM   163  O O   . HIS A 1 21  ? 19.336  -7.371  11.417  1.00 41.14  ? 35  HIS A O   1 
ATOM   164  C CB  . HIS A 1 21  ? 19.122  -9.716  9.504   1.00 51.48  ? 35  HIS A CB  1 
ATOM   165  C CG  . HIS A 1 21  ? 20.545  -9.290  9.294   1.00 68.67  ? 35  HIS A CG  1 
ATOM   166  N ND1 . HIS A 1 21  ? 20.996  -8.729  8.115   1.00 68.92  ? 35  HIS A ND1 1 
ATOM   167  C CD2 . HIS A 1 21  ? 21.617  -9.323  10.128  1.00 78.75  ? 35  HIS A CD2 1 
ATOM   168  C CE1 . HIS A 1 21  ? 22.279  -8.443  8.227   1.00 71.12  ? 35  HIS A CE1 1 
ATOM   169  N NE2 . HIS A 1 21  ? 22.683  -8.796  9.437   1.00 81.33  ? 35  HIS A NE2 1 
ATOM   170  N N   . LEU A 1 22  ? 19.080  -6.274  9.461   1.00 36.06  ? 36  LEU A N   1 
ATOM   171  C CA  . LEU A 1 22  ? 19.827  -5.097  9.901   1.00 34.36  ? 36  LEU A CA  1 
ATOM   172  C C   . LEU A 1 22  ? 19.196  -4.466  11.122  1.00 37.87  ? 36  LEU A C   1 
ATOM   173  O O   . LEU A 1 22  ? 17.980  -4.530  11.280  1.00 36.18  ? 36  LEU A O   1 
ATOM   174  C CB  . LEU A 1 22  ? 19.925  -4.043  8.778   1.00 34.18  ? 36  LEU A CB  1 
ATOM   175  C CG  . LEU A 1 22  ? 20.773  -4.488  7.590   1.00 34.68  ? 36  LEU A CG  1 
ATOM   176  C CD1 . LEU A 1 22  ? 20.502  -3.617  6.375   1.00 35.88  ? 36  LEU A CD1 1 
ATOM   177  C CD2 . LEU A 1 22  ? 22.235  -4.500  7.932   1.00 37.39  ? 36  LEU A CD2 1 
ATOM   178  N N   . PRO A 1 23  ? 20.013  -3.804  11.980  1.00 39.37  ? 37  PRO A N   1 
ATOM   179  C CA  . PRO A 1 23  ? 19.534  -3.379  13.318  1.00 39.01  ? 37  PRO A CA  1 
ATOM   180  C C   . PRO A 1 23  ? 18.811  -2.023  13.386  1.00 37.12  ? 37  PRO A C   1 
ATOM   181  O O   . PRO A 1 23  ? 19.211  -1.084  14.088  1.00 40.04  ? 37  PRO A O   1 
ATOM   182  C CB  . PRO A 1 23  ? 20.834  -3.408  14.155  1.00 39.69  ? 37  PRO A CB  1 
ATOM   183  C CG  . PRO A 1 23  ? 21.894  -3.030  13.179  1.00 38.25  ? 37  PRO A CG  1 
ATOM   184  C CD  . PRO A 1 23  ? 21.476  -3.627  11.847  1.00 38.29  ? 37  PRO A CD  1 
ATOM   185  N N   . TYR A 1 24  ? 17.720  -1.925  12.644  1.00 35.23  ? 38  TYR A N   1 
ATOM   186  C CA  . TYR A 1 24  ? 16.898  -0.726  12.614  1.00 30.78  ? 38  TYR A CA  1 
ATOM   187  C C   . TYR A 1 24  ? 15.665  -0.836  13.521  1.00 28.92  ? 38  TYR A C   1 
ATOM   188  O O   . TYR A 1 24  ? 15.287  -1.938  13.892  1.00 28.34  ? 38  TYR A O   1 
ATOM   189  C CB  . TYR A 1 24  ? 16.449  -0.542  11.164  1.00 30.73  ? 38  TYR A CB  1 
ATOM   190  C CG  . TYR A 1 24  ? 17.544  -0.043  10.243  1.00 28.71  ? 38  TYR A CG  1 
ATOM   191  C CD1 . TYR A 1 24  ? 17.881  1.295   10.244  1.00 31.52  ? 38  TYR A CD1 1 
ATOM   192  C CD2 . TYR A 1 24  ? 18.180  -0.874  9.352   1.00 30.28  ? 38  TYR A CD2 1 
ATOM   193  C CE1 . TYR A 1 24  ? 18.844  1.810   9.380   1.00 32.89  ? 38  TYR A CE1 1 
ATOM   194  C CE2 . TYR A 1 24  ? 19.170  -0.384  8.471   1.00 31.84  ? 38  TYR A CE2 1 
ATOM   195  C CZ  . TYR A 1 24  ? 19.519  0.955   8.511   1.00 29.85  ? 38  TYR A CZ  1 
ATOM   196  O OH  . TYR A 1 24  ? 20.462  1.487   7.654   1.00 34.33  ? 38  TYR A OH  1 
ATOM   197  N N   . ASN A 1 25  ? 15.056  0.300   13.854  1.00 25.47  ? 39  ASN A N   1 
ATOM   198  C CA  . ASN A 1 25  ? 13.611  0.354   14.206  1.00 31.53  ? 39  ASN A CA  1 
ATOM   199  C C   . ASN A 1 25  ? 12.804  -0.024  12.949  1.00 30.95  ? 39  ASN A C   1 
ATOM   200  O O   . ASN A 1 25  ? 12.978  0.619   11.877  1.00 28.47  ? 39  ASN A O   1 
ATOM   201  C CB  . ASN A 1 25  ? 13.194  1.751   14.593  1.00 31.92  ? 39  ASN A CB  1 
ATOM   202  C CG  . ASN A 1 25  ? 13.838  2.207   15.874  1.00 39.84  ? 39  ASN A CG  1 
ATOM   203  O OD1 . ASN A 1 25  ? 13.869  1.473   16.861  1.00 42.52  ? 39  ASN A OD1 1 
ATOM   204  N ND2 . ASN A 1 25  ? 14.371  3.414   15.864  1.00 39.07  ? 39  ASN A ND2 1 
ATOM   205  N N   . LYS A 1 26  ? 11.959  -1.038  13.067  1.00 29.83  ? 40  LYS A N   1 
ATOM   206  C CA  . LYS A 1 26  ? 11.344  -1.692  11.904  1.00 32.13  ? 40  LYS A CA  1 
ATOM   207  C C   . LYS A 1 26  ? 9.834   -1.571  11.775  1.00 32.87  ? 40  LYS A C   1 
ATOM   208  O O   . LYS A 1 26  ? 9.093   -1.825  12.732  1.00 27.81  ? 40  LYS A O   1 
ATOM   209  C CB  . LYS A 1 26  ? 11.723  -3.156  11.900  1.00 31.88  ? 40  LYS A CB  1 
ATOM   210  C CG  . LYS A 1 26  ? 13.205  -3.336  11.551  1.00 33.11  ? 40  LYS A CG  1 
ATOM   211  C CD  . LYS A 1 26  ? 13.694  -4.743  11.731  1.00 33.54  ? 40  LYS A CD  1 
ATOM   212  C CE  . LYS A 1 26  ? 13.116  -5.696  10.712  1.00 35.40  ? 40  LYS A CE  1 
ATOM   213  N NZ  . LYS A 1 26  ? 13.298  -5.310  9.277   1.00 33.29  ? 40  LYS A NZ  1 
ATOM   214  N N   . TYR A 1 27  ? 9.400   -1.154  10.578  1.00 30.41  ? 41  TYR A N   1 
ATOM   215  C CA  . TYR A 1 27  ? 7.978   -1.068  10.210  1.00 33.04  ? 41  TYR A CA  1 
ATOM   216  C C   . TYR A 1 27  ? 7.782   -1.766  8.881   1.00 33.91  ? 41  TYR A C   1 
ATOM   217  O O   . TYR A 1 27  ? 8.711   -1.753  8.044   1.00 31.46  ? 41  TYR A O   1 
ATOM   218  C CB  . TYR A 1 27  ? 7.512   0.380   10.059  1.00 34.14  ? 41  TYR A CB  1 
ATOM   219  C CG  . TYR A 1 27  ? 7.624   1.203   11.299  1.00 34.68  ? 41  TYR A CG  1 
ATOM   220  C CD1 . TYR A 1 27  ? 8.898   1.609   11.810  1.00 37.39  ? 41  TYR A CD1 1 
ATOM   221  C CD2 . TYR A 1 27  ? 6.479   1.590   11.999  1.00 33.56  ? 41  TYR A CD2 1 
ATOM   222  C CE1 . TYR A 1 27  ? 9.002   2.363   12.977  1.00 35.28  ? 41  TYR A CE1 1 
ATOM   223  C CE2 . TYR A 1 27  ? 6.560   2.343   13.161  1.00 34.89  ? 41  TYR A CE2 1 
ATOM   224  C CZ  . TYR A 1 27  ? 7.804   2.735   13.647  1.00 40.98  ? 41  TYR A CZ  1 
ATOM   225  O OH  . TYR A 1 27  ? 7.834   3.498   14.800  1.00 41.30  ? 41  TYR A OH  1 
ATOM   226  N N   . SER A 1 28  ? 6.580   -2.364  8.692   1.00 31.99  ? 42  SER A N   1 
ATOM   227  C CA  . SER A 1 28  ? 6.124   -2.893  7.408   1.00 25.96  ? 42  SER A CA  1 
ATOM   228  C C   . SER A 1 28  ? 4.805   -2.260  6.935   1.00 26.24  ? 42  SER A C   1 
ATOM   229  O O   . SER A 1 28  ? 3.958   -1.859  7.774   1.00 25.69  ? 42  SER A O   1 
ATOM   230  C CB  . SER A 1 28  ? 5.906   -4.401  7.459   1.00 30.57  ? 42  SER A CB  1 
ATOM   231  O OG  . SER A 1 28  ? 7.059   -5.150  7.816   1.00 30.72  ? 42  SER A OG  1 
ATOM   232  N N   . VAL A 1 29  ? 4.644   -2.173  5.594   1.00 23.95  ? 43  VAL A N   1 
ATOM   233  C CA  . VAL A 1 29  ? 3.421   -1.748  4.966   1.00 23.05  ? 43  VAL A CA  1 
ATOM   234  C C   . VAL A 1 29  ? 2.981   -2.768  3.920   1.00 26.02  ? 43  VAL A C   1 
ATOM   235  O O   . VAL A 1 29  ? 3.825   -3.498  3.334   1.00 24.99  ? 43  VAL A O   1 
ATOM   236  C CB  . VAL A 1 29  ? 3.437   -0.369  4.322   1.00 28.63  ? 43  VAL A CB  1 
ATOM   237  C CG1 . VAL A 1 29  ? 3.656   0.712   5.341   1.00 31.21  ? 43  VAL A CG1 1 
ATOM   238  C CG2 . VAL A 1 29  ? 4.430   -0.267  3.193   1.00 27.22  ? 43  VAL A CG2 1 
ATOM   239  N N   . LEU A 1 30  ? 1.647   -2.888  3.767   1.00 25.70  ? 44  LEU A N   1 
ATOM   240  C CA  . LEU A 1 30  ? 1.028   -3.725  2.735   1.00 27.25  ? 44  LEU A CA  1 
ATOM   241  C C   . LEU A 1 30  ? 0.447   -2.844  1.643   1.00 26.72  ? 44  LEU A C   1 
ATOM   242  O O   . LEU A 1 30  ? -0.284  -1.954  1.940   1.00 26.03  ? 44  LEU A O   1 
ATOM   243  C CB  . LEU A 1 30  ? -0.071  -4.580  3.330   1.00 28.83  ? 44  LEU A CB  1 
ATOM   244  C CG  . LEU A 1 30  ? -0.708  -5.574  2.358   1.00 28.48  ? 44  LEU A CG  1 
ATOM   245  C CD1 . LEU A 1 30  ? 0.274   -6.680  2.005   1.00 31.38  ? 44  LEU A CD1 1 
ATOM   246  C CD2 . LEU A 1 30  ? -2.024  -6.119  2.895   1.00 32.79  ? 44  LEU A CD2 1 
ATOM   247  N N   . LEU A 1 31  ? 0.824   -3.103  0.402   1.00 26.52  ? 45  LEU A N   1 
ATOM   248  C CA  . LEU A 1 31  ? 0.305   -2.439  -0.789  1.00 27.91  ? 45  LEU A CA  1 
ATOM   249  C C   . LEU A 1 31  ? -0.787  -3.377  -1.408  1.00 26.29  ? 45  LEU A C   1 
ATOM   250  O O   . LEU A 1 31  ? -0.460  -4.369  -2.093  1.00 26.15  ? 45  LEU A O   1 
ATOM   251  C CB  . LEU A 1 31  ? 1.447   -2.213  -1.786  1.00 31.38  ? 45  LEU A CB  1 
ATOM   252  C CG  . LEU A 1 31  ? 2.420   -1.012  -1.573  1.00 34.80  ? 45  LEU A CG  1 
ATOM   253  C CD1 . LEU A 1 31  ? 2.760   -0.640  -0.158  1.00 32.66  ? 45  LEU A CD1 1 
ATOM   254  C CD2 . LEU A 1 31  ? 3.732   -1.348  -2.263  1.00 41.98  ? 45  LEU A CD2 1 
ATOM   255  N N   . PRO A 1 32  ? -2.058  -3.138  -1.082  1.00 24.12  ? 46  PRO A N   1 
ATOM   256  C CA  . PRO A 1 32  ? -3.080  -4.175  -1.377  1.00 26.11  ? 46  PRO A CA  1 
ATOM   257  C C   . PRO A 1 32  ? -3.671  -3.982  -2.784  1.00 24.98  ? 46  PRO A C   1 
ATOM   258  O O   . PRO A 1 32  ? -4.236  -2.959  -3.027  1.00 26.11  ? 46  PRO A O   1 
ATOM   259  C CB  . PRO A 1 32  ? -4.130  -3.940  -0.275  1.00 27.13  ? 46  PRO A CB  1 
ATOM   260  C CG  . PRO A 1 32  ? -3.550  -2.882  0.640   1.00 27.49  ? 46  PRO A CG  1 
ATOM   261  C CD  . PRO A 1 32  ? -2.652  -2.067  -0.275  1.00 25.64  ? 46  PRO A CD  1 
ATOM   262  N N   . LEU A 1 33  ? -3.478  -4.932  -3.677  1.00 27.03  ? 47  LEU A N   1 
ATOM   263  C CA  . LEU A 1 33  ? -3.940  -4.820  -5.067  1.00 29.61  ? 47  LEU A CA  1 
ATOM   264  C C   . LEU A 1 33  ? -5.278  -5.551  -5.171  1.00 28.96  ? 47  LEU A C   1 
ATOM   265  O O   . LEU A 1 33  ? -5.361  -6.700  -4.777  1.00 26.96  ? 47  LEU A O   1 
ATOM   266  C CB  . LEU A 1 33  ? -3.016  -5.521  -6.057  1.00 30.94  ? 47  LEU A CB  1 
ATOM   267  C CG  . LEU A 1 33  ? -1.797  -4.826  -6.637  1.00 35.62  ? 47  LEU A CG  1 
ATOM   268  C CD1 . LEU A 1 33  ? -1.068  -5.831  -7.515  1.00 36.60  ? 47  LEU A CD1 1 
ATOM   269  C CD2 . LEU A 1 33  ? -2.129  -3.572  -7.451  1.00 34.51  ? 47  LEU A CD2 1 
ATOM   270  N N   . VAL A 1 34  ? -6.259  -4.880  -5.741  1.00 26.21  ? 48  VAL A N   1 
ATOM   271  C CA  . VAL A 1 34  ? -7.647  -5.350  -5.832  1.00 30.16  ? 48  VAL A CA  1 
ATOM   272  C C   . VAL A 1 34  ? -8.056  -5.303  -7.312  1.00 30.39  ? 48  VAL A C   1 
ATOM   273  O O   . VAL A 1 34  ? -7.878  -4.254  -7.929  1.00 30.74  ? 48  VAL A O   1 
ATOM   274  C CB  . VAL A 1 34  ? -8.545  -4.401  -5.040  1.00 31.17  ? 48  VAL A CB  1 
ATOM   275  C CG1 . VAL A 1 34  ? -10.026 -4.710  -5.233  1.00 35.58  ? 48  VAL A CG1 1 
ATOM   276  C CG2 . VAL A 1 34  ? -8.180  -4.429  -3.545  1.00 36.43  ? 48  VAL A CG2 1 
ATOM   277  N N   . ALA A 1 35  ? -8.619  -6.397  -7.847  1.00 29.90  ? 49  ALA A N   1 
ATOM   278  C CA  . ALA A 1 35  ? -9.190  -6.410  -9.231  1.00 33.51  ? 49  ALA A CA  1 
ATOM   279  C C   . ALA A 1 35  ? -10.676 -6.016  -9.209  1.00 38.44  ? 49  ALA A C   1 
ATOM   280  O O   . ALA A 1 35  ? -11.415 -6.549  -8.425  1.00 38.37  ? 49  ALA A O   1 
ATOM   281  C CB  . ALA A 1 35  ? -9.023  -7.774  -9.828  1.00 38.30  ? 49  ALA A CB  1 
ATOM   282  N N   . LYS A 1 36  ? -11.109 -5.073  -10.035 1.00 41.27  ? 50  LYS A N   1 
ATOM   283  C CA  . LYS A 1 36  ? -12.481 -4.561  -9.987  1.00 46.61  ? 50  LYS A CA  1 
ATOM   284  C C   . LYS A 1 36  ? -12.803 -4.030  -11.384 1.00 47.65  ? 50  LYS A C   1 
ATOM   285  O O   . LYS A 1 36  ? -12.056 -3.211  -11.932 1.00 41.08  ? 50  LYS A O   1 
ATOM   286  C CB  . LYS A 1 36  ? -12.565 -3.478  -8.901  1.00 52.59  ? 50  LYS A CB  1 
ATOM   287  C CG  . LYS A 1 36  ? -13.925 -2.968  -8.479  1.00 60.78  ? 50  LYS A CG  1 
ATOM   288  C CD  . LYS A 1 36  ? -14.496 -1.995  -9.511  1.00 73.91  ? 50  LYS A CD  1 
ATOM   289  C CE  . LYS A 1 36  ? -15.333 -0.880  -8.887  1.00 79.51  ? 50  LYS A CE  1 
ATOM   290  N NZ  . LYS A 1 36  ? -16.494 -1.426  -8.131  1.00 82.39  ? 50  LYS A NZ  1 
ATOM   291  N N   . GLU A 1 37  ? -13.871 -4.554  -11.990 1.00 44.59  ? 51  GLU A N   1 
ATOM   292  C CA  . GLU A 1 37  ? -14.374 -4.047  -13.257 1.00 44.29  ? 51  GLU A CA  1 
ATOM   293  C C   . GLU A 1 37  ? -13.352 -4.191  -14.339 1.00 38.24  ? 51  GLU A C   1 
ATOM   294  O O   . GLU A 1 37  ? -13.177 -3.301  -15.154 1.00 41.28  ? 51  GLU A O   1 
ATOM   295  C CB  . GLU A 1 37  ? -14.832 -2.574  -13.118 1.00 52.52  ? 51  GLU A CB  1 
ATOM   296  C CG  . GLU A 1 37  ? -16.273 -2.414  -12.663 1.00 63.40  ? 51  GLU A CG  1 
ATOM   297  C CD  . GLU A 1 37  ? -16.650 -0.968  -12.401 1.00 77.02  ? 51  GLU A CD  1 
ATOM   298  O OE1 . GLU A 1 37  ? -17.647 -0.749  -11.681 1.00 94.22  ? 51  GLU A OE1 1 
ATOM   299  O OE2 . GLU A 1 37  ? -15.967 -0.048  -12.910 1.00 85.43  ? 51  GLU A OE2 1 
ATOM   300  N N   . GLY A 1 38  ? -12.642 -5.312  -14.338 1.00 36.22  ? 52  GLY A N   1 
ATOM   301  C CA  . GLY A 1 38  ? -11.625 -5.576  -15.315 1.00 35.19  ? 52  GLY A CA  1 
ATOM   302  C C   . GLY A 1 38  ? -10.248 -4.882  -15.128 1.00 44.25  ? 52  GLY A C   1 
ATOM   303  O O   . GLY A 1 38  ? -9.370  -5.067  -15.981 1.00 42.52  ? 52  GLY A O   1 
ATOM   304  N N   . LYS A 1 39  ? -10.032 -4.111  -14.049 1.00 36.18  ? 53  LYS A N   1 
ATOM   305  C CA  . LYS A 1 39  ? -8.783  -3.365  -13.852 1.00 39.21  ? 53  LYS A CA  1 
ATOM   306  C C   . LYS A 1 39  ? -8.235  -3.508  -12.415 1.00 35.20  ? 53  LYS A C   1 
ATOM   307  O O   . LYS A 1 39  ? -8.985  -3.817  -11.468 1.00 34.46  ? 53  LYS A O   1 
ATOM   308  C CB  . LYS A 1 39  ? -9.046  -1.895  -14.070 1.00 42.02  ? 53  LYS A CB  1 
ATOM   309  C CG  . LYS A 1 39  ? -9.519  -1.518  -15.476 1.00 50.54  ? 53  LYS A CG  1 
ATOM   310  C CD  . LYS A 1 39  ? -10.082 -0.085  -15.554 1.00 61.29  ? 53  LYS A CD  1 
ATOM   311  C CE  . LYS A 1 39  ? -10.447 0.547   -14.189 1.00 65.84  ? 53  LYS A CE  1 
ATOM   312  N NZ  . LYS A 1 39  ? -10.859 1.982   -14.232 1.00 67.18  ? 53  LYS A NZ  1 
ATOM   313  N N   . LEU A 1 40  ? -6.943  -3.282  -12.260 1.00 31.90  ? 54  LEU A N   1 
ATOM   314  C CA  . LEU A 1 40  ? -6.281  -3.362  -10.910 1.00 29.77  ? 54  LEU A CA  1 
ATOM   315  C C   . LEU A 1 40  ? -6.395  -1.995  -10.239 1.00 27.82  ? 54  LEU A C   1 
ATOM   316  O O   . LEU A 1 40  ? -6.424  -0.934  -10.930 1.00 26.87  ? 54  LEU A O   1 
ATOM   317  C CB  . LEU A 1 40  ? -4.804  -3.802  -11.059 1.00 32.45  ? 54  LEU A CB  1 
ATOM   318  C CG  . LEU A 1 40  ? -4.530  -5.194  -11.615 1.00 36.34  ? 54  LEU A CG  1 
ATOM   319  C CD1 . LEU A 1 40  ? -3.083  -5.304  -12.045 1.00 39.88  ? 54  LEU A CD1 1 
ATOM   320  C CD2 . LEU A 1 40  ? -4.884  -6.277  -10.589 1.00 38.18  ? 54  LEU A CD2 1 
ATOM   321  N N   . HIS A 1 41  ? -6.554  -2.022  -8.914  1.00 25.75  ? 55  HIS A N   1 
ATOM   322  C CA  . HIS A 1 41  ? -6.692  -0.838  -8.088  1.00 26.73  ? 55  HIS A CA  1 
ATOM   323  C C   . HIS A 1 41  ? -5.751  -1.046  -6.868  1.00 25.99  ? 55  HIS A C   1 
ATOM   324  O O   . HIS A 1 41  ? -5.449  -2.175  -6.513  1.00 28.48  ? 55  HIS A O   1 
ATOM   325  C CB  . HIS A 1 41  ? -8.127  -0.677  -7.545  1.00 28.39  ? 55  HIS A CB  1 
ATOM   326  C CG  . HIS A 1 41  ? -9.160  -0.454  -8.606  1.00 29.92  ? 55  HIS A CG  1 
ATOM   327  N ND1 . HIS A 1 41  ? -9.498  -1.421  -9.536  1.00 36.71  ? 55  HIS A ND1 1 
ATOM   328  C CD2 . HIS A 1 41  ? -9.933  0.623   -8.883  1.00 33.30  ? 55  HIS A CD2 1 
ATOM   329  C CE1 . HIS A 1 41  ? -10.403 -0.926  -10.367 1.00 34.22  ? 55  HIS A CE1 1 
ATOM   330  N NE2 . HIS A 1 41  ? -10.699 0.303   -9.981  1.00 35.85  ? 55  HIS A NE2 1 
ATOM   331  N N   . LEU A 1 42  ? -5.324  0.049   -6.256  1.00 25.68  ? 56  LEU A N   1 
ATOM   332  C CA  . LEU A 1 42  ? -4.713  0.000   -4.907  1.00 25.12  ? 56  LEU A CA  1 
ATOM   333  C C   . LEU A 1 42  ? -5.707  0.457   -3.845  1.00 25.51  ? 56  LEU A C   1 
ATOM   334  O O   . LEU A 1 42  ? -6.421  1.443   -4.036  1.00 27.56  ? 56  LEU A O   1 
ATOM   335  C CB  . LEU A 1 42  ? -3.458  0.892   -4.893  1.00 25.83  ? 56  LEU A CB  1 
ATOM   336  C CG  . LEU A 1 42  ? -2.202  0.293   -5.539  1.00 26.50  ? 56  LEU A CG  1 
ATOM   337  C CD1 . LEU A 1 42  ? -1.131  1.348   -5.850  1.00 28.05  ? 56  LEU A CD1 1 
ATOM   338  C CD2 . LEU A 1 42  ? -1.566  -0.756  -4.636  1.00 27.26  ? 56  LEU A CD2 1 
ATOM   339  N N   . LEU A 1 43  ? -5.675  -0.202  -2.699  1.00 27.16  ? 57  LEU A N   1 
ATOM   340  C CA  . LEU A 1 43  ? -6.419  0.175   -1.507  1.00 29.20  ? 57  LEU A CA  1 
ATOM   341  C C   . LEU A 1 43  ? -5.575  1.035   -0.538  1.00 29.57  ? 57  LEU A C   1 
ATOM   342  O O   . LEU A 1 43  ? -4.491  0.591   -0.091  1.00 25.77  ? 57  LEU A O   1 
ATOM   343  C CB  . LEU A 1 43  ? -6.827  -1.116  -0.767  1.00 32.30  ? 57  LEU A CB  1 
ATOM   344  C CG  . LEU A 1 43  ? -7.752  -0.938  0.463   1.00 36.33  ? 57  LEU A CG  1 
ATOM   345  C CD1 . LEU A 1 43  ? -8.606  -2.188  0.724   1.00 39.20  ? 57  LEU A CD1 1 
ATOM   346  C CD2 . LEU A 1 43  ? -6.986  -0.631  1.726   1.00 38.00  ? 57  LEU A CD2 1 
ATOM   347  N N   . PHE A 1 44  ? -6.140  2.184   -0.158  1.00 27.87  ? 58  PHE A N   1 
ATOM   348  C CA  . PHE A 1 44  ? -5.577  3.124   0.782   1.00 28.20  ? 58  PHE A CA  1 
ATOM   349  C C   . PHE A 1 44  ? -6.480  3.333   2.022   1.00 32.96  ? 58  PHE A C   1 
ATOM   350  O O   . PHE A 1 44  ? -7.708  3.102   1.977   1.00 33.05  ? 58  PHE A O   1 
ATOM   351  C CB  . PHE A 1 44  ? -5.445  4.466   0.083   1.00 28.82  ? 58  PHE A CB  1 
ATOM   352  C CG  . PHE A 1 44  ? -4.522  4.468   -1.124  1.00 30.19  ? 58  PHE A CG  1 
ATOM   353  C CD1 . PHE A 1 44  ? -5.006  4.127   -2.395  1.00 28.52  ? 58  PHE A CD1 1 
ATOM   354  C CD2 . PHE A 1 44  ? -3.154  4.820   -0.992  1.00 28.91  ? 58  PHE A CD2 1 
ATOM   355  C CE1 . PHE A 1 44  ? -4.183  4.176   -3.498  1.00 30.72  ? 58  PHE A CE1 1 
ATOM   356  C CE2 . PHE A 1 44  ? -2.333  4.861   -2.106  1.00 28.07  ? 58  PHE A CE2 1 
ATOM   357  C CZ  . PHE A 1 44  ? -2.837  4.548   -3.361  1.00 28.36  ? 58  PHE A CZ  1 
ATOM   358  N N   . THR A 1 45  ? -5.870  3.803   3.118   1.00 34.88  ? 59  THR A N   1 
ATOM   359  C CA  . THR A 1 45  ? -6.589  4.238   4.323   1.00 31.95  ? 59  THR A CA  1 
ATOM   360  C C   . THR A 1 45  ? -6.387  5.738   4.564   1.00 33.47  ? 59  THR A C   1 
ATOM   361  O O   . THR A 1 45  ? -5.405  6.322   4.086   1.00 31.79  ? 59  THR A O   1 
ATOM   362  C CB  . THR A 1 45  ? -6.147  3.493   5.572   1.00 31.09  ? 59  THR A CB  1 
ATOM   363  O OG1 . THR A 1 45  ? -4.836  3.888   5.936   1.00 34.68  ? 59  THR A OG1 1 
ATOM   364  C CG2 . THR A 1 45  ? -6.148  2.014   5.381   1.00 32.74  ? 59  THR A CG2 1 
ATOM   365  N N   . VAL A 1 46  ? -7.350  6.348   5.269   1.00 31.69  ? 60  VAL A N   1 
ATOM   366  C CA  . VAL A 1 46  ? -7.195  7.638   5.841   1.00 33.46  ? 60  VAL A CA  1 
ATOM   367  C C   . VAL A 1 46  ? -7.081  7.365   7.333   1.00 33.74  ? 60  VAL A C   1 
ATOM   368  O O   . VAL A 1 46  ? -7.951  6.747   7.935   1.00 34.38  ? 60  VAL A O   1 
ATOM   369  C CB  . VAL A 1 46  ? -8.359  8.592   5.513   1.00 36.74  ? 60  VAL A CB  1 
ATOM   370  C CG1 . VAL A 1 46  ? -8.148  9.969   6.171   1.00 38.25  ? 60  VAL A CG1 1 
ATOM   371  C CG2 . VAL A 1 46  ? -8.479  8.757   4.014   1.00 35.25  ? 60  VAL A CG2 1 
ATOM   372  N N   . ARG A 1 47  ? -5.976  7.777   7.910   1.00 33.94  ? 61  ARG A N   1 
ATOM   373  C CA  . ARG A 1 47  ? -5.748  7.536   9.338   1.00 37.59  ? 61  ARG A CA  1 
ATOM   374  C C   . ARG A 1 47  ? -6.717  8.369   10.205  1.00 37.04  ? 61  ARG A C   1 
ATOM   375  O O   . ARG A 1 47  ? -7.129  9.481   9.838   1.00 40.11  ? 61  ARG A O   1 
ATOM   376  C CB  . ARG A 1 47  ? -4.286  7.856   9.708   1.00 39.10  ? 61  ARG A CB  1 
ATOM   377  C CG  . ARG A 1 47  ? -3.243  6.934   9.052   1.00 39.65  ? 61  ARG A CG  1 
ATOM   378  C CD  . ARG A 1 47  ? -1.824  7.500   9.184   1.00 43.96  ? 61  ARG A CD  1 
ATOM   379  N NE  . ARG A 1 47  ? -1.370  7.582   10.576  1.00 44.15  ? 61  ARG A NE  1 
ATOM   380  C CZ  . ARG A 1 47  ? -0.927  6.553   11.304  1.00 47.83  ? 61  ARG A CZ  1 
ATOM   381  N NH1 . ARG A 1 47  ? -0.861  5.328   10.798  1.00 51.46  ? 61  ARG A NH1 1 
ATOM   382  N NH2 . ARG A 1 47  ? -0.540  6.744   12.560  1.00 51.34  ? 61  ARG A NH2 1 
ATOM   383  N N   . SER A 1 48  ? -7.082  7.813   11.349  1.00 37.51  ? 62  SER A N   1 
ATOM   384  C CA  . SER A 1 48  ? -7.982  8.499   12.263  1.00 42.88  ? 62  SER A CA  1 
ATOM   385  C C   . SER A 1 48  ? -7.428  9.863   12.720  1.00 46.92  ? 62  SER A C   1 
ATOM   386  O O   . SER A 1 48  ? -6.232  9.990   12.971  1.00 48.06  ? 62  SER A O   1 
ATOM   387  C CB  . SER A 1 48  ? -8.252  7.647   13.502  1.00 43.76  ? 62  SER A CB  1 
ATOM   388  O OG  . SER A 1 48  ? -8.558  8.530   14.559  1.00 48.23  ? 62  SER A OG  1 
ATOM   389  N N   . GLU A 1 49  ? -8.306  10.860  12.846  1.00 51.88  ? 63  GLU A N   1 
ATOM   390  C CA  . GLU A 1 49  ? -7.917  12.204  13.349  1.00 54.80  ? 63  GLU A CA  1 
ATOM   391  C C   . GLU A 1 49  ? -7.354  12.224  14.788  1.00 53.88  ? 63  GLU A C   1 
ATOM   392  O O   . GLU A 1 49  ? -6.765  13.216  15.182  1.00 57.80  ? 63  GLU A O   1 
ATOM   393  C CB  . GLU A 1 49  ? -9.107  13.172  13.317  1.00 58.31  ? 63  GLU A CB  1 
ATOM   394  C CG  . GLU A 1 49  ? -9.721  13.466  11.955  1.00 60.74  ? 63  GLU A CG  1 
ATOM   395  C CD  . GLU A 1 49  ? -8.750  14.105  10.990  1.00 70.53  ? 63  GLU A CD  1 
ATOM   396  O OE1 . GLU A 1 49  ? -7.713  14.661  11.433  1.00 77.50  ? 63  GLU A OE1 1 
ATOM   397  O OE2 . GLU A 1 49  ? -9.025  14.059  9.770   1.00 68.49  ? 63  GLU A OE2 1 
ATOM   398  N N   . LYS A 1 50  ? -7.532  11.144  15.552  1.00 55.18  ? 64  LYS A N   1 
ATOM   399  C CA  . LYS A 1 50  ? -7.117  11.060  16.956  1.00 62.48  ? 64  LYS A CA  1 
ATOM   400  C C   . LYS A 1 50  ? -5.784  10.343  17.194  1.00 62.19  ? 64  LYS A C   1 
ATOM   401  O O   . LYS A 1 50  ? -5.367  10.183  18.340  1.00 66.98  ? 64  LYS A O   1 
ATOM   402  C CB  . LYS A 1 50  ? -8.235  10.369  17.763  1.00 69.31  ? 64  LYS A CB  1 
ATOM   403  C CG  . LYS A 1 50  ? -9.471  11.258  17.964  1.00 75.74  ? 64  LYS A CG  1 
ATOM   404  C CD  . LYS A 1 50  ? -10.629 10.555  18.671  1.00 84.24  ? 64  LYS A CD  1 
ATOM   405  C CE  . LYS A 1 50  ? -10.235 9.903   20.001  1.00 92.65  ? 64  LYS A CE  1 
ATOM   406  N NZ  . LYS A 1 50  ? -9.433  10.776  20.917  1.00 93.35  ? 64  LYS A NZ  1 
ATOM   407  N N   . LEU A 1 51  ? -5.104  9.901   16.142  1.00 62.85  ? 65  LEU A N   1 
ATOM   408  C CA  . LEU A 1 51  ? -3.806  9.237   16.323  1.00 60.21  ? 65  LEU A CA  1 
ATOM   409  C C   . LEU A 1 51  ? -2.717  10.284  16.556  1.00 59.28  ? 65  LEU A C   1 
ATOM   410  O O   . LEU A 1 51  ? -2.815  11.401  16.058  1.00 55.64  ? 65  LEU A O   1 
ATOM   411  C CB  . LEU A 1 51  ? -3.438  8.370   15.108  1.00 53.83  ? 65  LEU A CB  1 
ATOM   412  C CG  . LEU A 1 51  ? -4.296  7.126   14.844  1.00 53.66  ? 65  LEU A CG  1 
ATOM   413  C CD1 . LEU A 1 51  ? -3.870  6.441   13.534  1.00 50.58  ? 65  LEU A CD1 1 
ATOM   414  C CD2 . LEU A 1 51  ? -4.238  6.156   16.026  1.00 51.42  ? 65  LEU A CD2 1 
ATOM   415  N N   . ARG A 1 52  ? -1.675  9.892   17.288  1.00 59.54  ? 66  ARG A N   1 
ATOM   416  C CA  . ARG A 1 52  ? -0.529  10.761  17.516  1.00 64.18  ? 66  ARG A CA  1 
ATOM   417  C C   . ARG A 1 52  ? 0.253   11.016  16.231  1.00 61.28  ? 66  ARG A C   1 
ATOM   418  O O   . ARG A 1 52  ? 0.540   12.156  15.881  1.00 59.35  ? 66  ARG A O   1 
ATOM   419  C CB  . ARG A 1 52  ? 0.404   10.167  18.576  1.00 68.10  ? 66  ARG A CB  1 
ATOM   420  C CG  . ARG A 1 52  ? 1.131   11.264  19.320  1.00 75.44  ? 66  ARG A CG  1 
ATOM   421  C CD  . ARG A 1 52  ? 2.364   10.787  20.054  1.00 84.46  ? 66  ARG A CD  1 
ATOM   422  N NE  . ARG A 1 52  ? 3.275   11.917  20.274  1.00 90.96  ? 66  ARG A NE  1 
ATOM   423  C CZ  . ARG A 1 52  ? 4.402   11.862  20.980  1.00 94.37  ? 66  ARG A CZ  1 
ATOM   424  N NH1 . ARG A 1 52  ? 4.786   10.724  21.565  1.00 92.80  ? 66  ARG A NH1 1 
ATOM   425  N NH2 . ARG A 1 52  ? 5.150   12.959  21.108  1.00 93.28  ? 66  ARG A NH2 1 
ATOM   426  N N   . ARG A 1 53  ? 0.563   9.940   15.517  1.00 59.08  ? 67  ARG A N   1 
ATOM   427  C CA  . ARG A 1 53  ? 1.366   10.015  14.306  1.00 59.83  ? 67  ARG A CA  1 
ATOM   428  C C   . ARG A 1 53  ? 0.485   10.252  13.081  1.00 55.58  ? 67  ARG A C   1 
ATOM   429  O O   . ARG A 1 53  ? -0.295  9.381   12.718  1.00 52.94  ? 67  ARG A O   1 
ATOM   430  C CB  . ARG A 1 53  ? 2.158   8.707   14.121  1.00 64.50  ? 67  ARG A CB  1 
ATOM   431  C CG  . ARG A 1 53  ? 2.930   8.230   15.341  1.00 69.19  ? 67  ARG A CG  1 
ATOM   432  C CD  . ARG A 1 53  ? 3.860   9.301   15.886  1.00 74.35  ? 67  ARG A CD  1 
ATOM   433  N NE  . ARG A 1 53  ? 4.787   8.738   16.866  1.00 79.82  ? 67  ARG A NE  1 
ATOM   434  C CZ  . ARG A 1 53  ? 5.882   9.348   17.324  1.00 83.55  ? 67  ARG A CZ  1 
ATOM   435  N NH1 . ARG A 1 53  ? 6.654   8.718   18.208  1.00 82.49  ? 67  ARG A NH1 1 
ATOM   436  N NH2 . ARG A 1 53  ? 6.216   10.574  16.910  1.00 80.39  ? 67  ARG A NH2 1 
ATOM   437  N N   . ALA A 1 54  ? 0.611   11.427  12.465  1.00 53.70  ? 68  ALA A N   1 
ATOM   438  C CA  . ALA A 1 54  ? 0.042   11.726  11.136  1.00 56.78  ? 68  ALA A CA  1 
ATOM   439  C C   . ALA A 1 54  ? -1.489  11.492  11.049  1.00 60.19  ? 68  ALA A C   1 
ATOM   440  O O   . ALA A 1 54  ? -1.977  10.741  10.189  1.00 59.24  ? 68  ALA A O   1 
ATOM   441  C CB  . ALA A 1 54  ? 0.789   10.949  10.049  1.00 55.22  ? 68  ALA A CB  1 
ATOM   442  N N   . PRO A 1 55  ? -2.248  12.156  11.937  1.00 59.87  ? 69  PRO A N   1 
ATOM   443  C CA  . PRO A 1 55  ? -3.674  11.952  11.974  1.00 54.34  ? 69  PRO A CA  1 
ATOM   444  C C   . PRO A 1 55  ? -4.246  12.527  10.706  1.00 50.31  ? 69  PRO A C   1 
ATOM   445  O O   . PRO A 1 55  ? -3.724  13.520  10.226  1.00 46.73  ? 69  PRO A O   1 
ATOM   446  C CB  . PRO A 1 55  ? -4.107  12.773  13.195  1.00 62.74  ? 69  PRO A CB  1 
ATOM   447  C CG  . PRO A 1 55  ? -3.143  13.911  13.229  1.00 60.32  ? 69  PRO A CG  1 
ATOM   448  C CD  . PRO A 1 55  ? -1.843  13.349  12.712  1.00 61.79  ? 69  PRO A CD  1 
ATOM   449  N N   . GLY A 1 56  ? -5.263  11.879  10.129  1.00 43.78  ? 70  GLY A N   1 
ATOM   450  C CA  . GLY A 1 56  ? -5.927  12.393  8.921   1.00 41.25  ? 70  GLY A CA  1 
ATOM   451  C C   . GLY A 1 56  ? -5.239  12.189  7.574   1.00 41.04  ? 70  GLY A C   1 
ATOM   452  O O   . GLY A 1 56  ? -5.768  12.645  6.543   1.00 38.82  ? 70  GLY A O   1 
ATOM   453  N N   . GLU A 1 57  ? -4.073  11.532  7.565   1.00 41.99  ? 71  GLU A N   1 
ATOM   454  C CA  . GLU A 1 57  ? -3.258  11.350  6.325   1.00 45.05  ? 71  GLU A CA  1 
ATOM   455  C C   . GLU A 1 57  ? -3.580  10.043  5.604   1.00 36.44  ? 71  GLU A C   1 
ATOM   456  O O   . GLU A 1 57  ? -3.858  9.051   6.238   1.00 33.00  ? 71  GLU A O   1 
ATOM   457  C CB  . GLU A 1 57  ? -1.745  11.363  6.640   1.00 50.71  ? 71  GLU A CB  1 
ATOM   458  C CG  . GLU A 1 57  ? -1.108  12.749  6.748   1.00 60.24  ? 71  GLU A CG  1 
ATOM   459  C CD  . GLU A 1 57  ? 0.416   12.697  6.773   1.00 68.28  ? 71  GLU A CD  1 
ATOM   460  O OE1 . GLU A 1 57  ? 1.035   11.705  6.300   1.00 70.21  ? 71  GLU A OE1 1 
ATOM   461  O OE2 . GLU A 1 57  ? 1.020   13.658  7.290   1.00 81.92  ? 71  GLU A OE2 1 
ATOM   462  N N   . VAL A 1 58  ? -3.427  10.061  4.283   1.00 36.22  ? 72  VAL A N   1 
ATOM   463  C CA  . VAL A 1 58  ? -3.610  8.907   3.421   1.00 34.58  ? 72  VAL A CA  1 
ATOM   464  C C   . VAL A 1 58  ? -2.356  8.044   3.525   1.00 35.51  ? 72  VAL A C   1 
ATOM   465  O O   . VAL A 1 58  ? -1.251  8.546   3.377   1.00 36.89  ? 72  VAL A O   1 
ATOM   466  C CB  . VAL A 1 58  ? -3.863  9.344   1.955   1.00 32.88  ? 72  VAL A CB  1 
ATOM   467  C CG1 . VAL A 1 58  ? -3.899  8.175   0.990   1.00 32.68  ? 72  VAL A CG1 1 
ATOM   468  C CG2 . VAL A 1 58  ? -5.185  10.075  1.855   1.00 34.78  ? 72  VAL A CG2 1 
ATOM   469  N N   . CYS A 1 59  ? -2.531  6.762   3.805   1.00 32.75  ? 73  CYS A N   1 
ATOM   470  C CA  . CYS A 1 59  ? -1.432  5.812   3.810   1.00 35.26  ? 73  CYS A CA  1 
ATOM   471  C C   . CYS A 1 59  ? -1.891  4.366   3.573   1.00 34.14  ? 73  CYS A C   1 
ATOM   472  O O   . CYS A 1 59  ? -3.073  4.048   3.722   1.00 36.00  ? 73  CYS A O   1 
ATOM   473  C CB  . CYS A 1 59  ? -0.659  5.949   5.110   1.00 41.21  ? 73  CYS A CB  1 
ATOM   474  S SG  . CYS A 1 59  ? -1.446  5.248   6.550   1.00 56.24  ? 73  CYS A SG  1 
ATOM   475  N N   . PHE A 1 60  ? -0.941  3.500   3.238   1.00 27.64  ? 74  PHE A N   1 
ATOM   476  C CA  . PHE A 1 60  ? -1.178  2.085   3.160   1.00 27.43  ? 74  PHE A CA  1 
ATOM   477  C C   . PHE A 1 60  ? -1.301  1.487   4.568   1.00 30.59  ? 74  PHE A C   1 
ATOM   478  O O   . PHE A 1 60  ? -0.761  2.032   5.517   1.00 32.61  ? 74  PHE A O   1 
ATOM   479  C CB  . PHE A 1 60  ? -0.076  1.370   2.371   1.00 27.04  ? 74  PHE A CB  1 
ATOM   480  C CG  . PHE A 1 60  ? -0.005  1.771   0.905   1.00 25.27  ? 74  PHE A CG  1 
ATOM   481  C CD1 . PHE A 1 60  ? -1.035  1.423   0.020   1.00 26.58  ? 74  PHE A CD1 1 
ATOM   482  C CD2 . PHE A 1 60  ? 1.083   2.487   0.404   1.00 26.77  ? 74  PHE A CD2 1 
ATOM   483  C CE1 . PHE A 1 60  ? -0.994  1.796   -1.322  1.00 28.49  ? 74  PHE A CE1 1 
ATOM   484  C CE2 . PHE A 1 60  ? 1.137   2.861   -0.951  1.00 24.90  ? 74  PHE A CE2 1 
ATOM   485  C CZ  . PHE A 1 60  ? 0.082   2.543   -1.807  1.00 25.75  ? 74  PHE A CZ  1 
ATOM   486  N N   . PRO A 1 61  ? -2.041  0.375   4.708   1.00 28.73  ? 75  PRO A N   1 
ATOM   487  C CA  . PRO A 1 61  ? -2.047  -0.306  6.017   1.00 28.04  ? 75  PRO A CA  1 
ATOM   488  C C   . PRO A 1 61  ? -0.626  -0.730  6.446   1.00 28.32  ? 75  PRO A C   1 
ATOM   489  O O   . PRO A 1 61  ? 0.200   -1.144  5.609   1.00 25.46  ? 75  PRO A O   1 
ATOM   490  C CB  . PRO A 1 61  ? -2.898  -1.561  5.767   1.00 28.87  ? 75  PRO A CB  1 
ATOM   491  C CG  . PRO A 1 61  ? -3.531  -1.403  4.452   1.00 28.03  ? 75  PRO A CG  1 
ATOM   492  C CD  . PRO A 1 61  ? -2.844  -0.319  3.686   1.00 26.20  ? 75  PRO A CD  1 
ATOM   493  N N   . GLY A 1 62  ? -0.326  -0.632  7.720   1.00 28.39  ? 76  GLY A N   1 
ATOM   494  C CA  . GLY A 1 62  ? 1.024   -0.993  8.191   1.00 32.20  ? 76  GLY A CA  1 
ATOM   495  C C   . GLY A 1 62  ? 1.301   -0.549  9.604   1.00 31.01  ? 76  GLY A C   1 
ATOM   496  O O   . GLY A 1 62  ? 0.461   0.057   10.248  1.00 32.14  ? 76  GLY A O   1 
ATOM   497  N N   . GLY A 1 63  ? 2.491   -0.844  10.085  1.00 34.07  ? 77  GLY A N   1 
ATOM   498  C CA  . GLY A 1 63  ? 2.896   -0.398  11.414  1.00 29.82  ? 77  GLY A CA  1 
ATOM   499  C C   . GLY A 1 63  ? 4.126   -1.075  11.896  1.00 31.13  ? 77  GLY A C   1 
ATOM   500  O O   . GLY A 1 63  ? 4.878   -1.639  11.102  1.00 31.25  ? 77  GLY A O   1 
ATOM   501  N N   . LYS A 1 64  ? 4.329   -1.026  13.215  1.00 31.98  ? 78  LYS A N   1 
ATOM   502  C CA  . LYS A 1 64  ? 5.589   -1.454  13.840  1.00 31.86  ? 78  LYS A CA  1 
ATOM   503  C C   . LYS A 1 64  ? 5.675   -2.954  14.100  1.00 28.97  ? 78  LYS A C   1 
ATOM   504  O O   . LYS A 1 64  ? 4.736   -3.574  14.548  1.00 31.10  ? 78  LYS A O   1 
ATOM   505  C CB  . LYS A 1 64  ? 5.784   -0.691  15.174  1.00 36.04  ? 78  LYS A CB  1 
ATOM   506  C CG  . LYS A 1 64  ? 7.206   -0.841  15.680  1.00 41.44  ? 78  LYS A CG  1 
ATOM   507  C CD  . LYS A 1 64  ? 7.593   0.154   16.751  1.00 47.02  ? 78  LYS A CD  1 
ATOM   508  C CE  . LYS A 1 64  ? 9.018   -0.183  17.204  1.00 49.00  ? 78  LYS A CE  1 
ATOM   509  N NZ  . LYS A 1 64  ? 9.634   0.969   17.893  1.00 58.45  ? 78  LYS A NZ  1 
ATOM   510  N N   . ARG A 1 65  ? 6.819   -3.550  13.847  1.00 25.31  ? 79  ARG A N   1 
ATOM   511  C CA  . ARG A 1 65  ? 7.020   -4.932  14.121  1.00 28.71  ? 79  ARG A CA  1 
ATOM   512  C C   . ARG A 1 65  ? 6.950   -5.158  15.637  1.00 27.96  ? 79  ARG A C   1 
ATOM   513  O O   . ARG A 1 65  ? 7.329   -4.282  16.400  1.00 27.43  ? 79  ARG A O   1 
ATOM   514  C CB  . ARG A 1 65  ? 8.372   -5.395  13.617  1.00 29.53  ? 79  ARG A CB  1 
ATOM   515  C CG  . ARG A 1 65  ? 8.614   -6.862  13.885  1.00 32.38  ? 79  ARG A CG  1 
ATOM   516  C CD  . ARG A 1 65  ? 9.583   -7.435  12.887  1.00 34.16  ? 79  ARG A CD  1 
ATOM   517  N NE  . ARG A 1 65  ? 10.117  -8.743  13.266  1.00 34.36  ? 79  ARG A NE  1 
ATOM   518  C CZ  . ARG A 1 65  ? 10.954  -9.432  12.507  1.00 36.11  ? 79  ARG A CZ  1 
ATOM   519  N NH1 . ARG A 1 65  ? 11.303  -8.977  11.308  1.00 38.34  ? 79  ARG A NH1 1 
ATOM   520  N NH2 . ARG A 1 65  ? 11.403  -10.609 12.920  1.00 41.08  ? 79  ARG A NH2 1 
ATOM   521  N N   . ASP A 1 66  ? 6.418   -6.303  16.047  1.00 30.87  ? 80  ASP A N   1 
ATOM   522  C CA  . ASP A 1 66  ? 6.378   -6.655  17.480  1.00 29.84  ? 80  ASP A CA  1 
ATOM   523  C C   . ASP A 1 66  ? 6.962   -8.036  17.635  1.00 29.83  ? 80  ASP A C   1 
ATOM   524  O O   . ASP A 1 66  ? 7.209   -8.694  16.651  1.00 30.91  ? 80  ASP A O   1 
ATOM   525  C CB  . ASP A 1 66  ? 4.983   -6.395  18.114  1.00 31.21  ? 80  ASP A CB  1 
ATOM   526  C CG  . ASP A 1 66  ? 3.966   -7.508  17.895  1.00 30.46  ? 80  ASP A CG  1 
ATOM   527  O OD1 . ASP A 1 66  ? 4.268   -8.629  17.442  1.00 31.18  ? 80  ASP A OD1 1 
ATOM   528  O OD2 . ASP A 1 66  ? 2.801   -7.211  18.178  1.00 37.51  ? 80  ASP A OD2 1 
ATOM   529  N N   . PRO A 1 67  ? 7.239   -8.491  18.881  1.00 32.68  ? 81  PRO A N   1 
ATOM   530  C CA  . PRO A 1 67  ? 7.919   -9.773  19.055  1.00 32.00  ? 81  PRO A CA  1 
ATOM   531  C C   . PRO A 1 67  ? 7.147   -11.009 18.624  1.00 32.48  ? 81  PRO A C   1 
ATOM   532  O O   . PRO A 1 67  ? 7.751   -12.055 18.458  1.00 34.98  ? 81  PRO A O   1 
ATOM   533  C CB  . PRO A 1 67  ? 8.214   -9.835  20.576  1.00 33.94  ? 81  PRO A CB  1 
ATOM   534  C CG  . PRO A 1 67  ? 8.012   -8.480  21.088  1.00 34.01  ? 81  PRO A CG  1 
ATOM   535  C CD  . PRO A 1 67  ? 7.053   -7.779  20.158  1.00 34.17  ? 81  PRO A CD  1 
ATOM   536  N N   . THR A 1 68  ? 5.833   -10.923 18.434  1.00 36.78  ? 82  THR A N   1 
ATOM   537  C CA  . THR A 1 68  ? 5.079   -12.085 17.900  1.00 36.14  ? 82  THR A CA  1 
ATOM   538  C C   . THR A 1 68  ? 5.324   -12.355 16.400  1.00 38.23  ? 82  THR A C   1 
ATOM   539  O O   . THR A 1 68  ? 5.125   -13.491 15.902  1.00 33.46  ? 82  THR A O   1 
ATOM   540  C CB  . THR A 1 68  ? 3.543   -11.905 18.050  1.00 36.60  ? 82  THR A CB  1 
ATOM   541  O OG1 . THR A 1 68  ? 3.055   -10.894 17.151  1.00 35.13  ? 82  THR A OG1 1 
ATOM   542  C CG2 . THR A 1 68  ? 3.174   -11.502 19.438  1.00 36.00  ? 82  THR A CG2 1 
ATOM   543  N N   . ASP A 1 69  ? 5.699   -11.303 15.667  1.00 35.35  ? 83  ASP A N   1 
ATOM   544  C CA  . ASP A 1 69  ? 5.839   -11.448 14.202  1.00 31.87  ? 83  ASP A CA  1 
ATOM   545  C C   . ASP A 1 69  ? 6.999   -12.405 13.863  1.00 33.23  ? 83  ASP A C   1 
ATOM   546  O O   . ASP A 1 69  ? 8.134   -12.179 14.290  1.00 35.53  ? 83  ASP A O   1 
ATOM   547  C CB  . ASP A 1 69  ? 6.110   -10.091 13.583  1.00 30.02  ? 83  ASP A CB  1 
ATOM   548  C CG  . ASP A 1 69  ? 4.946   -9.121  13.715  1.00 31.15  ? 83  ASP A CG  1 
ATOM   549  O OD1 . ASP A 1 69  ? 3.766   -9.529  13.666  1.00 31.92  ? 83  ASP A OD1 1 
ATOM   550  O OD2 . ASP A 1 69  ? 5.201   -7.905  13.760  1.00 30.15  ? 83  ASP A OD2 1 
ATOM   551  N N   . MET A 1 70  ? 6.707   -13.467 13.123  1.00 33.22  ? 84  MET A N   1 
ATOM   552  C CA  . MET A 1 70  ? 7.716   -14.389 12.569  1.00 35.42  ? 84  MET A CA  1 
ATOM   553  C C   . MET A 1 70  ? 8.699   -13.726 11.589  1.00 37.35  ? 84  MET A C   1 
ATOM   554  O O   . MET A 1 70  ? 9.865   -14.104 11.537  1.00 35.30  ? 84  MET A O   1 
ATOM   555  C CB  . MET A 1 70  ? 7.014   -15.545 11.821  1.00 39.92  ? 84  MET A CB  1 
ATOM   556  C CG  . MET A 1 70  ? 6.321   -16.534 12.745  1.00 53.30  ? 84  MET A CG  1 
ATOM   557  S SD  . MET A 1 70  ? 7.455   -17.661 13.629  1.00 62.86  ? 84  MET A SD  1 
ATOM   558  C CE  . MET A 1 70  ? 7.685   -18.968 12.421  1.00 65.99  ? 84  MET A CE  1 
ATOM   559  N N   . ASP A 1 71  ? 8.215   -12.791 10.772  1.00 36.61  ? 85  ASP A N   1 
ATOM   560  C CA  . ASP A 1 71  ? 9.062   -12.028 9.845   1.00 34.94  ? 85  ASP A CA  1 
ATOM   561  C C   . ASP A 1 71  ? 8.380   -10.691 9.484   1.00 33.73  ? 85  ASP A C   1 
ATOM   562  O O   . ASP A 1 71  ? 7.291   -10.367 10.007  1.00 31.15  ? 85  ASP A O   1 
ATOM   563  C CB  . ASP A 1 71  ? 9.404   -12.881 8.608   1.00 36.17  ? 85  ASP A CB  1 
ATOM   564  C CG  . ASP A 1 71  ? 8.176   -13.411 7.868   1.00 35.30  ? 85  ASP A CG  1 
ATOM   565  O OD1 . ASP A 1 71  ? 7.068   -12.901 8.031   1.00 36.71  ? 85  ASP A OD1 1 
ATOM   566  O OD2 . ASP A 1 71  ? 8.316   -14.368 7.092   1.00 43.89  ? 85  ASP A OD2 1 
ATOM   567  N N   . ASP A 1 72  ? 8.998   -9.889  8.602   1.00 31.62  ? 86  ASP A N   1 
ATOM   568  C CA  . ASP A 1 72  ? 8.461   -8.551  8.280   1.00 29.40  ? 86  ASP A CA  1 
ATOM   569  C C   . ASP A 1 72  ? 7.115   -8.604  7.549   1.00 26.87  ? 86  ASP A C   1 
ATOM   570  O O   . ASP A 1 72  ? 6.294   -7.696  7.661   1.00 29.87  ? 86  ASP A O   1 
ATOM   571  C CB  . ASP A 1 72  ? 9.482   -7.733  7.466   1.00 33.05  ? 86  ASP A CB  1 
ATOM   572  C CG  . ASP A 1 72  ? 10.691  -7.284  8.322   1.00 36.72  ? 86  ASP A CG  1 
ATOM   573  O OD1 . ASP A 1 72  ? 10.486  -6.823  9.485   1.00 34.17  ? 86  ASP A OD1 1 
ATOM   574  O OD2 . ASP A 1 72  ? 11.832  -7.362  7.818   1.00 35.61  ? 86  ASP A OD2 1 
ATOM   575  N N   . ALA A 1 73  ? 6.899   -9.645  6.788   1.00 28.95  ? 87  ALA A N   1 
ATOM   576  C CA  . ALA A 1 73  ? 5.568   -9.834  6.069   1.00 27.87  ? 87  ALA A CA  1 
ATOM   577  C C   . ALA A 1 73  ? 4.455   -10.014 7.094   1.00 28.40  ? 87  ALA A C   1 
ATOM   578  O O   . ALA A 1 73  ? 3.336   -9.506  6.937   1.00 27.50  ? 87  ALA A O   1 
ATOM   579  C CB  . ALA A 1 73  ? 5.636   -11.046 5.155   1.00 25.94  ? 87  ALA A CB  1 
ATOM   580  N N   . ALA A 1 74  ? 4.775   -10.778 8.146   1.00 30.29  ? 88  ALA A N   1 
ATOM   581  C CA  . ALA A 1 74  ? 3.832   -10.979 9.258   1.00 30.39  ? 88  ALA A CA  1 
ATOM   582  C C   . ALA A 1 74  ? 3.373   -9.689  9.880   1.00 27.55  ? 88  ALA A C   1 
ATOM   583  O O   . ALA A 1 74  ? 2.181   -9.535  10.171  1.00 26.50  ? 88  ALA A O   1 
ATOM   584  C CB  . ALA A 1 74  ? 4.418   -11.919 10.311  1.00 32.69  ? 88  ALA A CB  1 
ATOM   585  N N   . THR A 1 75  ? 4.281   -8.736  10.092  1.00 28.56  ? 89  THR A N   1 
ATOM   586  C CA  . THR A 1 75  ? 3.899   -7.395  10.607  1.00 27.72  ? 89  THR A CA  1 
ATOM   587  C C   . THR A 1 75  ? 2.860   -6.735  9.732   1.00 28.95  ? 89  THR A C   1 
ATOM   588  O O   . THR A 1 75  ? 1.828   -6.150  10.200  1.00 26.35  ? 89  THR A O   1 
ATOM   589  C CB  . THR A 1 75  ? 5.158   -6.478  10.649  1.00 27.90  ? 89  THR A CB  1 
ATOM   590  O OG1 . THR A 1 75  ? 6.214   -7.155  11.345  1.00 26.07  ? 89  THR A OG1 1 
ATOM   591  C CG2 . THR A 1 75  ? 4.893   -5.166  11.268  1.00 28.20  ? 89  THR A CG2 1 
ATOM   592  N N   . ALA A 1 76  ? 3.133   -6.789  8.422   1.00 28.73  ? 90  ALA A N   1 
ATOM   593  C CA  . ALA A 1 76  ? 2.229   -6.134  7.456   1.00 27.88  ? 90  ALA A CA  1 
ATOM   594  C C   . ALA A 1 76  ? 0.802   -6.764  7.502   1.00 27.46  ? 90  ALA A C   1 
ATOM   595  O O   . ALA A 1 76  ? -0.190  -6.041  7.528   1.00 28.75  ? 90  ALA A O   1 
ATOM   596  C CB  . ALA A 1 76  ? 2.830   -6.209  6.053   1.00 25.26  ? 90  ALA A CB  1 
ATOM   597  N N   . LEU A 1 77  ? 0.728   -8.089  7.522   1.00 29.03  ? 91  LEU A N   1 
ATOM   598  C CA  . LEU A 1 77  ? -0.555  -8.809  7.582   1.00 33.19  ? 91  LEU A CA  1 
ATOM   599  C C   . LEU A 1 77  ? -1.285  -8.610  8.927   1.00 31.68  ? 91  LEU A C   1 
ATOM   600  O O   . LEU A 1 77  ? -2.454  -8.333  8.911   1.00 28.97  ? 91  LEU A O   1 
ATOM   601  C CB  . LEU A 1 77  ? -0.394  -10.305 7.323   1.00 30.09  ? 91  LEU A CB  1 
ATOM   602  C CG  . LEU A 1 77  ? 0.256   -10.696 5.963   1.00 35.43  ? 91  LEU A CG  1 
ATOM   603  C CD1 . LEU A 1 77  ? 0.305   -12.200 5.803   1.00 35.20  ? 91  LEU A CD1 1 
ATOM   604  C CD2 . LEU A 1 77  ? -0.501  -10.041 4.816   1.00 38.41  ? 91  LEU A CD2 1 
ATOM   605  N N   . ARG A 1 78  ? -0.567  -8.680  10.061  1.00 30.23  ? 92  ARG A N   1 
ATOM   606  C CA  . ARG A 1 78  ? -1.157  -8.382  11.376  1.00 29.41  ? 92  ARG A CA  1 
ATOM   607  C C   . ARG A 1 78  ? -1.802  -7.015  11.421  1.00 30.37  ? 92  ARG A C   1 
ATOM   608  O O   . ARG A 1 78  ? -2.961  -6.822  11.875  1.00 30.93  ? 92  ARG A O   1 
ATOM   609  C CB  . ARG A 1 78  ? -0.100  -8.488  12.483  1.00 32.43  ? 92  ARG A CB  1 
ATOM   610  C CG  . ARG A 1 78  ? -0.637  -8.256  13.900  1.00 34.01  ? 92  ARG A CG  1 
ATOM   611  C CD  . ARG A 1 78  ? 0.370   -8.504  15.027  1.00 33.87  ? 92  ARG A CD  1 
ATOM   612  N NE  . ARG A 1 78  ? 1.650   -7.867  14.741  1.00 33.69  ? 92  ARG A NE  1 
ATOM   613  C CZ  . ARG A 1 78  ? 1.942   -6.571  14.887  1.00 30.87  ? 92  ARG A CZ  1 
ATOM   614  N NH1 . ARG A 1 78  ? 1.056   -5.674  15.350  1.00 30.17  ? 92  ARG A NH1 1 
ATOM   615  N NH2 . ARG A 1 78  ? 3.161   -6.159  14.548  1.00 34.99  ? 92  ARG A NH2 1 
ATOM   616  N N   . GLU A 1 79  ? -1.068  -6.033  10.922  1.00 30.01  ? 93  GLU A N   1 
ATOM   617  C CA  . GLU A 1 79  ? -1.543  -4.662  10.934  1.00 31.81  ? 93  GLU A CA  1 
ATOM   618  C C   . GLU A 1 79  ? -2.743  -4.440  9.966   1.00 32.91  ? 93  GLU A C   1 
ATOM   619  O O   . GLU A 1 79  ? -3.703  -3.690  10.327  1.00 30.99  ? 93  GLU A O   1 
ATOM   620  C CB  . GLU A 1 79  ? -0.382  -3.686  10.631  1.00 34.64  ? 93  GLU A CB  1 
ATOM   621  C CG  . GLU A 1 79  ? 0.563   -3.493  11.829  1.00 39.36  ? 93  GLU A CG  1 
ATOM   622  C CD  . GLU A 1 79  ? 0.005   -2.579  12.917  1.00 37.72  ? 93  GLU A CD  1 
ATOM   623  O OE1 . GLU A 1 79  ? -1.047  -1.914  12.747  1.00 55.80  ? 93  GLU A OE1 1 
ATOM   624  O OE2 . GLU A 1 79  ? 0.658   -2.495  13.944  1.00 49.10  ? 93  GLU A OE2 1 
ATOM   625  N N   . ALA A 1 80  ? -2.690  -5.067  8.769   1.00 30.16  ? 94  ALA A N   1 
ATOM   626  C CA  . ALA A 1 80  ? -3.803  -4.960  7.832   1.00 31.84  ? 94  ALA A CA  1 
ATOM   627  C C   . ALA A 1 80  ? -5.113  -5.593  8.432   1.00 32.01  ? 94  ALA A C   1 
ATOM   628  O O   . ALA A 1 80  ? -6.203  -5.058  8.243   1.00 33.33  ? 94  ALA A O   1 
ATOM   629  C CB  . ALA A 1 80  ? -3.457  -5.580  6.511   1.00 31.25  ? 94  ALA A CB  1 
ATOM   630  N N   . GLN A 1 81  ? -4.973  -6.659  9.199   1.00 30.50  ? 95  GLN A N   1 
ATOM   631  C CA  . GLN A 1 81  ? -6.135  -7.285  9.858   1.00 35.64  ? 95  GLN A CA  1 
ATOM   632  C C   . GLN A 1 81  ? -6.761  -6.351  10.897  1.00 39.56  ? 95  GLN A C   1 
ATOM   633  O O   . GLN A 1 81  ? -7.983  -6.118  10.908  1.00 36.56  ? 95  GLN A O   1 
ATOM   634  C CB  . GLN A 1 81  ? -5.747  -8.620  10.508  1.00 39.34  ? 95  GLN A CB  1 
ATOM   635  C CG  . GLN A 1 81  ? -6.979  -9.360  11.076  1.00 40.48  ? 95  GLN A CG  1 
ATOM   636  C CD  . GLN A 1 81  ? -6.805  -10.870 11.253  1.00 46.46  ? 95  GLN A CD  1 
ATOM   637  O OE1 . GLN A 1 81  ? -5.748  -11.462 11.012  1.00 49.86  ? 95  GLN A OE1 1 
ATOM   638  N NE2 . GLN A 1 81  ? -7.871  -11.506 11.676  1.00 53.22  ? 95  GLN A NE2 1 
ATOM   639  N N   . GLU A 1 82  ? -5.893  -5.804  11.746  1.00 37.07  ? 96  GLU A N   1 
ATOM   640  C CA  . GLU A 1 82  ? -6.271  -4.884  12.801  1.00 35.91  ? 96  GLU A CA  1 
ATOM   641  C C   . GLU A 1 82  ? -6.913  -3.606  12.272  1.00 35.45  ? 96  GLU A C   1 
ATOM   642  O O   . GLU A 1 82  ? -7.871  -3.109  12.865  1.00 32.47  ? 96  GLU A O   1 
ATOM   643  C CB  . GLU A 1 82  ? -5.036  -4.620  13.698  1.00 44.84  ? 96  GLU A CB  1 
ATOM   644  C CG  . GLU A 1 82  ? -5.087  -3.401  14.587  1.00 55.38  ? 96  GLU A CG  1 
ATOM   645  C CD  . GLU A 1 82  ? -6.240  -3.451  15.563  1.00 69.35  ? 96  GLU A CD  1 
ATOM   646  O OE1 . GLU A 1 82  ? -6.521  -4.548  16.098  1.00 77.30  ? 96  GLU A OE1 1 
ATOM   647  O OE2 . GLU A 1 82  ? -6.864  -2.391  15.798  1.00 83.69  ? 96  GLU A OE2 1 
ATOM   648  N N   . GLU A 1 83  ? -6.464  -3.085  11.129  1.00 31.59  ? 97  GLU A N   1 
ATOM   649  C CA  . GLU A 1 83  ? -6.959  -1.815  10.616  1.00 31.07  ? 97  GLU A CA  1 
ATOM   650  C C   . GLU A 1 83  ? -8.186  -1.898  9.740   1.00 32.42  ? 97  GLU A C   1 
ATOM   651  O O   . GLU A 1 83  ? -9.028  -0.976  9.789   1.00 33.03  ? 97  GLU A O   1 
ATOM   652  C CB  . GLU A 1 83  ? -5.819  -1.060  9.829   1.00 34.65  ? 97  GLU A CB  1 
ATOM   653  C CG  . GLU A 1 83  ? -4.715  -0.588  10.770  1.00 38.47  ? 97  GLU A CG  1 
ATOM   654  C CD  . GLU A 1 83  ? -3.377  -0.246  10.123  1.00 44.82  ? 97  GLU A CD  1 
ATOM   655  O OE1 . GLU A 1 83  ? -3.244  -0.340  8.906   1.00 42.32  ? 97  GLU A OE1 1 
ATOM   656  O OE2 . GLU A 1 83  ? -2.438  0.112   10.866  1.00 45.33  ? 97  GLU A OE2 1 
ATOM   657  N N   . VAL A 1 84  ? -8.262  -2.914  8.866   1.00 31.28  ? 98  VAL A N   1 
ATOM   658  C CA  . VAL A 1 84  ? -9.404  -3.032  7.939   1.00 32.83  ? 98  VAL A CA  1 
ATOM   659  C C   . VAL A 1 84  ? -10.065 -4.417  7.871   1.00 34.96  ? 98  VAL A C   1 
ATOM   660  O O   . VAL A 1 84  ? -10.890 -4.647  6.975   1.00 35.92  ? 98  VAL A O   1 
ATOM   661  C CB  . VAL A 1 84  ? -9.010  -2.602  6.516   1.00 31.66  ? 98  VAL A CB  1 
ATOM   662  C CG1 . VAL A 1 84  ? -8.452  -1.202  6.541   1.00 33.38  ? 98  VAL A CG1 1 
ATOM   663  C CG2 . VAL A 1 84  ? -7.964  -3.542  5.925   1.00 32.76  ? 98  VAL A CG2 1 
ATOM   664  N N   . GLY A 1 85  ? -9.724  -5.309  8.806   1.00 31.37  ? 99  GLY A N   1 
ATOM   665  C CA  . GLY A 1 85  ? -10.329 -6.645  8.866   1.00 35.06  ? 99  GLY A CA  1 
ATOM   666  C C   . GLY A 1 85  ? -9.887  -7.681  7.844   1.00 37.71  ? 99  GLY A C   1 
ATOM   667  O O   . GLY A 1 85  ? -10.471 -8.784  7.770   1.00 39.69  ? 99  GLY A O   1 
ATOM   668  N N   . LEU A 1 86  ? -8.839  -7.368  7.071   1.00 35.67  ? 100 LEU A N   1 
ATOM   669  C CA  . LEU A 1 86  ? -8.273  -8.312  6.116   1.00 34.41  ? 100 LEU A CA  1 
ATOM   670  C C   . LEU A 1 86  ? -7.629  -9.502  6.800   1.00 35.35  ? 100 LEU A C   1 
ATOM   671  O O   . LEU A 1 86  ? -6.660  -9.347  7.556   1.00 36.78  ? 100 LEU A O   1 
ATOM   672  C CB  . LEU A 1 86  ? -7.225  -7.596  5.231   1.00 35.97  ? 100 LEU A CB  1 
ATOM   673  C CG  . LEU A 1 86  ? -6.637  -8.385  4.049   1.00 37.23  ? 100 LEU A CG  1 
ATOM   674  C CD1 . LEU A 1 86  ? -7.619  -8.577  2.865   1.00 33.29  ? 100 LEU A CD1 1 
ATOM   675  C CD2 . LEU A 1 86  ? -5.372  -7.680  3.557   1.00 37.47  ? 100 LEU A CD2 1 
ATOM   676  N N   . ARG A 1 87  ? -8.139  -10.678 6.491   1.00 31.82  ? 101 ARG A N   1 
ATOM   677  C CA  . ARG A 1 87  ? -7.718  -11.932 7.041   1.00 39.02  ? 101 ARG A CA  1 
ATOM   678  C C   . ARG A 1 87  ? -6.671  -12.592 6.134   1.00 41.76  ? 101 ARG A C   1 
ATOM   679  O O   . ARG A 1 87  ? -6.624  -12.308 4.921   1.00 41.48  ? 101 ARG A O   1 
ATOM   680  C CB  . ARG A 1 87  ? -8.946  -12.843 7.265   1.00 45.28  ? 101 ARG A CB  1 
ATOM   681  C CG  . ARG A 1 87  ? -9.607  -12.658 8.627   1.00 52.91  ? 101 ARG A CG  1 
ATOM   682  C CD  . ARG A 1 87  ? -11.103 -12.437 8.582   1.00 64.37  ? 101 ARG A CD  1 
ATOM   683  N NE  . ARG A 1 87  ? -11.859 -13.633 8.208   1.00 80.53  ? 101 ARG A NE  1 
ATOM   684  C CZ  . ARG A 1 87  ? -13.194 -13.692 8.074   1.00 88.46  ? 101 ARG A CZ  1 
ATOM   685  N NH1 . ARG A 1 87  ? -13.957 -12.618 8.285   1.00 90.31  ? 101 ARG A NH1 1 
ATOM   686  N NH2 . ARG A 1 87  ? -13.782 -14.840 7.730   1.00 85.75  ? 101 ARG A NH2 1 
HETATM 687  N N   . HYP A 1 88  ? -5.836  -13.483 6.699   1.00 48.89  ? 102 HYP A N   1 
HETATM 688  C CA  . HYP A 1 88  ? -4.747  -14.105 5.926   1.00 49.13  ? 102 HYP A CA  1 
HETATM 689  C C   . HYP A 1 88  ? -5.107  -14.963 4.779   1.00 46.97  ? 102 HYP A C   1 
HETATM 690  O O   . HYP A 1 88  ? -4.372  -14.982 3.777   1.00 43.46  ? 102 HYP A O   1 
HETATM 691  C CB  . HYP A 1 88  ? -3.952  -14.950 6.918   1.00 53.64  ? 102 HYP A CB  1 
HETATM 692  C CG  . HYP A 1 88  ? -4.170  -14.181 8.201   1.00 59.53  ? 102 HYP A CG  1 
HETATM 693  C CD  . HYP A 1 88  ? -5.650  -13.809 8.129   1.00 56.81  ? 102 HYP A CD  1 
HETATM 694  O OD1 . HYP A 1 88  ? -3.353  -12.991 8.142   1.00 63.58  ? 102 HYP A OD1 1 
ATOM   695  N N   . HIS A 1 89  ? -6.227  -15.674 4.889   1.00 40.47  ? 103 HIS A N   1 
ATOM   696  C CA  . HIS A 1 89  ? -6.702  -16.432 3.740   1.00 44.46  ? 103 HIS A CA  1 
ATOM   697  C C   . HIS A 1 89  ? -7.104  -15.480 2.586   1.00 37.79  ? 103 HIS A C   1 
ATOM   698  O O   . HIS A 1 89  ? -7.233  -15.935 1.456   1.00 34.06  ? 103 HIS A O   1 
ATOM   699  C CB  . HIS A 1 89  ? -7.823  -17.451 4.106   1.00 46.50  ? 103 HIS A CB  1 
ATOM   700  C CG  . HIS A 1 89  ? -9.160  -16.842 4.435   1.00 46.44  ? 103 HIS A CG  1 
ATOM   701  N ND1 . HIS A 1 89  ? -10.122 -16.617 3.476   1.00 47.69  ? 103 HIS A ND1 1 
ATOM   702  C CD2 . HIS A 1 89  ? -9.708  -16.449 5.612   1.00 42.46  ? 103 HIS A CD2 1 
ATOM   703  C CE1 . HIS A 1 89  ? -11.185 -16.077 4.041   1.00 45.37  ? 103 HIS A CE1 1 
ATOM   704  N NE2 . HIS A 1 89  ? -10.965 -15.976 5.337   1.00 45.04  ? 103 HIS A NE2 1 
ATOM   705  N N   . GLN A 1 90  ? -7.273  -14.178 2.875   1.00 32.87  ? 104 GLN A N   1 
ATOM   706  C CA  . GLN A 1 90  ? -7.710  -13.207 1.847   1.00 33.29  ? 104 GLN A CA  1 
ATOM   707  C C   . GLN A 1 90  ? -6.624  -12.428 1.149   1.00 32.50  ? 104 GLN A C   1 
ATOM   708  O O   . GLN A 1 90  ? -6.936  -11.555 0.289   1.00 30.20  ? 104 GLN A O   1 
ATOM   709  C CB  . GLN A 1 90  ? -8.723  -12.230 2.443   1.00 32.22  ? 104 GLN A CB  1 
ATOM   710  C CG  . GLN A 1 90  ? -9.875  -12.917 3.186   1.00 33.52  ? 104 GLN A CG  1 
ATOM   711  C CD  . GLN A 1 90  ? -10.877 -11.911 3.739   1.00 37.92  ? 104 GLN A CD  1 
ATOM   712  O OE1 . GLN A 1 90  ? -12.034 -11.840 3.290   1.00 38.54  ? 104 GLN A OE1 1 
ATOM   713  N NE2 . GLN A 1 90  ? -10.433 -11.096 4.678   1.00 31.24  ? 104 GLN A NE2 1 
ATOM   714  N N   . VAL A 1 91  ? -5.367  -12.759 1.455   1.00 31.62  ? 105 VAL A N   1 
ATOM   715  C CA  . VAL A 1 91  ? -4.237  -12.113 0.831   1.00 33.39  ? 105 VAL A CA  1 
ATOM   716  C C   . VAL A 1 91  ? -3.092  -13.070 0.424   1.00 35.12  ? 105 VAL A C   1 
ATOM   717  O O   . VAL A 1 91  ? -2.714  -13.941 1.176   1.00 31.81  ? 105 VAL A O   1 
ATOM   718  C CB  . VAL A 1 91  ? -3.773  -10.922 1.699   1.00 36.46  ? 105 VAL A CB  1 
ATOM   719  C CG1 . VAL A 1 91  ? -3.664  -11.310 3.165   1.00 35.61  ? 105 VAL A CG1 1 
ATOM   720  C CG2 . VAL A 1 91  ? -2.438  -10.355 1.196   1.00 35.03  ? 105 VAL A CG2 1 
ATOM   721  N N   . GLU A 1 92  ? -2.573  -12.908 -0.801  1.00 33.04  ? 106 GLU A N   1 
ATOM   722  C CA  . GLU A 1 92  ? -1.349  -13.614 -1.230  1.00 34.66  ? 106 GLU A CA  1 
ATOM   723  C C   . GLU A 1 92  ? -0.223  -12.543 -1.332  1.00 31.84  ? 106 GLU A C   1 
ATOM   724  O O   . GLU A 1 92  ? -0.271  -11.634 -2.175  1.00 30.90  ? 106 GLU A O   1 
ATOM   725  C CB  . GLU A 1 92  ? -1.592  -14.333 -2.570  1.00 36.99  ? 106 GLU A CB  1 
ATOM   726  C CG  . GLU A 1 92  ? -0.451  -15.255 -3.060  1.00 40.73  ? 106 GLU A CG  1 
ATOM   727  C CD  . GLU A 1 92  ? -0.575  -15.633 -4.548  1.00 47.66  ? 106 GLU A CD  1 
ATOM   728  O OE1 . GLU A 1 92  ? -1.620  -15.313 -5.180  1.00 46.98  ? 106 GLU A OE1 1 
ATOM   729  O OE2 . GLU A 1 92  ? 0.388   -16.229 -5.113  1.00 53.26  ? 106 GLU A OE2 1 
ATOM   730  N N   . VAL A 1 93  ? 0.752   -12.631 -0.434  1.00 28.93  ? 107 VAL A N   1 
ATOM   731  C CA  . VAL A 1 93  ? 1.943   -11.794 -0.495  1.00 32.78  ? 107 VAL A CA  1 
ATOM   732  C C   . VAL A 1 93  ? 2.820   -12.289 -1.628  1.00 35.07  ? 107 VAL A C   1 
ATOM   733  O O   . VAL A 1 93  ? 3.208   -13.446 -1.644  1.00 34.70  ? 107 VAL A O   1 
ATOM   734  C CB  . VAL A 1 93  ? 2.731   -11.803 0.827   1.00 35.57  ? 107 VAL A CB  1 
ATOM   735  C CG1 . VAL A 1 93  ? 4.043   -11.026 0.679   1.00 32.91  ? 107 VAL A CG1 1 
ATOM   736  C CG2 . VAL A 1 93  ? 1.865   -11.167 1.911   1.00 38.45  ? 107 VAL A CG2 1 
ATOM   737  N N   . VAL A 1 94  ? 3.094   -11.402 -2.578  1.00 34.30  ? 108 VAL A N   1 
ATOM   738  C CA  . VAL A 1 94  ? 3.744   -11.763 -3.832  1.00 36.29  ? 108 VAL A CA  1 
ATOM   739  C C   . VAL A 1 94  ? 5.229   -11.411 -3.780  1.00 37.01  ? 108 VAL A C   1 
ATOM   740  O O   . VAL A 1 94  ? 6.046   -12.121 -4.354  1.00 38.57  ? 108 VAL A O   1 
ATOM   741  C CB  . VAL A 1 94  ? 3.121   -10.965 -4.999  1.00 38.19  ? 108 VAL A CB  1 
ATOM   742  C CG1 . VAL A 1 94  ? 3.977   -11.066 -6.246  1.00 48.85  ? 108 VAL A CG1 1 
ATOM   743  C CG2 . VAL A 1 94  ? 1.729   -11.471 -5.291  1.00 44.78  ? 108 VAL A CG2 1 
HETATM 744  N N   . CSO A 1 95  ? 5.549   -10.269 -3.163  1.00 33.35  ? 109 CSO A N   1 
HETATM 745  C CA  . CSO A 1 95  ? 6.923   -9.842  -3.038  1.00 32.18  ? 109 CSO A CA  1 
HETATM 746  C CB  . CSO A 1 95  ? 7.391   -9.446  -4.431  1.00 35.51  ? 109 CSO A CB  1 
HETATM 747  S SG  . CSO A 1 95  ? 6.594   -7.957  -4.895  1.00 39.12  ? 109 CSO A SG  1 
HETATM 748  C C   . CSO A 1 95  ? 7.152   -8.718  -2.099  1.00 30.79  ? 109 CSO A C   1 
HETATM 749  O O   . CSO A 1 95  ? 6.243   -8.077  -1.564  1.00 28.96  ? 109 CSO A O   1 
HETATM 750  O OD  . CSO A 1 95  ? 8.074   -7.122  -5.212  1.00 49.01  ? 109 CSO A OD  1 
ATOM   751  N N   . CYS A 1 96  ? 8.424   -8.490  -1.869  1.00 32.20  ? 110 CYS A N   1 
ATOM   752  C CA  . CYS A 1 96  ? 8.951   -7.465  -1.031  1.00 36.59  ? 110 CYS A CA  1 
ATOM   753  C C   . CYS A 1 96  ? 9.709   -6.485  -1.968  1.00 37.89  ? 110 CYS A C   1 
ATOM   754  O O   . CYS A 1 96  ? 10.637  -6.913  -2.658  1.00 38.75  ? 110 CYS A O   1 
ATOM   755  C CB  . CYS A 1 96  ? 9.889   -8.231  -0.071  1.00 46.78  ? 110 CYS A CB  1 
ATOM   756  S SG  . CYS A 1 96  ? 11.122  -7.332  0.788   1.00 60.24  ? 110 CYS A SG  1 
ATOM   757  N N   . LEU A 1 97  ? 9.263   -5.232  -2.027  1.00 31.26  ? 111 LEU A N   1 
ATOM   758  C CA  . LEU A 1 97  ? 9.914   -4.152  -2.760  1.00 36.00  ? 111 LEU A CA  1 
ATOM   759  C C   . LEU A 1 97  ? 11.017  -3.467  -1.954  1.00 38.56  ? 111 LEU A C   1 
ATOM   760  O O   . LEU A 1 97  ? 11.212  -3.760  -0.761  1.00 32.09  ? 111 LEU A O   1 
ATOM   761  C CB  . LEU A 1 97  ? 8.907   -3.084  -3.221  1.00 36.21  ? 111 LEU A CB  1 
ATOM   762  C CG  . LEU A 1 97  ? 7.783   -3.563  -4.134  1.00 37.03  ? 111 LEU A CG  1 
ATOM   763  C CD1 . LEU A 1 97  ? 6.842   -2.416  -4.481  1.00 38.20  ? 111 LEU A CD1 1 
ATOM   764  C CD2 . LEU A 1 97  ? 8.344   -4.196  -5.375  1.00 38.52  ? 111 LEU A CD2 1 
ATOM   765  N N   . VAL A 1 98  ? 11.754  -2.577  -2.630  1.00 34.78  ? 112 VAL A N   1 
ATOM   766  C CA  . VAL A 1 98  ? 12.814  -1.794  -1.979  1.00 38.04  ? 112 VAL A CA  1 
ATOM   767  C C   . VAL A 1 98  ? 12.357  -1.087  -0.716  1.00 34.71  ? 112 VAL A C   1 
ATOM   768  O O   . VAL A 1 98  ? 11.395  -0.356  -0.744  1.00 34.68  ? 112 VAL A O   1 
ATOM   769  C CB  . VAL A 1 98  ? 13.489  -0.734  -2.919  1.00 43.26  ? 112 VAL A CB  1 
ATOM   770  C CG1 . VAL A 1 98  ? 14.463  -1.426  -3.857  1.00 47.60  ? 112 VAL A CG1 1 
ATOM   771  C CG2 . VAL A 1 98  ? 12.478  0.099   -3.687  1.00 40.90  ? 112 VAL A CG2 1 
ATOM   772  N N   . PRO A 1 99  ? 13.070  -1.287  0.402   1.00 34.21  ? 113 PRO A N   1 
ATOM   773  C CA  . PRO A 1 99  ? 12.675  -0.636  1.652   1.00 33.54  ? 113 PRO A CA  1 
ATOM   774  C C   . PRO A 1 99  ? 13.084  0.831   1.657   1.00 34.58  ? 113 PRO A C   1 
ATOM   775  O O   . PRO A 1 99  ? 13.910  1.200   0.877   1.00 32.05  ? 113 PRO A O   1 
ATOM   776  C CB  . PRO A 1 99  ? 13.450  -1.419  2.722   1.00 37.61  ? 113 PRO A CB  1 
ATOM   777  C CG  . PRO A 1 99  ? 14.625  -1.936  2.033   1.00 40.52  ? 113 PRO A CG  1 
ATOM   778  C CD  . PRO A 1 99  ? 14.218  -2.181  0.579   1.00 37.30  ? 113 PRO A CD  1 
ATOM   779  N N   . CYS A 1 100 ? 12.502  1.628   2.533   1.00 30.55  ? 114 CYS A N   1 
ATOM   780  C CA  . CYS A 1 100 ? 12.660  3.072   2.604   1.00 33.12  ? 114 CYS A CA  1 
ATOM   781  C C   . CYS A 1 100 ? 13.455  3.347   3.914   1.00 34.33  ? 114 CYS A C   1 
ATOM   782  O O   . CYS A 1 100 ? 13.061  2.879   4.981   1.00 32.68  ? 114 CYS A O   1 
ATOM   783  C CB  . CYS A 1 100 ? 11.243  3.756   2.702   1.00 31.83  ? 114 CYS A CB  1 
ATOM   784  S SG  . CYS A 1 100 ? 10.095  3.205   1.374   1.00 61.96  ? 114 CYS A SG  1 
ATOM   785  N N   . LEU A 1 101 ? 14.517  4.132   3.839   1.00 35.58  ? 115 LEU A N   1 
ATOM   786  C CA  . LEU A 1 101 ? 15.297  4.553   5.034   1.00 36.28  ? 115 LEU A CA  1 
ATOM   787  C C   . LEU A 1 101 ? 14.793  5.883   5.506   1.00 35.07  ? 115 LEU A C   1 
ATOM   788  O O   . LEU A 1 101 ? 14.652  6.767   4.689   1.00 33.67  ? 115 LEU A O   1 
ATOM   789  C CB  . LEU A 1 101 ? 16.787  4.699   4.679   1.00 34.89  ? 115 LEU A CB  1 
ATOM   790  C CG  . LEU A 1 101 ? 17.482  3.464   4.140   1.00 36.63  ? 115 LEU A CG  1 
ATOM   791  C CD1 . LEU A 1 101 ? 18.908  3.731   3.661   1.00 39.81  ? 115 LEU A CD1 1 
ATOM   792  C CD2 . LEU A 1 101 ? 17.499  2.392   5.206   1.00 41.43  ? 115 LEU A CD2 1 
ATOM   793  N N   . ILE A 1 102 ? 14.572  6.051   6.804   1.00 32.74  ? 116 ILE A N   1 
ATOM   794  C CA  . ILE A 1 102 ? 14.199  7.365   7.331   1.00 37.78  ? 116 ILE A CA  1 
ATOM   795  C C   . ILE A 1 102 ? 14.765  7.668   8.693   1.00 35.90  ? 116 ILE A C   1 
ATOM   796  O O   . ILE A 1 102 ? 14.991  6.759   9.504   1.00 34.39  ? 116 ILE A O   1 
ATOM   797  C CB  . ILE A 1 102 ? 12.660  7.530   7.418   1.00 49.64  ? 116 ILE A CB  1 
ATOM   798  C CG1 . ILE A 1 102 ? 12.032  6.225   7.836   1.00 51.86  ? 116 ILE A CG1 1 
ATOM   799  C CG2 . ILE A 1 102 ? 12.044  7.910   6.082   1.00 55.84  ? 116 ILE A CG2 1 
ATOM   800  C CD1 . ILE A 1 102 ? 10.772  6.471   8.568   1.00 64.89  ? 116 ILE A CD1 1 
ATOM   801  N N   . ASP A 1 103 ? 14.989  8.962   8.947   1.00 38.24  ? 117 ASP A N   1 
ATOM   802  C CA  . ASP A 1 103 ? 15.457  9.480   10.250  1.00 45.84  ? 117 ASP A CA  1 
ATOM   803  C C   . ASP A 1 103 ? 16.737  8.839   10.781  1.00 39.46  ? 117 ASP A C   1 
ATOM   804  O O   . ASP A 1 103 ? 16.913  8.761   11.986  1.00 40.88  ? 117 ASP A O   1 
ATOM   805  C CB  . ASP A 1 103 ? 14.373  9.348   11.358  1.00 48.26  ? 117 ASP A CB  1 
ATOM   806  C CG  . ASP A 1 103 ? 13.146  10.160  11.080  1.00 64.48  ? 117 ASP A CG  1 
ATOM   807  O OD1 . ASP A 1 103 ? 13.292  11.289  10.571  1.00 78.86  ? 117 ASP A OD1 1 
ATOM   808  O OD2 . ASP A 1 103 ? 12.016  9.681   11.375  1.00 79.06  ? 117 ASP A OD2 1 
ATOM   809  N N   . THR A 1 104 ? 17.573  8.318   9.888   1.00 36.96  ? 118 THR A N   1 
ATOM   810  C CA  . THR A 1 104 ? 18.828  7.653   10.217  1.00 36.40  ? 118 THR A CA  1 
ATOM   811  C C   . THR A 1 104 ? 18.718  6.301   10.950  1.00 38.16  ? 118 THR A C   1 
ATOM   812  O O   . THR A 1 104 ? 19.639  5.503   10.833  1.00 35.20  ? 118 THR A O   1 
ATOM   813  C CB  . THR A 1 104 ? 19.826  8.586   10.968  1.00 37.56  ? 118 THR A CB  1 
ATOM   814  O OG1 . THR A 1 104 ? 19.498  8.671   12.365  1.00 35.25  ? 118 THR A OG1 1 
ATOM   815  C CG2 . THR A 1 104 ? 19.852  10.026  10.358  1.00 38.03  ? 118 THR A CG2 1 
ATOM   816  N N   . ASP A 1 105 ? 17.601  6.007   11.642  1.00 34.44  ? 119 ASP A N   1 
ATOM   817  C CA  . ASP A 1 105 ? 17.506  4.786   12.468  1.00 35.28  ? 119 ASP A CA  1 
ATOM   818  C C   . ASP A 1 105 ? 16.275  3.853   12.173  1.00 34.11  ? 119 ASP A C   1 
ATOM   819  O O   . ASP A 1 105 ? 15.994  2.919   12.934  1.00 31.95  ? 119 ASP A O   1 
ATOM   820  C CB  . ASP A 1 105 ? 17.488  5.222   13.938  1.00 37.49  ? 119 ASP A CB  1 
ATOM   821  C CG  . ASP A 1 105 ? 16.212  6.036   14.319  1.00 45.47  ? 119 ASP A CG  1 
ATOM   822  O OD1 . ASP A 1 105 ? 15.292  6.347   13.473  1.00 43.20  ? 119 ASP A OD1 1 
ATOM   823  O OD2 . ASP A 1 105 ? 16.156  6.404   15.508  1.00 51.15  ? 119 ASP A OD2 1 
ATOM   824  N N   . THR A 1 106 ? 15.553  4.117   11.086  1.00 30.82  ? 120 THR A N   1 
ATOM   825  C CA  . THR A 1 106 ? 14.298  3.451   10.810  1.00 31.49  ? 120 THR A CA  1 
ATOM   826  C C   . THR A 1 106 ? 14.284  2.922   9.383   1.00 30.53  ? 120 THR A C   1 
ATOM   827  O O   . THR A 1 106 ? 14.725  3.603   8.426   1.00 29.95  ? 120 THR A O   1 
ATOM   828  C CB  . THR A 1 106 ? 13.119  4.420   11.048  1.00 34.94  ? 120 THR A CB  1 
ATOM   829  O OG1 . THR A 1 106 ? 13.084  4.777   12.414  1.00 40.01  ? 120 THR A OG1 1 
ATOM   830  C CG2 . THR A 1 106 ? 11.773  3.791   10.666  1.00 37.90  ? 120 THR A CG2 1 
ATOM   831  N N   . LEU A 1 107 ? 13.796  1.699   9.249   1.00 27.69  ? 121 LEU A N   1 
ATOM   832  C CA  . LEU A 1 107 ? 13.677  1.020   7.970   1.00 29.10  ? 121 LEU A CA  1 
ATOM   833  C C   . LEU A 1 107 ? 12.239  0.481   7.778   1.00 29.49  ? 121 LEU A C   1 
ATOM   834  O O   . LEU A 1 107 ? 11.763  -0.318  8.576   1.00 27.10  ? 121 LEU A O   1 
ATOM   835  C CB  . LEU A 1 107 ? 14.652  -0.149  7.881   1.00 30.29  ? 121 LEU A CB  1 
ATOM   836  C CG  . LEU A 1 107 ? 14.649  -0.828  6.507   1.00 34.34  ? 121 LEU A CG  1 
ATOM   837  C CD1 . LEU A 1 107 ? 15.832  -0.479  5.677   1.00 40.58  ? 121 LEU A CD1 1 
ATOM   838  C CD2 . LEU A 1 107 ? 14.607  -2.319  6.620   1.00 37.46  ? 121 LEU A CD2 1 
ATOM   839  N N   . ILE A 1 108 ? 11.615  0.897   6.682   1.00 26.67  ? 122 ILE A N   1 
ATOM   840  C CA  . ILE A 1 108 ? 10.228  0.520   6.320   1.00 26.83  ? 122 ILE A CA  1 
ATOM   841  C C   . ILE A 1 108 ? 10.207  -0.377  5.110   1.00 30.04  ? 122 ILE A C   1 
ATOM   842  O O   . ILE A 1 108 ? 10.708  0.014   4.023   1.00 27.06  ? 122 ILE A O   1 
ATOM   843  C CB  . ILE A 1 108 ? 9.392   1.761   6.019   1.00 29.51  ? 122 ILE A CB  1 
ATOM   844  C CG1 . ILE A 1 108 ? 9.423   2.691   7.244   1.00 33.39  ? 122 ILE A CG1 1 
ATOM   845  C CG2 . ILE A 1 108 ? 7.940   1.343   5.677   1.00 31.58  ? 122 ILE A CG2 1 
ATOM   846  C CD1 . ILE A 1 108 ? 8.979   4.106   6.982   1.00 39.66  ? 122 ILE A CD1 1 
ATOM   847  N N   . THR A 1 109 ? 9.648   -1.573  5.281   1.00 27.66  ? 123 THR A N   1 
ATOM   848  C CA  . THR A 1 109 ? 9.652   -2.608  4.270   1.00 28.97  ? 123 THR A CA  1 
ATOM   849  C C   . THR A 1 109 ? 8.191   -2.737  3.664   1.00 30.27  ? 123 THR A C   1 
ATOM   850  O O   . THR A 1 109 ? 7.274   -3.048  4.403   1.00 24.67  ? 123 THR A O   1 
ATOM   851  C CB  . THR A 1 109 ? 10.121  -3.934  4.901   1.00 30.80  ? 123 THR A CB  1 
ATOM   852  O OG1 . THR A 1 109 ? 11.419  -3.727  5.477   1.00 29.69  ? 123 THR A OG1 1 
ATOM   853  C CG2 . THR A 1 109 ? 10.201  -5.097  3.848   1.00 30.06  ? 123 THR A CG2 1 
ATOM   854  N N   . PRO A 1 110 ? 8.012   -2.413  2.354   1.00 26.59  ? 124 PRO A N   1 
ATOM   855  C CA  . PRO A 1 110 ? 6.770   -2.618  1.620   1.00 27.81  ? 124 PRO A CA  1 
ATOM   856  C C   . PRO A 1 110 ? 6.613   -4.021  0.962   1.00 27.07  ? 124 PRO A C   1 
ATOM   857  O O   . PRO A 1 110 ? 7.517   -4.545  0.302   1.00 28.24  ? 124 PRO A O   1 
ATOM   858  C CB  . PRO A 1 110 ? 6.806   -1.517  0.566   1.00 28.64  ? 124 PRO A CB  1 
ATOM   859  C CG  . PRO A 1 110 ? 8.236   -1.237  0.306   1.00 28.29  ? 124 PRO A CG  1 
ATOM   860  C CD  . PRO A 1 110 ? 9.021   -1.736  1.503   1.00 28.76  ? 124 PRO A CD  1 
ATOM   861  N N   . PHE A 1 111 ? 5.447   -4.619  1.196   1.00 25.67  ? 125 PHE A N   1 
ATOM   862  C CA  . PHE A 1 111 ? 5.051   -5.890  0.610   1.00 26.61  ? 125 PHE A CA  1 
ATOM   863  C C   . PHE A 1 111 ? 3.849   -5.661  -0.284  1.00 28.21  ? 125 PHE A C   1 
ATOM   864  O O   . PHE A 1 111 ? 2.917   -4.905  0.103   1.00 25.96  ? 125 PHE A O   1 
ATOM   865  C CB  . PHE A 1 111 ? 4.681   -6.909  1.718   1.00 28.57  ? 125 PHE A CB  1 
ATOM   866  C CG  . PHE A 1 111 ? 5.842   -7.297  2.562   1.00 28.92  ? 125 PHE A CG  1 
ATOM   867  C CD1 . PHE A 1 111 ? 6.184   -6.540  3.672   1.00 30.73  ? 125 PHE A CD1 1 
ATOM   868  C CD2 . PHE A 1 111 ? 6.629   -8.394  2.213   1.00 28.00  ? 125 PHE A CD2 1 
ATOM   869  C CE1 . PHE A 1 111 ? 7.330   -6.862  4.422   1.00 29.06  ? 125 PHE A CE1 1 
ATOM   870  C CE2 . PHE A 1 111 ? 7.752   -8.731  2.957   1.00 27.06  ? 125 PHE A CE2 1 
ATOM   871  C CZ  . PHE A 1 111 ? 8.124   -7.947  4.021   1.00 26.97  ? 125 PHE A CZ  1 
ATOM   872  N N   . VAL A 1 112 ? 3.863   -6.275  -1.469  1.00 30.82  ? 126 VAL A N   1 
ATOM   873  C CA  . VAL A 1 112 ? 2.710   -6.212  -2.388  1.00 28.32  ? 126 VAL A CA  1 
ATOM   874  C C   . VAL A 1 112 ? 1.855   -7.463  -2.192  1.00 27.94  ? 126 VAL A C   1 
ATOM   875  O O   . VAL A 1 112 ? 2.357   -8.592  -2.195  1.00 28.16  ? 126 VAL A O   1 
ATOM   876  C CB  . VAL A 1 112 ? 3.069   -6.033  -3.873  1.00 28.50  ? 126 VAL A CB  1 
ATOM   877  C CG1 . VAL A 1 112 ? 1.761   -5.848  -4.717  1.00 26.98  ? 126 VAL A CG1 1 
ATOM   878  C CG2 . VAL A 1 112 ? 3.958   -4.795  -4.006  1.00 29.56  ? 126 VAL A CG2 1 
ATOM   879  N N   . GLY A 1 113 ? 0.550   -7.251  -1.989  1.00 29.74  ? 127 GLY A N   1 
ATOM   880  C CA  . GLY A 1 113 ? -0.373  -8.340  -1.732  1.00 28.88  ? 127 GLY A CA  1 
ATOM   881  C C   . GLY A 1 113 ? -1.538  -8.321  -2.703  1.00 29.04  ? 127 GLY A C   1 
ATOM   882  O O   . GLY A 1 113 ? -2.100  -7.270  -2.897  1.00 31.79  ? 127 GLY A O   1 
ATOM   883  N N   . LEU A 1 114 ? -1.898  -9.488  -3.272  1.00 30.04  ? 128 LEU A N   1 
ATOM   884  C CA  . LEU A 1 114 ? -3.143  -9.670  -4.079  1.00 33.77  ? 128 LEU A CA  1 
ATOM   885  C C   . LEU A 1 114 ? -4.315  -10.065 -3.202  1.00 31.37  ? 128 LEU A C   1 
ATOM   886  O O   . LEU A 1 114 ? -4.213  -11.038 -2.406  1.00 29.36  ? 128 LEU A O   1 
ATOM   887  C CB  . LEU A 1 114 ? -2.998  -10.771 -5.112  1.00 37.85  ? 128 LEU A CB  1 
ATOM   888  C CG  . LEU A 1 114 ? -1.780  -10.654 -6.007  1.00 48.45  ? 128 LEU A CG  1 
ATOM   889  C CD1 . LEU A 1 114 ? -1.613  -11.987 -6.727  1.00 55.50  ? 128 LEU A CD1 1 
ATOM   890  C CD2 . LEU A 1 114 ? -1.947  -9.494  -6.981  1.00 53.60  ? 128 LEU A CD2 1 
ATOM   891  N N   . ILE A 1 115 ? -5.386  -9.285  -3.308  1.00 29.89  ? 129 ILE A N   1 
ATOM   892  C CA  . ILE A 1 115 ? -6.550  -9.390  -2.390  1.00 30.99  ? 129 ILE A CA  1 
ATOM   893  C C   . ILE A 1 115 ? -7.671  -10.152 -3.062  1.00 33.05  ? 129 ILE A C   1 
ATOM   894  O O   . ILE A 1 115 ? -7.971  -9.919  -4.245  1.00 26.96  ? 129 ILE A O   1 
ATOM   895  C CB  . ILE A 1 115 ? -7.081  -7.976  -2.016  1.00 32.26  ? 129 ILE A CB  1 
ATOM   896  C CG1 . ILE A 1 115 ? -5.958  -7.118  -1.390  1.00 35.53  ? 129 ILE A CG1 1 
ATOM   897  C CG2 . ILE A 1 115 ? -8.259  -8.049  -1.063  1.00 33.34  ? 129 ILE A CG2 1 
ATOM   898  C CD1 . ILE A 1 115 ? -5.327  -7.735  -0.139  1.00 33.87  ? 129 ILE A CD1 1 
ATOM   899  N N   . ASP A 1 116 ? -8.267  -11.061 -2.299  1.00 32.57  ? 130 ASP A N   1 
ATOM   900  C CA  . ASP A 1 116 ? -9.427  -11.869 -2.707  1.00 33.63  ? 130 ASP A CA  1 
ATOM   901  C C   . ASP A 1 116 ? -10.621 -11.057 -3.183  1.00 32.24  ? 130 ASP A C   1 
ATOM   902  O O   . ASP A 1 116 ? -11.028 -10.083 -2.537  1.00 30.32  ? 130 ASP A O   1 
ATOM   903  C CB  . ASP A 1 116 ? -9.927  -12.716 -1.539  1.00 38.57  ? 130 ASP A CB  1 
ATOM   904  C CG  . ASP A 1 116 ? -10.987 -13.734 -1.978  1.00 47.01  ? 130 ASP A CG  1 
ATOM   905  O OD1 . ASP A 1 116 ? -10.616 -14.745 -2.653  1.00 45.34  ? 130 ASP A OD1 1 
ATOM   906  O OD2 . ASP A 1 116 ? -12.178 -13.481 -1.682  1.00 42.05  ? 130 ASP A OD2 1 
ATOM   907  N N   . HIS A 1 117 ? -11.230 -11.472 -4.289  1.00 32.31  ? 131 HIS A N   1 
ATOM   908  C CA  . HIS A 1 117 ? -12.360 -10.686 -4.834  1.00 35.65  ? 131 HIS A CA  1 
ATOM   909  C C   . HIS A 1 117 ? -13.557 -10.574 -3.898  1.00 34.05  ? 131 HIS A C   1 
ATOM   910  O O   . HIS A 1 117 ? -14.316 -9.669  -4.079  1.00 40.02  ? 131 HIS A O   1 
ATOM   911  C CB  . HIS A 1 117 ? -12.807 -11.176 -6.242  1.00 36.51  ? 131 HIS A CB  1 
ATOM   912  C CG  . HIS A 1 117 ? -13.618 -12.437 -6.236  1.00 40.69  ? 131 HIS A CG  1 
ATOM   913  N ND1 . HIS A 1 117 ? -13.104 -13.669 -5.867  1.00 42.99  ? 131 HIS A ND1 1 
ATOM   914  C CD2 . HIS A 1 117 ? -14.896 -12.668 -6.608  1.00 44.47  ? 131 HIS A CD2 1 
ATOM   915  C CE1 . HIS A 1 117 ? -14.042 -14.590 -5.965  1.00 42.50  ? 131 HIS A CE1 1 
ATOM   916  N NE2 . HIS A 1 117 ? -15.142 -14.011 -6.410  1.00 54.08  ? 131 HIS A NE2 1 
ATOM   917  N N   . ASN A 1 118 ? -13.752 -11.453 -2.898  1.00 36.60  ? 132 ASN A N   1 
ATOM   918  C CA  . ASN A 1 118 ? -14.902 -11.272 -1.959  1.00 38.89  ? 132 ASN A CA  1 
ATOM   919  C C   . ASN A 1 118 ? -14.569 -10.468 -0.696  1.00 42.30  ? 132 ASN A C   1 
ATOM   920  O O   . ASN A 1 118 ? -15.377 -10.423 0.227   1.00 34.54  ? 132 ASN A O   1 
ATOM   921  C CB  . ASN A 1 118 ? -15.522 -12.644 -1.569  1.00 41.72  ? 132 ASN A CB  1 
ATOM   922  C CG  . ASN A 1 118 ? -16.181 -13.337 -2.767  1.00 45.78  ? 132 ASN A CG  1 
ATOM   923  O OD1 . ASN A 1 118 ? -15.971 -14.530 -3.030  1.00 39.79  ? 132 ASN A OD1 1 
ATOM   924  N ND2 . ASN A 1 118 ? -16.882 -12.549 -3.562  1.00 42.37  ? 132 ASN A ND2 1 
ATOM   925  N N   . PHE A 1 119 ? -13.372 -9.863  -0.617  1.00 38.78  ? 133 PHE A N   1 
ATOM   926  C CA  . PHE A 1 119 ? -13.004 -9.109  0.575   1.00 37.22  ? 133 PHE A CA  1 
ATOM   927  C C   . PHE A 1 119 ? -13.796 -7.820  0.596   1.00 38.52  ? 133 PHE A C   1 
ATOM   928  O O   . PHE A 1 119 ? -13.941 -7.164  -0.434  1.00 36.97  ? 133 PHE A O   1 
ATOM   929  C CB  . PHE A 1 119 ? -11.483 -8.775  0.609   1.00 37.87  ? 133 PHE A CB  1 
ATOM   930  C CG  . PHE A 1 119 ? -11.139 -7.657  1.551   1.00 34.85  ? 133 PHE A CG  1 
ATOM   931  C CD1 . PHE A 1 119 ? -11.093 -7.876  2.917   1.00 36.49  ? 133 PHE A CD1 1 
ATOM   932  C CD2 . PHE A 1 119 ? -10.876 -6.382  1.067   1.00 35.66  ? 133 PHE A CD2 1 
ATOM   933  C CE1 . PHE A 1 119 ? -10.778 -6.836  3.785   1.00 38.98  ? 133 PHE A CE1 1 
ATOM   934  C CE2 . PHE A 1 119 ? -10.565 -5.342  1.934   1.00 37.05  ? 133 PHE A CE2 1 
ATOM   935  C CZ  . PHE A 1 119 ? -10.514 -5.577  3.293   1.00 34.28  ? 133 PHE A CZ  1 
ATOM   936  N N   . GLN A 1 120 ? -14.269 -7.432  1.778   1.00 41.78  ? 134 GLN A N   1 
ATOM   937  C CA  . GLN A 1 120 ? -14.882 -6.113  1.962   1.00 44.70  ? 134 GLN A CA  1 
ATOM   938  C C   . GLN A 1 120 ? -14.383 -5.448  3.238   1.00 40.89  ? 134 GLN A C   1 
ATOM   939  O O   . GLN A 1 120 ? -14.457 -6.045  4.309   1.00 34.52  ? 134 GLN A O   1 
ATOM   940  C CB  . GLN A 1 120 ? -16.385 -6.258  2.049   1.00 54.20  ? 134 GLN A CB  1 
ATOM   941  C CG  . GLN A 1 120 ? -16.997 -6.598  0.707   1.00 66.03  ? 134 GLN A CG  1 
ATOM   942  C CD  . GLN A 1 120 ? -18.439 -6.186  0.652   1.00 73.48  ? 134 GLN A CD  1 
ATOM   943  O OE1 . GLN A 1 120 ? -18.784 -5.211  -0.022  1.00 81.66  ? 134 GLN A OE1 1 
ATOM   944  N NE2 . GLN A 1 120 ? -19.291 -6.887  1.416   1.00 86.39  ? 134 GLN A NE2 1 
ATOM   945  N N   . ALA A 1 121 ? -13.906 -4.218  3.109   1.00 41.56  ? 135 ALA A N   1 
ATOM   946  C CA  . ALA A 1 121 ? -13.249 -3.534  4.220   1.00 46.87  ? 135 ALA A CA  1 
ATOM   947  C C   . ALA A 1 121 ? -14.201 -3.229  5.356   1.00 48.34  ? 135 ALA A C   1 
ATOM   948  O O   . ALA A 1 121 ? -15.293 -2.688  5.142   1.00 47.79  ? 135 ALA A O   1 
ATOM   949  C CB  . ALA A 1 121 ? -12.624 -2.247  3.744   1.00 47.84  ? 135 ALA A CB  1 
ATOM   950  N N   . GLN A 1 122 ? -13.751 -3.568  6.558   1.00 44.43  ? 136 GLN A N   1 
ATOM   951  C CA  . GLN A 1 122 ? -14.416 -3.229  7.817   1.00 44.80  ? 136 GLN A CA  1 
ATOM   952  C C   . GLN A 1 122 ? -13.509 -2.288  8.615   1.00 41.09  ? 136 GLN A C   1 
ATOM   953  O O   . GLN A 1 122 ? -12.701 -2.766  9.441   1.00 35.20  ? 136 GLN A O   1 
ATOM   954  C CB  . GLN A 1 122 ? -14.632 -4.529  8.612   1.00 46.10  ? 136 GLN A CB  1 
ATOM   955  C CG  . GLN A 1 122 ? -15.662 -5.442  7.967   1.00 55.79  ? 136 GLN A CG  1 
ATOM   956  C CD  . GLN A 1 122 ? -15.823 -6.724  8.751   1.00 61.84  ? 136 GLN A CD  1 
ATOM   957  O OE1 . GLN A 1 122 ? -15.272 -7.753  8.401   1.00 65.99  ? 136 GLN A OE1 1 
ATOM   958  N NE2 . GLN A 1 122 ? -16.552 -6.646  9.864   1.00 73.07  ? 136 GLN A NE2 1 
ATOM   959  N N   . PRO A 1 123 ? -13.570 -0.977  8.327   1.00 38.15  ? 137 PRO A N   1 
ATOM   960  C CA  . PRO A 1 123 ? -12.608 -0.090  8.969   1.00 42.69  ? 137 PRO A CA  1 
ATOM   961  C C   . PRO A 1 123 ? -12.788 -0.027  10.484  1.00 42.96  ? 137 PRO A C   1 
ATOM   962  O O   . PRO A 1 123 ? -13.895 0.195   10.962  1.00 47.95  ? 137 PRO A O   1 
ATOM   963  C CB  . PRO A 1 123 ? -12.885 1.269   8.343   1.00 42.50  ? 137 PRO A CB  1 
ATOM   964  C CG  . PRO A 1 123 ? -13.988 1.110   7.385   1.00 44.88  ? 137 PRO A CG  1 
ATOM   965  C CD  . PRO A 1 123 ? -14.197 -0.347  7.159   1.00 44.18  ? 137 PRO A CD  1 
ATOM   966  N N   . ASN A 1 124 ? -11.711 -0.251  11.206  1.00 39.87  ? 138 ASN A N   1 
ATOM   967  C CA  . ASN A 1 124 ? -11.649 -0.018  12.619  1.00 38.89  ? 138 ASN A CA  1 
ATOM   968  C C   . ASN A 1 124 ? -11.561 1.501   12.939  1.00 41.47  ? 138 ASN A C   1 
ATOM   969  O O   . ASN A 1 124 ? -10.513 2.084   12.746  1.00 35.48  ? 138 ASN A O   1 
ATOM   970  C CB  . ASN A 1 124 ? -10.444 -0.766  13.213  1.00 42.40  ? 138 ASN A CB  1 
ATOM   971  C CG  . ASN A 1 124 ? -10.215 -0.443  14.679  1.00 45.11  ? 138 ASN A CG  1 
ATOM   972  O OD1 . ASN A 1 124 ? -10.955 0.351   15.280  1.00 52.78  ? 138 ASN A OD1 1 
ATOM   973  N ND2 . ASN A 1 124 ? -9.170  -1.029  15.259  1.00 41.18  ? 138 ASN A ND2 1 
ATOM   974  N N   . PRO A 1 125 ? -12.642 2.111   13.507  1.00 40.92  ? 139 PRO A N   1 
ATOM   975  C CA  . PRO A 1 125 ? -12.682 3.580   13.687  1.00 41.83  ? 139 PRO A CA  1 
ATOM   976  C C   . PRO A 1 125 ? -11.651 4.196   14.665  1.00 37.14  ? 139 PRO A C   1 
ATOM   977  O O   . PRO A 1 125 ? -11.406 5.412   14.592  1.00 41.67  ? 139 PRO A O   1 
ATOM   978  C CB  . PRO A 1 125 ? -14.135 3.865   14.162  1.00 40.40  ? 139 PRO A CB  1 
ATOM   979  C CG  . PRO A 1 125 ? -14.601 2.597   14.758  1.00 39.53  ? 139 PRO A CG  1 
ATOM   980  C CD  . PRO A 1 125 ? -13.802 1.451   14.144  1.00 40.49  ? 139 PRO A CD  1 
ATOM   981  N N   . ALA A 1 126 ? -11.074 3.401   15.551  1.00 36.12  ? 140 ALA A N   1 
ATOM   982  C CA  . ALA A 1 126 ? -9.987  3.896   16.405  1.00 38.36  ? 140 ALA A CA  1 
ATOM   983  C C   . ALA A 1 126 ? -8.678  4.104   15.627  1.00 44.70  ? 140 ALA A C   1 
ATOM   984  O O   . ALA A 1 126 ? -7.774  4.776   16.130  1.00 46.04  ? 140 ALA A O   1 
ATOM   985  C CB  . ALA A 1 126 ? -9.725  2.949   17.565  1.00 39.63  ? 140 ALA A CB  1 
ATOM   986  N N   . GLU A 1 127 ? -8.531  3.486   14.449  1.00 44.39  ? 141 GLU A N   1 
ATOM   987  C CA  . GLU A 1 127 ? -7.299  3.644   13.630  1.00 43.67  ? 141 GLU A CA  1 
ATOM   988  C C   . GLU A 1 127 ? -7.503  4.263   12.262  1.00 40.06  ? 141 GLU A C   1 
ATOM   989  O O   . GLU A 1 127 ? -6.659  4.984   11.775  1.00 34.55  ? 141 GLU A O   1 
ATOM   990  C CB  . GLU A 1 127 ? -6.638  2.296   13.512  1.00 49.67  ? 141 GLU A CB  1 
ATOM   991  C CG  . GLU A 1 127 ? -5.899  1.975   14.811  1.00 54.47  ? 141 GLU A CG  1 
ATOM   992  C CD  . GLU A 1 127 ? -5.610  0.537   15.003  1.00 55.96  ? 141 GLU A CD  1 
ATOM   993  O OE1 . GLU A 1 127 ? -5.232  0.180   16.133  1.00 64.32  ? 141 GLU A OE1 1 
ATOM   994  O OE2 . GLU A 1 127 ? -5.752  -0.231  14.042  1.00 67.89  ? 141 GLU A OE2 1 
ATOM   995  N N   . VAL A 1 128 ? -8.662  4.027   11.675  1.00 35.96  ? 142 VAL A N   1 
ATOM   996  C CA  . VAL A 1 128 ? -8.894  4.340   10.293  1.00 38.77  ? 142 VAL A CA  1 
ATOM   997  C C   . VAL A 1 128 ? -10.222 5.081   10.195  1.00 39.32  ? 142 VAL A C   1 
ATOM   998  O O   . VAL A 1 128 ? -11.273 4.548   10.582  1.00 40.54  ? 142 VAL A O   1 
ATOM   999  C CB  . VAL A 1 128 ? -8.903  3.007   9.490   1.00 39.25  ? 142 VAL A CB  1 
ATOM   1000 C CG1 . VAL A 1 128 ? -9.609  3.150   8.166   1.00 39.09  ? 142 VAL A CG1 1 
ATOM   1001 C CG2 . VAL A 1 128 ? -7.465  2.537   9.284   1.00 37.95  ? 142 VAL A CG2 1 
ATOM   1002 N N   . LYS A 1 129 ? -10.161 6.280   9.641   1.00 40.50  ? 143 LYS A N   1 
ATOM   1003 C CA  . LYS A 1 129 ? -11.352 7.090   9.361   1.00 42.79  ? 143 LYS A CA  1 
ATOM   1004 C C   . LYS A 1 129 ? -12.053 6.755   8.016   1.00 44.22  ? 143 LYS A C   1 
ATOM   1005 O O   . LYS A 1 129 ? -13.249 7.009   7.854   1.00 38.07  ? 143 LYS A O   1 
ATOM   1006 C CB  . LYS A 1 129 ? -10.917 8.540   9.334   1.00 45.32  ? 143 LYS A CB  1 
ATOM   1007 C CG  . LYS A 1 129 ? -12.049 9.502   9.295   1.00 55.26  ? 143 LYS A CG  1 
ATOM   1008 C CD  . LYS A 1 129 ? -11.539 10.905  9.530   1.00 60.25  ? 143 LYS A CD  1 
ATOM   1009 C CE  . LYS A 1 129 ? -10.612 11.341  8.429   1.00 62.15  ? 143 LYS A CE  1 
ATOM   1010 N NZ  . LYS A 1 129 ? -10.826 12.798  8.262   1.00 70.53  ? 143 LYS A NZ  1 
ATOM   1011 N N   . ASP A 1 130 ? -11.304 6.259   7.032   1.00 37.87  ? 144 ASP A N   1 
ATOM   1012 C CA  . ASP A 1 130 ? -11.853 5.959   5.718   1.00 37.82  ? 144 ASP A CA  1 
ATOM   1013 C C   . ASP A 1 130 ? -10.952 4.925   5.021   1.00 40.20  ? 144 ASP A C   1 
ATOM   1014 O O   . ASP A 1 130 ? -9.769  4.751   5.397   1.00 36.99  ? 144 ASP A O   1 
ATOM   1015 C CB  . ASP A 1 130 ? -11.964 7.270   4.913   1.00 37.82  ? 144 ASP A CB  1 
ATOM   1016 C CG  . ASP A 1 130 ? -12.883 7.175   3.721   1.00 39.62  ? 144 ASP A CG  1 
ATOM   1017 O OD1 . ASP A 1 130 ? -13.510 6.117   3.493   1.00 34.44  ? 144 ASP A OD1 1 
ATOM   1018 O OD2 . ASP A 1 130 ? -12.988 8.195   2.982   1.00 39.64  ? 144 ASP A OD2 1 
ATOM   1019 N N   . VAL A 1 131 ? -11.550 4.198   4.070   1.00 36.71  ? 145 VAL A N   1 
ATOM   1020 C CA  . VAL A 1 131 ? -10.869 3.239   3.181   1.00 35.66  ? 145 VAL A CA  1 
ATOM   1021 C C   . VAL A 1 131 ? -11.366 3.516   1.760   1.00 35.46  ? 145 VAL A C   1 
ATOM   1022 O O   . VAL A 1 131 ? -12.551 3.694   1.577   1.00 41.60  ? 145 VAL A O   1 
ATOM   1023 C CB  . VAL A 1 131 ? -11.186 1.795   3.599   1.00 37.65  ? 145 VAL A CB  1 
ATOM   1024 C CG1 . VAL A 1 131 ? -10.640 0.802   2.586   1.00 40.55  ? 145 VAL A CG1 1 
ATOM   1025 C CG2 . VAL A 1 131 ? -10.581 1.479   4.976   1.00 39.47  ? 145 VAL A CG2 1 
ATOM   1026 N N   . PHE A 1 132 ? -10.478 3.655   0.780   1.00 31.78  ? 146 PHE A N   1 
ATOM   1027 C CA  . PHE A 1 132 ? -10.848 3.908   -0.628  1.00 29.75  ? 146 PHE A CA  1 
ATOM   1028 C C   . PHE A 1 132 ? -9.886  3.233   -1.636  1.00 32.97  ? 146 PHE A C   1 
ATOM   1029 O O   . PHE A 1 132 ? -8.726  2.908   -1.310  1.00 28.94  ? 146 PHE A O   1 
ATOM   1030 C CB  . PHE A 1 132 ? -10.937 5.416   -0.928  1.00 33.70  ? 146 PHE A CB  1 
ATOM   1031 C CG  . PHE A 1 132 ? -9.610  6.165   -0.833  1.00 34.09  ? 146 PHE A CG  1 
ATOM   1032 C CD1 . PHE A 1 132 ? -9.057  6.468   0.404   1.00 35.69  ? 146 PHE A CD1 1 
ATOM   1033 C CD2 . PHE A 1 132 ? -8.930  6.561   -1.979  1.00 35.21  ? 146 PHE A CD2 1 
ATOM   1034 C CE1 . PHE A 1 132 ? -7.849  7.158   0.492   1.00 37.57  ? 146 PHE A CE1 1 
ATOM   1035 C CE2 . PHE A 1 132 ? -7.731  7.235   -1.897  1.00 35.99  ? 146 PHE A CE2 1 
ATOM   1036 C CZ  . PHE A 1 132 ? -7.189  7.530   -0.669  1.00 38.18  ? 146 PHE A CZ  1 
ATOM   1037 N N   . LEU A 1 133 ? -10.368 3.076   -2.872  1.00 31.05  ? 147 LEU A N   1 
ATOM   1038 C CA  . LEU A 1 133 ? -9.598  2.435   -3.930  1.00 33.86  ? 147 LEU A CA  1 
ATOM   1039 C C   . LEU A 1 133 ? -9.201  3.480   -4.963  1.00 35.61  ? 147 LEU A C   1 
ATOM   1040 O O   . LEU A 1 133 ? -9.970  4.403   -5.202  1.00 38.18  ? 147 LEU A O   1 
ATOM   1041 C CB  . LEU A 1 133 ? -10.404 1.356   -4.642  1.00 34.64  ? 147 LEU A CB  1 
ATOM   1042 C CG  . LEU A 1 133 ? -10.850 0.111   -3.893  1.00 37.38  ? 147 LEU A CG  1 
ATOM   1043 C CD1 . LEU A 1 133 ? -11.607 -0.803  -4.831  1.00 39.63  ? 147 LEU A CD1 1 
ATOM   1044 C CD2 . LEU A 1 133 ? -9.692  -0.644  -3.301  1.00 34.73  ? 147 LEU A CD2 1 
ATOM   1045 N N   . VAL A 1 134 ? -8.022  3.336   -5.588  1.00 31.87  ? 148 VAL A N   1 
ATOM   1046 C CA  . VAL A 1 134 ? -7.657  4.167   -6.739  1.00 31.40  ? 148 VAL A CA  1 
ATOM   1047 C C   . VAL A 1 134 ? -7.240  3.237   -7.885  1.00 31.83  ? 148 VAL A C   1 
ATOM   1048 O O   . VAL A 1 134 ? -6.428  2.327   -7.707  1.00 30.49  ? 148 VAL A O   1 
ATOM   1049 C CB  . VAL A 1 134 ? -6.504  5.174   -6.406  1.00 31.73  ? 148 VAL A CB  1 
ATOM   1050 C CG1 . VAL A 1 134 ? -6.187  6.071   -7.592  1.00 33.00  ? 148 VAL A CG1 1 
ATOM   1051 C CG2 . VAL A 1 134 ? -6.803  6.008   -5.168  1.00 30.73  ? 148 VAL A CG2 1 
ATOM   1052 N N   . PRO A 1 135 ? -7.768  3.461   -9.101  1.00 30.34  ? 149 PRO A N   1 
ATOM   1053 C CA  . PRO A 1 135 ? -7.211  2.652   -10.178 1.00 30.57  ? 149 PRO A CA  1 
ATOM   1054 C C   . PRO A 1 135 ? -5.685  2.816   -10.320 1.00 29.70  ? 149 PRO A C   1 
ATOM   1055 O O   . PRO A 1 135 ? -5.183  3.936   -10.231 1.00 29.97  ? 149 PRO A O   1 
ATOM   1056 C CB  . PRO A 1 135 ? -7.912  3.199   -11.433 1.00 35.27  ? 149 PRO A CB  1 
ATOM   1057 C CG  . PRO A 1 135 ? -9.135  3.924   -10.934 1.00 33.71  ? 149 PRO A CG  1 
ATOM   1058 C CD  . PRO A 1 135 ? -8.732  4.454   -9.591  1.00 33.64  ? 149 PRO A CD  1 
ATOM   1059 N N   . LEU A 1 136 ? -4.979  1.707   -10.543 1.00 28.33  ? 150 LEU A N   1 
ATOM   1060 C CA  . LEU A 1 136 ? -3.534  1.720   -10.658 1.00 29.91  ? 150 LEU A CA  1 
ATOM   1061 C C   . LEU A 1 136 ? -3.096  2.663   -11.779 1.00 32.29  ? 150 LEU A C   1 
ATOM   1062 O O   . LEU A 1 136 ? -2.139  3.439   -11.612 1.00 30.14  ? 150 LEU A O   1 
ATOM   1063 C CB  . LEU A 1 136 ? -2.991  0.282   -10.821 1.00 29.16  ? 150 LEU A CB  1 
ATOM   1064 C CG  . LEU A 1 136 ? -1.493  0.056   -10.679 1.00 29.86  ? 150 LEU A CG  1 
ATOM   1065 C CD1 . LEU A 1 136 ? -0.974  0.512   -9.314  1.00 30.77  ? 150 LEU A CD1 1 
ATOM   1066 C CD2 . LEU A 1 136 ? -1.189  -1.421  -10.895 1.00 30.13  ? 150 LEU A CD2 1 
ATOM   1067 N N   . ALA A 1 137 ? -3.849  2.676   -12.876 1.00 30.43  ? 151 ALA A N   1 
ATOM   1068 C CA  . ALA A 1 137 ? -3.497  3.526   -14.019 1.00 30.86  ? 151 ALA A CA  1 
ATOM   1069 C C   . ALA A 1 137 ? -3.486  5.030   -13.738 1.00 31.27  ? 151 ALA A C   1 
ATOM   1070 O O   . ALA A 1 137 ? -2.862  5.783   -14.483 1.00 36.08  ? 151 ALA A O   1 
ATOM   1071 C CB  . ALA A 1 137 ? -4.437  3.241   -15.198 1.00 32.56  ? 151 ALA A CB  1 
ATOM   1072 N N   . TYR A 1 138 ? -4.187  5.487   -12.708 1.00 30.72  ? 152 TYR A N   1 
ATOM   1073 C CA  . TYR A 1 138 ? -4.188  6.902   -12.356 1.00 31.76  ? 152 TYR A CA  1 
ATOM   1074 C C   . TYR A 1 138 ? -2.754  7.426   -12.100 1.00 34.26  ? 152 TYR A C   1 
ATOM   1075 O O   . TYR A 1 138 ? -2.421  8.600   -12.359 1.00 35.33  ? 152 TYR A O   1 
ATOM   1076 C CB  . TYR A 1 138 ? -5.072  7.125   -11.117 1.00 30.93  ? 152 TYR A CB  1 
ATOM   1077 C CG  . TYR A 1 138 ? -4.859  8.458   -10.494 1.00 30.90  ? 152 TYR A CG  1 
ATOM   1078 C CD1 . TYR A 1 138 ? -5.564  9.580   -10.945 1.00 32.22  ? 152 TYR A CD1 1 
ATOM   1079 C CD2 . TYR A 1 138 ? -3.907  8.619   -9.487  1.00 32.23  ? 152 TYR A CD2 1 
ATOM   1080 C CE1 . TYR A 1 138 ? -5.334  10.816  -10.391 1.00 32.56  ? 152 TYR A CE1 1 
ATOM   1081 C CE2 . TYR A 1 138 ? -3.670  9.855   -8.926  1.00 33.56  ? 152 TYR A CE2 1 
ATOM   1082 C CZ  . TYR A 1 138 ? -4.360  10.954  -9.389  1.00 33.03  ? 152 TYR A CZ  1 
ATOM   1083 O OH  . TYR A 1 138 ? -4.109  12.187  -8.809  1.00 38.37  ? 152 TYR A OH  1 
ATOM   1084 N N   . PHE A 1 139 ? -1.931  6.549   -11.547 1.00 34.35  ? 153 PHE A N   1 
ATOM   1085 C CA  . PHE A 1 139 ? -0.573  6.914   -11.162 1.00 35.34  ? 153 PHE A CA  1 
ATOM   1086 C C   . PHE A 1 139 ? 0.397   7.163   -12.339 1.00 38.65  ? 153 PHE A C   1 
ATOM   1087 O O   . PHE A 1 139 ? 1.486   7.716   -12.134 1.00 36.77  ? 153 PHE A O   1 
ATOM   1088 C CB  . PHE A 1 139 ? -0.048  5.946   -10.100 1.00 30.61  ? 153 PHE A CB  1 
ATOM   1089 C CG  . PHE A 1 139 ? -0.844  6.020   -8.852  1.00 31.08  ? 153 PHE A CG  1 
ATOM   1090 C CD1 . PHE A 1 139 ? -0.758  7.144   -8.027  1.00 33.13  ? 153 PHE A CD1 1 
ATOM   1091 C CD2 . PHE A 1 139 ? -1.785  5.054   -8.551  1.00 31.02  ? 153 PHE A CD2 1 
ATOM   1092 C CE1 . PHE A 1 139 ? -1.545  7.252   -6.882  1.00 33.45  ? 153 PHE A CE1 1 
ATOM   1093 C CE2 . PHE A 1 139 ? -2.565  5.148   -7.422  1.00 29.65  ? 153 PHE A CE2 1 
ATOM   1094 C CZ  . PHE A 1 139 ? -2.455  6.242   -6.580  1.00 32.62  ? 153 PHE A CZ  1 
ATOM   1095 N N   . LEU A 1 140 ? -0.020  6.814   -13.546 1.00 35.68  ? 154 LEU A N   1 
ATOM   1096 C CA  . LEU A 1 140 ? 0.743   7.155   -14.742 1.00 38.54  ? 154 LEU A CA  1 
ATOM   1097 C C   . LEU A 1 140 ? 0.386   8.523   -15.292 1.00 37.84  ? 154 LEU A C   1 
ATOM   1098 O O   . LEU A 1 140 ? 1.126   9.053   -16.119 1.00 42.90  ? 154 LEU A O   1 
ATOM   1099 C CB  . LEU A 1 140 ? 0.545   6.113   -15.852 1.00 38.52  ? 154 LEU A CB  1 
ATOM   1100 C CG  . LEU A 1 140 ? 0.765   4.638   -15.544 1.00 42.28  ? 154 LEU A CG  1 
ATOM   1101 C CD1 . LEU A 1 140 ? 0.448   3.826   -16.782 1.00 43.59  ? 154 LEU A CD1 1 
ATOM   1102 C CD2 . LEU A 1 140 ? 2.185   4.356   -15.087 1.00 40.64  ? 154 LEU A CD2 1 
ATOM   1103 N N   . HIS A 1 141 ? -0.748  9.094   -14.888 1.00 37.95  ? 155 HIS A N   1 
ATOM   1104 C CA  . HIS A 1 141 ? -1.155  10.442  -15.327 1.00 39.06  ? 155 HIS A CA  1 
ATOM   1105 C C   . HIS A 1 141 ? -1.924  11.118  -14.197 1.00 40.49  ? 155 HIS A C   1 
ATOM   1106 O O   . HIS A 1 141 ? -3.138  11.367  -14.298 1.00 34.99  ? 155 HIS A O   1 
ATOM   1107 C CB  . HIS A 1 141 ? -2.029  10.371  -16.576 1.00 40.07  ? 155 HIS A CB  1 
ATOM   1108 C CG  . HIS A 1 141 ? -1.336  9.806   -17.775 1.00 42.84  ? 155 HIS A CG  1 
ATOM   1109 N ND1 . HIS A 1 141 ? -0.310  10.467  -18.427 1.00 47.07  ? 155 HIS A ND1 1 
ATOM   1110 C CD2 . HIS A 1 141 ? -1.510  8.636   -18.433 1.00 45.69  ? 155 HIS A CD2 1 
ATOM   1111 C CE1 . HIS A 1 141 ? 0.107   9.728   -19.445 1.00 49.26  ? 155 HIS A CE1 1 
ATOM   1112 N NE2 . HIS A 1 141 ? -0.613  8.615   -19.479 1.00 43.95  ? 155 HIS A NE2 1 
ATOM   1113 N N   . PRO A 1 142 ? -1.225  11.399  -13.091 1.00 38.61  ? 156 PRO A N   1 
ATOM   1114 C CA  . PRO A 1 142 ? -1.950  11.936  -11.936 1.00 43.31  ? 156 PRO A CA  1 
ATOM   1115 C C   . PRO A 1 142 ? -2.257  13.442  -12.072 1.00 46.27  ? 156 PRO A C   1 
ATOM   1116 O O   . PRO A 1 142 ? -1.702  14.116  -12.943 1.00 45.99  ? 156 PRO A O   1 
ATOM   1117 C CB  . PRO A 1 142 ? -0.977  11.658  -10.768 1.00 46.07  ? 156 PRO A CB  1 
ATOM   1118 C CG  . PRO A 1 142 ? 0.386   11.634  -11.410 1.00 42.54  ? 156 PRO A CG  1 
ATOM   1119 C CD  . PRO A 1 142 ? 0.198   11.129  -12.802 1.00 40.38  ? 156 PRO A CD  1 
ATOM   1120 N N   . GLN A 1 143 ? -3.149  13.944  -11.235 1.00 44.72  ? 157 GLN A N   1 
ATOM   1121 C CA  . GLN A 1 143 ? -3.400  15.379  -11.112 1.00 51.18  ? 157 GLN A CA  1 
ATOM   1122 C C   . GLN A 1 143 ? -2.497  15.901  -9.988  1.00 53.66  ? 157 GLN A C   1 
ATOM   1123 O O   . GLN A 1 143 ? -2.780  15.650  -8.793  1.00 48.09  ? 157 GLN A O   1 
ATOM   1124 C CB  . GLN A 1 143 ? -4.899  15.666  -10.839 1.00 55.67  ? 157 GLN A CB  1 
ATOM   1125 C CG  . GLN A 1 143 ? -5.227  17.152  -10.621 1.00 67.34  ? 157 GLN A CG  1 
ATOM   1126 C CD  . GLN A 1 143 ? -6.713  17.431  -10.412 1.00 76.35  ? 157 GLN A CD  1 
ATOM   1127 O OE1 . GLN A 1 143 ? -7.527  17.126  -11.281 1.00 85.74  ? 157 GLN A OE1 1 
ATOM   1128 N NE2 . GLN A 1 143 ? -7.072  18.028  -9.261  1.00 75.71  ? 157 GLN A NE2 1 
ATOM   1129 N N   . VAL A 1 144 ? -1.425  16.612  -10.383 1.00 52.12  ? 158 VAL A N   1 
ATOM   1130 C CA  . VAL A 1 144 ? -0.363  17.061  -9.469  1.00 59.36  ? 158 VAL A CA  1 
ATOM   1131 C C   . VAL A 1 144 ? -0.629  18.495  -8.976  1.00 60.76  ? 158 VAL A C   1 
ATOM   1132 O O   . VAL A 1 144 ? -1.103  19.337  -9.731  1.00 61.25  ? 158 VAL A O   1 
ATOM   1133 C CB  . VAL A 1 144 ? 1.045   16.966  -10.132 1.00 59.80  ? 158 VAL A CB  1 
ATOM   1134 C CG1 . VAL A 1 144 ? 2.131   17.525  -9.216  1.00 60.02  ? 158 VAL A CG1 1 
ATOM   1135 C CG2 . VAL A 1 144 ? 1.374   15.531  -10.511 1.00 58.98  ? 158 VAL A CG2 1 
ATOM   1136 N N   . HIS A 1 145 ? -0.338  18.729  -7.699  1.00 63.24  ? 159 HIS A N   1 
ATOM   1137 C CA  . HIS A 1 145 ? -0.473  20.025  -7.036  1.00 72.23  ? 159 HIS A CA  1 
ATOM   1138 C C   . HIS A 1 145 ? 0.832   20.279  -6.318  1.00 74.53  ? 159 HIS A C   1 
ATOM   1139 O O   . HIS A 1 145 ? 1.449   19.349  -5.795  1.00 70.90  ? 159 HIS A O   1 
ATOM   1140 C CB  . HIS A 1 145 ? -1.645  20.034  -6.041  1.00 74.73  ? 159 HIS A CB  1 
ATOM   1141 C CG  . HIS A 1 145 ? -2.960  20.349  -6.680  1.00 92.20  ? 159 HIS A CG  1 
ATOM   1142 N ND1 . HIS A 1 145 ? -3.491  19.590  -7.704  1.00 102.77 ? 159 HIS A ND1 1 
ATOM   1143 C CD2 . HIS A 1 145 ? -3.841  21.356  -6.465  1.00 103.87 ? 159 HIS A CD2 1 
ATOM   1144 C CE1 . HIS A 1 145 ? -4.646  20.109  -8.084  1.00 104.38 ? 159 HIS A CE1 1 
ATOM   1145 N NE2 . HIS A 1 145 ? -4.882  21.181  -7.348  1.00 108.80 ? 159 HIS A NE2 1 
ATOM   1146 N N   . ASP A 1 146 ? 1.256   21.536  -6.308  1.00 79.06  ? 160 ASP A N   1 
ATOM   1147 C CA  . ASP A 1 146 ? 2.526   21.928  -5.707  1.00 84.80  ? 160 ASP A CA  1 
ATOM   1148 C C   . ASP A 1 146 ? 2.307   22.708  -4.401  1.00 83.79  ? 160 ASP A C   1 
ATOM   1149 O O   . ASP A 1 146 ? 1.852   23.843  -4.440  1.00 85.82  ? 160 ASP A O   1 
ATOM   1150 C CB  . ASP A 1 146 ? 3.318   22.732  -6.731  1.00 87.56  ? 160 ASP A CB  1 
ATOM   1151 C CG  . ASP A 1 146 ? 3.833   21.866  -7.860  1.00 91.39  ? 160 ASP A CG  1 
ATOM   1152 O OD1 . ASP A 1 146 ? 3.011   21.168  -8.488  1.00 97.50  ? 160 ASP A OD1 1 
ATOM   1153 O OD2 . ASP A 1 146 ? 5.057   21.861  -8.111  1.00 96.59  ? 160 ASP A OD2 1 
ATOM   1154 N N   . GLN A 1 147 ? 2.613   22.090  -3.257  1.00 80.54  ? 161 GLN A N   1 
ATOM   1155 C CA  . GLN A 1 147 ? 2.403   22.719  -1.942  1.00 85.05  ? 161 GLN A CA  1 
ATOM   1156 C C   . GLN A 1 147 ? 3.518   23.718  -1.604  1.00 85.73  ? 161 GLN A C   1 
ATOM   1157 O O   . GLN A 1 147 ? 4.695   23.447  -1.827  1.00 84.92  ? 161 GLN A O   1 
ATOM   1158 C CB  . GLN A 1 147 ? 2.305   21.657  -0.841  1.00 84.09  ? 161 GLN A CB  1 
ATOM   1159 N N   . ILE A 1 158 ? 8.856   23.887  -2.888  1.00 105.24 ? 172 ILE A N   1 
ATOM   1160 C CA  . ILE A 1 158 ? 7.720   23.429  -3.694  1.00 112.04 ? 172 ILE A CA  1 
ATOM   1161 C C   . ILE A 1 158 ? 7.751   21.875  -3.818  1.00 104.75 ? 172 ILE A C   1 
ATOM   1162 O O   . ILE A 1 158 ? 8.813   21.283  -4.003  1.00 94.98  ? 172 ILE A O   1 
ATOM   1163 C CB  . ILE A 1 158 ? 7.674   24.207  -5.053  1.00 118.31 ? 172 ILE A CB  1 
ATOM   1164 C CG1 . ILE A 1 158 ? 7.152   25.670  -4.865  1.00 115.43 ? 172 ILE A CG1 1 
ATOM   1165 C CG2 . ILE A 1 158 ? 6.898   23.452  -6.129  1.00 120.97 ? 172 ILE A CG2 1 
ATOM   1166 C CD1 . ILE A 1 158 ? 5.695   25.867  -4.443  1.00 105.97 ? 172 ILE A CD1 1 
ATOM   1167 N N   . ASN A 1 159 ? 6.575   21.242  -3.724  1.00 103.93 ? 173 ASN A N   1 
ATOM   1168 C CA  . ASN A 1 159 ? 6.433   19.821  -3.331  1.00 93.68  ? 173 ASN A CA  1 
ATOM   1169 C C   . ASN A 1 159 ? 5.254   19.101  -4.023  1.00 86.01  ? 173 ASN A C   1 
ATOM   1170 O O   . ASN A 1 159 ? 4.127   19.581  -3.948  1.00 82.88  ? 173 ASN A O   1 
ATOM   1171 C CB  . ASN A 1 159 ? 6.178   19.801  -1.826  1.00 90.64  ? 173 ASN A CB  1 
ATOM   1172 C CG  . ASN A 1 159 ? 6.260   18.422  -1.237  1.00 87.13  ? 173 ASN A CG  1 
ATOM   1173 O OD1 . ASN A 1 159 ? 7.290   17.766  -1.324  1.00 88.99  ? 173 ASN A OD1 1 
ATOM   1174 N ND2 . ASN A 1 159 ? 5.182   17.984  -0.610  1.00 85.16  ? 173 ASN A ND2 1 
ATOM   1175 N N   . HIS A 1 160 ? 5.504   17.937  -4.635  1.00 79.57  ? 174 HIS A N   1 
ATOM   1176 C CA  . HIS A 1 160 ? 4.490   17.238  -5.475  1.00 74.80  ? 174 HIS A CA  1 
ATOM   1177 C C   . HIS A 1 160 ? 3.443   16.389  -4.711  1.00 66.57  ? 174 HIS A C   1 
ATOM   1178 O O   . HIS A 1 160 ? 3.774   15.385  -4.082  1.00 67.49  ? 174 HIS A O   1 
ATOM   1179 C CB  . HIS A 1 160 ? 5.166   16.363  -6.540  1.00 75.48  ? 174 HIS A CB  1 
ATOM   1180 C CG  . HIS A 1 160 ? 6.073   17.121  -7.459  1.00 80.81  ? 174 HIS A CG  1 
ATOM   1181 N ND1 . HIS A 1 160 ? 5.788   18.397  -7.900  1.00 85.02  ? 174 HIS A ND1 1 
ATOM   1182 C CD2 . HIS A 1 160 ? 7.253   16.779  -8.030  1.00 84.68  ? 174 HIS A CD2 1 
ATOM   1183 C CE1 . HIS A 1 160 ? 6.758   18.812  -8.697  1.00 86.44  ? 174 HIS A CE1 1 
ATOM   1184 N NE2 . HIS A 1 160 ? 7.656   17.846  -8.796  1.00 88.66  ? 174 HIS A NE2 1 
ATOM   1185 N N   . ILE A 1 161 ? 2.182   16.811  -4.813  1.00 58.00  ? 175 ILE A N   1 
ATOM   1186 C CA  . ILE A 1 161 ? 1.036   16.203  -4.153  1.00 56.53  ? 175 ILE A CA  1 
ATOM   1187 C C   . ILE A 1 161 ? 0.049   15.735  -5.227  1.00 52.06  ? 175 ILE A C   1 
ATOM   1188 O O   . ILE A 1 161 ? -0.296  16.509  -6.131  1.00 48.33  ? 175 ILE A O   1 
ATOM   1189 C CB  . ILE A 1 161 ? 0.351   17.242  -3.223  1.00 60.33  ? 175 ILE A CB  1 
ATOM   1190 C CG1 . ILE A 1 161 ? 1.213   17.450  -1.973  1.00 69.13  ? 175 ILE A CG1 1 
ATOM   1191 C CG2 . ILE A 1 161 ? -1.047  16.810  -2.793  1.00 59.92  ? 175 ILE A CG2 1 
ATOM   1192 C CD1 . ILE A 1 161 ? 0.847   18.675  -1.150  1.00 70.13  ? 175 ILE A CD1 1 
ATOM   1193 N N   . PHE A 1 162 ? -0.433  14.494  -5.112  1.00 43.58  ? 176 PHE A N   1 
ATOM   1194 C CA  . PHE A 1 162 ? -1.497  13.983  -5.996  1.00 43.02  ? 176 PHE A CA  1 
ATOM   1195 C C   . PHE A 1 162 ? -2.898  14.222  -5.421  1.00 39.87  ? 176 PHE A C   1 
ATOM   1196 O O   . PHE A 1 162 ? -3.115  13.990  -4.239  1.00 37.12  ? 176 PHE A O   1 
ATOM   1197 C CB  . PHE A 1 162 ? -1.343  12.485  -6.204  1.00 41.34  ? 176 PHE A CB  1 
ATOM   1198 C CG  . PHE A 1 162 ? -0.075  12.061  -6.863  1.00 40.64  ? 176 PHE A CG  1 
ATOM   1199 C CD1 . PHE A 1 162 ? 0.730   12.945  -7.606  1.00 42.65  ? 176 PHE A CD1 1 
ATOM   1200 C CD2 . PHE A 1 162 ? 0.300   10.720  -6.787  1.00 39.98  ? 176 PHE A CD2 1 
ATOM   1201 C CE1 . PHE A 1 162 ? 1.891   12.476  -8.231  1.00 41.71  ? 176 PHE A CE1 1 
ATOM   1202 C CE2 . PHE A 1 162 ? 1.441   10.255  -7.417  1.00 40.42  ? 176 PHE A CE2 1 
ATOM   1203 C CZ  . PHE A 1 162 ? 2.240   11.123  -8.140  1.00 39.93  ? 176 PHE A CZ  1 
ATOM   1204 N N   . GLU A 1 163 ? -3.841  14.625  -6.274  1.00 40.88  ? 177 GLU A N   1 
ATOM   1205 C CA  . GLU A 1 163 ? -5.275  14.734  -5.910  1.00 45.34  ? 177 GLU A CA  1 
ATOM   1206 C C   . GLU A 1 163 ? -6.137  13.784  -6.715  1.00 41.04  ? 177 GLU A C   1 
ATOM   1207 O O   . GLU A 1 163 ? -6.109  13.806  -7.957  1.00 37.65  ? 177 GLU A O   1 
ATOM   1208 C CB  . GLU A 1 163 ? -5.795  16.152  -6.122  1.00 53.76  ? 177 GLU A CB  1 
ATOM   1209 C CG  . GLU A 1 163 ? -5.154  17.154  -5.168  1.00 65.01  ? 177 GLU A CG  1 
ATOM   1210 C CD  . GLU A 1 163 ? -5.962  18.428  -4.966  1.00 78.39  ? 177 GLU A CD  1 
ATOM   1211 O OE1 . GLU A 1 163 ? -7.119  18.514  -5.459  1.00 79.10  ? 177 GLU A OE1 1 
ATOM   1212 O OE2 . GLU A 1 163 ? -5.424  19.350  -4.304  1.00 86.29  ? 177 GLU A OE2 1 
ATOM   1213 N N   . TYR A 1 164 ? -6.881  12.939  -6.010  1.00 35.62  ? 178 TYR A N   1 
ATOM   1214 C CA  . TYR A 1 164 ? -7.717  11.928  -6.651  1.00 35.75  ? 178 TYR A CA  1 
ATOM   1215 C C   . TYR A 1 164 ? -9.149  12.156  -6.222  1.00 35.68  ? 178 TYR A C   1 
ATOM   1216 O O   . TYR A 1 164 ? -9.454  12.229  -5.011  1.00 36.13  ? 178 TYR A O   1 
ATOM   1217 C CB  . TYR A 1 164 ? -7.290  10.476  -6.298  1.00 35.28  ? 178 TYR A CB  1 
ATOM   1218 C CG  . TYR A 1 164 ? -8.303  9.456   -6.844  1.00 33.84  ? 178 TYR A CG  1 
ATOM   1219 C CD1 . TYR A 1 164 ? -8.371  9.228   -8.196  1.00 38.51  ? 178 TYR A CD1 1 
ATOM   1220 C CD2 . TYR A 1 164 ? -9.251  8.816   -6.023  1.00 35.20  ? 178 TYR A CD2 1 
ATOM   1221 C CE1 . TYR A 1 164 ? -9.281  8.334   -8.747  1.00 38.28  ? 178 TYR A CE1 1 
ATOM   1222 C CE2 . TYR A 1 164 ? -10.174 7.894   -6.570  1.00 35.50  ? 178 TYR A CE2 1 
ATOM   1223 C CZ  . TYR A 1 164 ? -10.194 7.689   -7.940  1.00 35.32  ? 178 TYR A CZ  1 
ATOM   1224 O OH  . TYR A 1 164 ? -11.086 6.854   -8.605  1.00 39.05  ? 178 TYR A OH  1 
ATOM   1225 N N   . THR A 1 165 ? -10.029 12.234  -7.210  1.00 37.06  ? 179 THR A N   1 
ATOM   1226 C CA  . THR A 1 165 ? -11.453 12.394  -6.975  1.00 39.17  ? 179 THR A CA  1 
ATOM   1227 C C   . THR A 1 165 ? -12.184 11.098  -7.339  1.00 38.29  ? 179 THR A C   1 
ATOM   1228 O O   . THR A 1 165 ? -12.110 10.640  -8.460  1.00 36.79  ? 179 THR A O   1 
ATOM   1229 C CB  . THR A 1 165 ? -11.968 13.587  -7.813  1.00 42.46  ? 179 THR A CB  1 
ATOM   1230 O OG1 . THR A 1 165 ? -11.223 14.765  -7.448  1.00 42.64  ? 179 THR A OG1 1 
ATOM   1231 C CG2 . THR A 1 165 ? -13.452 13.810  -7.581  1.00 39.52  ? 179 THR A CG2 1 
ATOM   1232 N N   . ASN A 1 166 ? -12.875 10.498  -6.378  1.00 33.22  ? 180 ASN A N   1 
ATOM   1233 C CA  . ASN A 1 166 ? -13.632 9.286   -6.603  1.00 35.44  ? 180 ASN A CA  1 
ATOM   1234 C C   . ASN A 1 166 ? -14.914 9.633   -7.384  1.00 37.24  ? 180 ASN A C   1 
ATOM   1235 O O   . ASN A 1 166 ? -15.741 10.377  -6.869  1.00 35.95  ? 180 ASN A O   1 
ATOM   1236 C CB  . ASN A 1 166 ? -13.996 8.706   -5.232  1.00 34.91  ? 180 ASN A CB  1 
ATOM   1237 C CG  . ASN A 1 166 ? -14.776 7.431   -5.318  1.00 38.62  ? 180 ASN A CG  1 
ATOM   1238 O OD1 . ASN A 1 166 ? -15.147 6.975   -6.379  1.00 43.20  ? 180 ASN A OD1 1 
ATOM   1239 N ND2 . ASN A 1 166 ? -15.016 6.828   -4.158  1.00 43.78  ? 180 ASN A ND2 1 
ATOM   1240 N N   . PRO A 1 167 ? -15.080 9.109   -8.613  1.00 40.86  ? 181 PRO A N   1 
ATOM   1241 C CA  . PRO A 1 167 ? -16.292 9.463   -9.425  1.00 41.77  ? 181 PRO A CA  1 
ATOM   1242 C C   . PRO A 1 167 ? -17.625 8.936   -8.856  1.00 40.84  ? 181 PRO A C   1 
ATOM   1243 O O   . PRO A 1 167 ? -18.675 9.417   -9.223  1.00 41.19  ? 181 PRO A O   1 
ATOM   1244 C CB  . PRO A 1 167 ? -16.015 8.845   -10.830 1.00 37.64  ? 181 PRO A CB  1 
ATOM   1245 C CG  . PRO A 1 167 ? -14.795 8.014   -10.690 1.00 39.55  ? 181 PRO A CG  1 
ATOM   1246 C CD  . PRO A 1 167 ? -14.144 8.232   -9.350  1.00 38.23  ? 181 PRO A CD  1 
ATOM   1247 N N   . GLU A 1 168 ? -17.564 7.951   -7.981  1.00 43.41  ? 182 GLU A N   1 
ATOM   1248 C CA  . GLU A 1 168 ? -18.737 7.471   -7.250  1.00 49.44  ? 182 GLU A CA  1 
ATOM   1249 C C   . GLU A 1 168 ? -19.430 8.536   -6.378  1.00 48.86  ? 182 GLU A C   1 
ATOM   1250 O O   . GLU A 1 168 ? -20.668 8.611   -6.395  1.00 43.94  ? 182 GLU A O   1 
ATOM   1251 C CB  . GLU A 1 168 ? -18.354 6.311   -6.334  1.00 52.49  ? 182 GLU A CB  1 
ATOM   1252 C CG  . GLU A 1 168 ? -17.903 5.062   -7.069  1.00 59.52  ? 182 GLU A CG  1 
ATOM   1253 C CD  . GLU A 1 168 ? -19.004 4.417   -7.872  1.00 68.99  ? 182 GLU A CD  1 
ATOM   1254 O OE1 . GLU A 1 168 ? -20.063 4.023   -7.280  1.00 72.48  ? 182 GLU A OE1 1 
ATOM   1255 O OE2 . GLU A 1 168 ? -18.795 4.303   -9.099  1.00 75.98  ? 182 GLU A OE2 1 
ATOM   1256 N N   . ASP A 1 169 ? -18.652 9.344   -5.642  1.00 45.05  ? 183 ASP A N   1 
ATOM   1257 C CA  . ASP A 1 169 ? -19.197 10.340  -4.703  1.00 40.70  ? 183 ASP A CA  1 
ATOM   1258 C C   . ASP A 1 169 ? -18.603 11.781  -4.728  1.00 42.16  ? 183 ASP A C   1 
ATOM   1259 O O   . ASP A 1 169 ? -19.054 12.661  -3.974  1.00 43.24  ? 183 ASP A O   1 
ATOM   1260 C CB  . ASP A 1 169 ? -19.110 9.784   -3.293  1.00 40.06  ? 183 ASP A CB  1 
ATOM   1261 C CG  . ASP A 1 169 ? -17.653 9.511   -2.857  1.00 51.94  ? 183 ASP A CG  1 
ATOM   1262 O OD1 . ASP A 1 169 ? -16.693 9.920   -3.570  1.00 45.65  ? 183 ASP A OD1 1 
ATOM   1263 O OD2 . ASP A 1 169 ? -17.472 8.911   -1.777  1.00 56.98  ? 183 ASP A OD2 1 
ATOM   1264 N N   . GLY A 1 170 ? -17.610 12.035  -5.573  1.00 43.17  ? 184 GLY A N   1 
ATOM   1265 C CA  . GLY A 1 170 ? -16.980 13.377  -5.709  1.00 39.45  ? 184 GLY A CA  1 
ATOM   1266 C C   . GLY A 1 170 ? -15.998 13.795  -4.621  1.00 40.26  ? 184 GLY A C   1 
ATOM   1267 O O   . GLY A 1 170 ? -15.513 14.951  -4.616  1.00 39.33  ? 184 GLY A O   1 
ATOM   1268 N N   . VAL A 1 171 ? -15.685 12.873  -3.714  1.00 38.33  ? 185 VAL A N   1 
ATOM   1269 C CA  . VAL A 1 171 ? -14.749 13.135  -2.634  1.00 41.79  ? 185 VAL A CA  1 
ATOM   1270 C C   . VAL A 1 171 ? -13.338 13.127  -3.203  1.00 41.82  ? 185 VAL A C   1 
ATOM   1271 O O   . VAL A 1 171 ? -12.951 12.175  -3.951  1.00 36.32  ? 185 VAL A O   1 
ATOM   1272 C CB  . VAL A 1 171 ? -14.846 12.081  -1.507  1.00 45.30  ? 185 VAL A CB  1 
ATOM   1273 C CG1 . VAL A 1 171 ? -13.897 12.430  -0.358  1.00 44.65  ? 185 VAL A CG1 1 
ATOM   1274 C CG2 . VAL A 1 171 ? -16.279 11.946  -0.988  1.00 49.03  ? 185 VAL A CG2 1 
ATOM   1275 N N   . THR A 1 172 ? -12.613 14.193  -2.876  1.00 39.33  ? 186 THR A N   1 
ATOM   1276 C CA  . THR A 1 172 ? -11.219 14.356  -3.229  1.00 44.31  ? 186 THR A CA  1 
ATOM   1277 C C   . THR A 1 172 ? -10.266 13.944  -2.085  1.00 44.19  ? 186 THR A C   1 
ATOM   1278 O O   . THR A 1 172 ? -10.483 14.280  -0.932  1.00 44.87  ? 186 THR A O   1 
ATOM   1279 C CB  . THR A 1 172 ? -10.940 15.788  -3.716  1.00 45.88  ? 186 THR A CB  1 
ATOM   1280 O OG1 . THR A 1 172 ? -11.808 16.071  -4.817  1.00 45.24  ? 186 THR A OG1 1 
ATOM   1281 C CG2 . THR A 1 172 ? -9.501  15.930  -4.229  1.00 50.79  ? 186 THR A CG2 1 
ATOM   1282 N N   . TYR A 1 173 ? -9.201  13.216  -2.435  1.00 41.26  ? 187 TYR A N   1 
ATOM   1283 C CA  . TYR A 1 173 ? -8.175  12.779  -1.493  1.00 39.20  ? 187 TYR A CA  1 
ATOM   1284 C C   . TYR A 1 173 ? -6.811  13.286  -1.980  1.00 40.50  ? 187 TYR A C   1 
ATOM   1285 O O   . TYR A 1 173 ? -6.536  13.366  -3.195  1.00 38.62  ? 187 TYR A O   1 
ATOM   1286 C CB  . TYR A 1 173 ? -8.113  11.262  -1.436  1.00 38.88  ? 187 TYR A CB  1 
ATOM   1287 C CG  . TYR A 1 173 ? -9.351  10.580  -0.972  1.00 40.04  ? 187 TYR A CG  1 
ATOM   1288 C CD1 . TYR A 1 173 ? -10.371 10.241  -1.894  1.00 41.27  ? 187 TYR A CD1 1 
ATOM   1289 C CD2 . TYR A 1 173 ? -9.552  10.309  0.377   1.00 37.46  ? 187 TYR A CD2 1 
ATOM   1290 C CE1 . TYR A 1 173 ? -11.530 9.589   -1.494  1.00 40.62  ? 187 TYR A CE1 1 
ATOM   1291 C CE2 . TYR A 1 173 ? -10.706 9.662   0.803   1.00 41.30  ? 187 TYR A CE2 1 
ATOM   1292 C CZ  . TYR A 1 173 ? -11.696 9.297   -0.137  1.00 43.76  ? 187 TYR A CZ  1 
ATOM   1293 O OH  . TYR A 1 173 ? -12.844 8.650   0.265   1.00 42.33  ? 187 TYR A OH  1 
ATOM   1294 N N   . GLN A 1 174 ? -5.973  13.620  -1.021  1.00 39.71  ? 188 GLN A N   1 
ATOM   1295 C CA  . GLN A 1 174 ? -4.589  14.043  -1.279  1.00 43.18  ? 188 GLN A CA  1 
ATOM   1296 C C   . GLN A 1 174 ? -3.671  12.891  -0.947  1.00 41.04  ? 188 GLN A C   1 
ATOM   1297 O O   . GLN A 1 174 ? -3.744  12.365  0.162   1.00 34.14  ? 188 GLN A O   1 
ATOM   1298 C CB  . GLN A 1 174 ? -4.211  15.217  -0.390  1.00 47.07  ? 188 GLN A CB  1 
ATOM   1299 C CG  . GLN A 1 174 ? -4.794  16.550  -0.844  1.00 53.33  ? 188 GLN A CG  1 
ATOM   1300 C CD  . GLN A 1 174 ? -4.138  17.738  -0.140  1.00 62.20  ? 188 GLN A CD  1 
ATOM   1301 O OE1 . GLN A 1 174 ? -3.332  17.592  0.813   1.00 62.47  ? 188 GLN A OE1 1 
ATOM   1302 N NE2 . GLN A 1 174 ? -4.483  18.922  -0.599  1.00 68.45  ? 188 GLN A NE2 1 
ATOM   1303 N N   . ILE A 1 175 ? -2.818  12.514  -1.891  1.00 35.19  ? 189 ILE A N   1 
ATOM   1304 C CA  . ILE A 1 175 ? -1.880  11.420  -1.679  1.00 36.74  ? 189 ILE A CA  1 
ATOM   1305 C C   . ILE A 1 175 ? -0.464  11.991  -1.859  1.00 37.64  ? 189 ILE A C   1 
ATOM   1306 O O   . ILE A 1 175 ? -0.177  12.619  -2.906  1.00 35.43  ? 189 ILE A O   1 
ATOM   1307 C CB  . ILE A 1 175 ? -2.104  10.235  -2.677  1.00 35.96  ? 189 ILE A CB  1 
ATOM   1308 C CG1 . ILE A 1 175 ? -3.606  9.829   -2.719  1.00 37.76  ? 189 ILE A CG1 1 
ATOM   1309 C CG2 . ILE A 1 175 ? -1.204  9.059   -2.305  1.00 33.67  ? 189 ILE A CG2 1 
ATOM   1310 C CD1 . ILE A 1 175 ? -3.986  8.813   -3.798  1.00 35.84  ? 189 ILE A CD1 1 
ATOM   1311 N N   . LYS A 1 176 ? 0.405   11.760  -0.872  1.00 35.22  ? 190 LYS A N   1 
ATOM   1312 C CA  . LYS A 1 176 ? 1.751   12.322  -0.943  1.00 38.72  ? 190 LYS A CA  1 
ATOM   1313 C C   . LYS A 1 176 ? 2.845   11.499  -0.275  1.00 34.83  ? 190 LYS A C   1 
ATOM   1314 O O   . LYS A 1 176 ? 2.582   10.443  0.335   1.00 32.96  ? 190 LYS A O   1 
ATOM   1315 C CB  . LYS A 1 176 ? 1.734   13.749  -0.397  1.00 44.86  ? 190 LYS A CB  1 
ATOM   1316 C CG  . LYS A 1 176 ? 1.329   13.862  1.050   1.00 49.07  ? 190 LYS A CG  1 
ATOM   1317 C CD  . LYS A 1 176 ? 0.875   15.278  1.424   1.00 52.59  ? 190 LYS A CD  1 
ATOM   1318 C CE  . LYS A 1 176 ? 0.184   15.248  2.784   1.00 62.58  ? 190 LYS A CE  1 
ATOM   1319 N NZ  . LYS A 1 176 ? 0.525   16.418  3.643   1.00 67.69  ? 190 LYS A NZ  1 
ATOM   1320 N N   . GLY A 1 177 ? 4.095   11.938  -0.465  1.00 32.63  ? 191 GLY A N   1 
ATOM   1321 C CA  . GLY A 1 177 ? 5.231   11.347  0.301   1.00 32.30  ? 191 GLY A CA  1 
ATOM   1322 C C   . GLY A 1 177 ? 5.593   9.935   -0.094  1.00 31.36  ? 191 GLY A C   1 
ATOM   1323 O O   . GLY A 1 177 ? 5.532   9.604   -1.265  1.00 29.44  ? 191 GLY A O   1 
ATOM   1324 N N   . MET A 1 178 ? 6.003   9.109   0.883   1.00 29.60  ? 192 MET A N   1 
ATOM   1325 C CA  . MET A 1 178 ? 6.361   7.732   0.614   1.00 29.84  ? 192 MET A CA  1 
ATOM   1326 C C   . MET A 1 178 ? 5.174   6.951   -0.021  1.00 28.64  ? 192 MET A C   1 
ATOM   1327 O O   . MET A 1 178 ? 5.388   6.153   -0.912  1.00 26.81  ? 192 MET A O   1 
ATOM   1328 C CB  . MET A 1 178 ? 6.820   7.050   1.906   1.00 30.17  ? 192 MET A CB  1 
ATOM   1329 C CG  . MET A 1 178 ? 7.308   5.625   1.764   1.00 31.41  ? 192 MET A CG  1 
ATOM   1330 S SD  . MET A 1 178 ? 7.404   4.788   3.394   1.00 38.52  ? 192 MET A SD  1 
ATOM   1331 C CE  . MET A 1 178 ? 5.648   4.484   3.728   1.00 37.71  ? 192 MET A CE  1 
ATOM   1332 N N   . THR A 1 179 ? 3.947   7.216   0.442   1.00 28.70  ? 193 THR A N   1 
ATOM   1333 C CA  . THR A 1 179 ? 2.752   6.557   -0.077  1.00 27.76  ? 193 THR A CA  1 
ATOM   1334 C C   . THR A 1 179 ? 2.624   6.823   -1.574  1.00 27.30  ? 193 THR A C   1 
ATOM   1335 O O   . THR A 1 179 ? 2.411   5.911   -2.375  1.00 27.49  ? 193 THR A O   1 
ATOM   1336 C CB  . THR A 1 179 ? 1.493   7.047   0.643   1.00 29.40  ? 193 THR A CB  1 
ATOM   1337 O OG1 . THR A 1 179 ? 1.630   6.818   2.055   1.00 28.82  ? 193 THR A OG1 1 
ATOM   1338 C CG2 . THR A 1 179 ? 0.201   6.298   0.145   1.00 32.61  ? 193 THR A CG2 1 
ATOM   1339 N N   . ALA A 1 180 ? 2.734   8.074   -1.961  1.00 26.01  ? 194 ALA A N   1 
ATOM   1340 C CA  . ALA A 1 180 ? 2.654   8.419   -3.396  1.00 24.69  ? 194 ALA A CA  1 
ATOM   1341 C C   . ALA A 1 180 ? 3.811   7.815   -4.220  1.00 26.67  ? 194 ALA A C   1 
ATOM   1342 O O   . ALA A 1 180 ? 3.583   7.349   -5.359  1.00 29.14  ? 194 ALA A O   1 
ATOM   1343 C CB  . ALA A 1 180 ? 2.604   9.924   -3.580  1.00 29.39  ? 194 ALA A CB  1 
ATOM   1344 N N   . ASN A 1 181 ? 5.034   7.807   -3.652  1.00 25.76  ? 195 ASN A N   1 
ATOM   1345 C CA  . ASN A 1 181 ? 6.213   7.242   -4.344  1.00 27.09  ? 195 ASN A CA  1 
ATOM   1346 C C   . ASN A 1 181 ? 6.004   5.742   -4.606  1.00 23.71  ? 195 ASN A C   1 
ATOM   1347 O O   . ASN A 1 181 ? 6.264   5.282   -5.695  1.00 24.42  ? 195 ASN A O   1 
ATOM   1348 C CB  . ASN A 1 181 ? 7.528   7.460   -3.549  1.00 29.63  ? 195 ASN A CB  1 
ATOM   1349 C CG  . ASN A 1 181 ? 7.891   8.950   -3.352  1.00 33.88  ? 195 ASN A CG  1 
ATOM   1350 O OD1 . ASN A 1 181 ? 7.656   9.780   -4.198  1.00 39.85  ? 195 ASN A OD1 1 
ATOM   1351 N ND2 . ASN A 1 181 ? 8.513   9.262   -2.218  1.00 41.17  ? 195 ASN A ND2 1 
ATOM   1352 N N   . LEU A 1 182 ? 5.539   4.983   -3.603  1.00 23.81  ? 196 LEU A N   1 
ATOM   1353 C CA  . LEU A 1 182 ? 5.305   3.541   -3.764  1.00 24.56  ? 196 LEU A CA  1 
ATOM   1354 C C   . LEU A 1 182 ? 4.193   3.217   -4.786  1.00 24.08  ? 196 LEU A C   1 
ATOM   1355 O O   . LEU A 1 182 ? 4.260   2.212   -5.535  1.00 23.39  ? 196 LEU A O   1 
ATOM   1356 C CB  . LEU A 1 182 ? 5.032   2.890   -2.384  1.00 25.25  ? 196 LEU A CB  1 
ATOM   1357 C CG  . LEU A 1 182 ? 6.242   2.815   -1.425  1.00 28.43  ? 196 LEU A CG  1 
ATOM   1358 C CD1 . LEU A 1 182 ? 5.854   2.348   -0.007  1.00 29.38  ? 196 LEU A CD1 1 
ATOM   1359 C CD2 . LEU A 1 182 ? 7.393   1.956   -1.985  1.00 28.68  ? 196 LEU A CD2 1 
ATOM   1360 N N   . ALA A 1 183 ? 3.154   4.042   -4.800  1.00 25.66  ? 197 ALA A N   1 
ATOM   1361 C CA  . ALA A 1 183 ? 2.046   3.822   -5.762  1.00 25.27  ? 197 ALA A CA  1 
ATOM   1362 C C   . ALA A 1 183 ? 2.555   3.929   -7.205  1.00 25.52  ? 197 ALA A C   1 
ATOM   1363 O O   . ALA A 1 183 ? 2.194   3.127   -8.060  1.00 26.40  ? 197 ALA A O   1 
ATOM   1364 C CB  . ALA A 1 183 ? 0.936   4.828   -5.509  1.00 23.76  ? 197 ALA A CB  1 
ATOM   1365 N N   . VAL A 1 184 ? 3.369   4.948   -7.457  1.00 27.40  ? 198 VAL A N   1 
ATOM   1366 C CA  . VAL A 1 184 ? 3.931   5.189   -8.806  1.00 26.83  ? 198 VAL A CA  1 
ATOM   1367 C C   . VAL A 1 184 ? 4.827   4.030   -9.166  1.00 25.13  ? 198 VAL A C   1 
ATOM   1368 O O   . VAL A 1 184 ? 4.713   3.510   -10.248 1.00 25.64  ? 198 VAL A O   1 
ATOM   1369 C CB  . VAL A 1 184 ? 4.692   6.546   -8.880  1.00 27.24  ? 198 VAL A CB  1 
ATOM   1370 C CG1 . VAL A 1 184 ? 5.543   6.647   -10.143 1.00 25.60  ? 198 VAL A CG1 1 
ATOM   1371 C CG2 . VAL A 1 184 ? 3.691   7.697   -8.806  1.00 30.45  ? 198 VAL A CG2 1 
ATOM   1372 N N   . LEU A 1 185 ? 5.666   3.567   -8.227  1.00 25.52  ? 199 LEU A N   1 
ATOM   1373 C CA  . LEU A 1 185 ? 6.492   2.416   -8.444  1.00 25.31  ? 199 LEU A CA  1 
ATOM   1374 C C   . LEU A 1 185 ? 5.724   1.131   -8.854  1.00 26.37  ? 199 LEU A C   1 
ATOM   1375 O O   . LEU A 1 185 ? 6.031   0.522   -9.851  1.00 27.15  ? 199 LEU A O   1 
ATOM   1376 C CB  . LEU A 1 185 ? 7.372   2.139   -7.203  1.00 27.90  ? 199 LEU A CB  1 
ATOM   1377 C CG  . LEU A 1 185 ? 8.238   0.865   -7.209  1.00 28.89  ? 199 LEU A CG  1 
ATOM   1378 C CD1 . LEU A 1 185 ? 9.305   0.863   -8.299  1.00 30.11  ? 199 LEU A CD1 1 
ATOM   1379 C CD2 . LEU A 1 185 ? 8.888   0.647   -5.846  1.00 31.45  ? 199 LEU A CD2 1 
ATOM   1380 N N   . VAL A 1 186 ? 4.729   0.740   -8.069  1.00 26.01  ? 200 VAL A N   1 
ATOM   1381 C CA  . VAL A 1 186 ? 3.874   -0.414  -8.398  1.00 27.24  ? 200 VAL A CA  1 
ATOM   1382 C C   . VAL A 1 186 ? 3.216   -0.235  -9.804  1.00 25.19  ? 200 VAL A C   1 
ATOM   1383 O O   . VAL A 1 186 ? 3.307   -1.141  -10.603 1.00 25.79  ? 200 VAL A O   1 
ATOM   1384 C CB  . VAL A 1 186 ? 2.835   -0.662  -7.288  1.00 30.19  ? 200 VAL A CB  1 
ATOM   1385 C CG1 . VAL A 1 186 ? 1.760   -1.652  -7.726  1.00 37.03  ? 200 VAL A CG1 1 
ATOM   1386 C CG2 . VAL A 1 186 ? 3.570   -1.189  -6.068  1.00 30.23  ? 200 VAL A CG2 1 
ATOM   1387 N N   . ALA A 1 187 ? 2.652   0.943   -10.075 1.00 25.90  ? 201 ALA A N   1 
ATOM   1388 C CA  . ALA A 1 187 ? 2.060   1.254   -11.409 1.00 30.53  ? 201 ALA A CA  1 
ATOM   1389 C C   . ALA A 1 187 ? 3.082   1.028   -12.540 1.00 29.45  ? 201 ALA A C   1 
ATOM   1390 O O   . ALA A 1 187 ? 2.761   0.376   -13.587 1.00 31.56  ? 201 ALA A O   1 
ATOM   1391 C CB  . ALA A 1 187 ? 1.540   2.676   -11.433 1.00 31.91  ? 201 ALA A CB  1 
ATOM   1392 N N   . PHE A 1 188 ? 4.314   1.541   -12.367 1.00 28.39  ? 202 PHE A N   1 
ATOM   1393 C CA  . PHE A 1 188 ? 5.344   1.336   -13.421 1.00 28.63  ? 202 PHE A CA  1 
ATOM   1394 C C   . PHE A 1 188 ? 5.648   -0.141  -13.623 1.00 26.26  ? 202 PHE A C   1 
ATOM   1395 O O   . PHE A 1 188 ? 5.780   -0.617  -14.749 1.00 23.36  ? 202 PHE A O   1 
ATOM   1396 C CB  . PHE A 1 188 ? 6.697   2.067   -13.155 1.00 31.70  ? 202 PHE A CB  1 
ATOM   1397 C CG  . PHE A 1 188 ? 6.675   3.579   -13.267 1.00 33.21  ? 202 PHE A CG  1 
ATOM   1398 C CD1 . PHE A 1 188 ? 5.696   4.295   -13.971 1.00 35.64  ? 202 PHE A CD1 1 
ATOM   1399 C CD2 . PHE A 1 188 ? 7.750   4.300   -12.717 1.00 36.68  ? 202 PHE A CD2 1 
ATOM   1400 C CE1 . PHE A 1 188 ? 5.748   5.693   -14.069 1.00 36.05  ? 202 PHE A CE1 1 
ATOM   1401 C CE2 . PHE A 1 188 ? 7.807   5.696   -12.824 1.00 38.18  ? 202 PHE A CE2 1 
ATOM   1402 C CZ  . PHE A 1 188 ? 6.794   6.398   -13.503 1.00 36.43  ? 202 PHE A CZ  1 
ATOM   1403 N N   . ILE A 1 189 ? 5.852   -0.876  -12.527 1.00 25.03  ? 203 ILE A N   1 
ATOM   1404 C CA  . ILE A 1 189 ? 6.202   -2.276  -12.610 1.00 23.77  ? 203 ILE A CA  1 
ATOM   1405 C C   . ILE A 1 189 ? 5.166   -3.086  -13.390 1.00 25.60  ? 203 ILE A C   1 
ATOM   1406 O O   . ILE A 1 189 ? 5.550   -3.946  -14.208 1.00 25.46  ? 203 ILE A O   1 
ATOM   1407 C CB  . ILE A 1 189 ? 6.385   -2.926  -11.205 1.00 24.03  ? 203 ILE A CB  1 
ATOM   1408 C CG1 . ILE A 1 189 ? 7.641   -2.383  -10.540 1.00 27.80  ? 203 ILE A CG1 1 
ATOM   1409 C CG2 . ILE A 1 189 ? 6.511   -4.453  -11.290 1.00 26.34  ? 203 ILE A CG2 1 
ATOM   1410 C CD1 . ILE A 1 189 ? 7.889   -2.768  -9.076  1.00 28.63  ? 203 ILE A CD1 1 
ATOM   1411 N N   . ILE A 1 190 ? 3.878   -2.840  -13.117 1.00 24.45  ? 204 ILE A N   1 
ATOM   1412 C CA  . ILE A 1 190 ? 2.805   -3.729  -13.588 1.00 26.05  ? 204 ILE A CA  1 
ATOM   1413 C C   . ILE A 1 190 ? 2.335   -3.273  -14.980 1.00 27.12  ? 204 ILE A C   1 
ATOM   1414 O O   . ILE A 1 190 ? 1.973   -4.090  -15.798 1.00 28.53  ? 204 ILE A O   1 
ATOM   1415 C CB  . ILE A 1 190 ? 1.634   -3.739  -12.575 1.00 28.64  ? 204 ILE A CB  1 
ATOM   1416 C CG1 . ILE A 1 190 ? 2.073   -4.489  -11.308 1.00 27.31  ? 204 ILE A CG1 1 
ATOM   1417 C CG2 . ILE A 1 190 ? 0.348   -4.328  -13.178 1.00 27.91  ? 204 ILE A CG2 1 
ATOM   1418 C CD1 . ILE A 1 190 ? 1.036   -4.475  -10.234 1.00 30.96  ? 204 ILE A CD1 1 
ATOM   1419 N N   . LEU A 1 191 ? 2.311   -1.973  -15.219 1.00 27.93  ? 205 LEU A N   1 
ATOM   1420 C CA  . LEU A 1 191 ? 1.685   -1.423  -16.451 1.00 28.53  ? 205 LEU A CA  1 
ATOM   1421 C C   . LEU A 1 191 ? 2.658   -0.979  -17.571 1.00 32.68  ? 205 LEU A C   1 
ATOM   1422 O O   . LEU A 1 191 ? 2.213   -0.767  -18.720 1.00 33.81  ? 205 LEU A O   1 
ATOM   1423 C CB  . LEU A 1 191 ? 0.762   -0.300  -16.065 1.00 28.20  ? 205 LEU A CB  1 
ATOM   1424 C CG  . LEU A 1 191 ? -0.419  -0.687  -15.119 1.00 33.28  ? 205 LEU A CG  1 
ATOM   1425 C CD1 . LEU A 1 191 ? -1.240  0.547   -14.807 1.00 32.67  ? 205 LEU A CD1 1 
ATOM   1426 C CD2 . LEU A 1 191 ? -1.316  -1.818  -15.649 1.00 32.10  ? 205 LEU A CD2 1 
ATOM   1427 N N   . GLU A 1 192 ? 3.943   -0.769  -17.281 1.00 32.02  ? 206 GLU A N   1 
ATOM   1428 C CA  . GLU A 1 192 ? 4.881   -0.387  -18.387 1.00 42.17  ? 206 GLU A CA  1 
ATOM   1429 C C   . GLU A 1 192 ? 4.879   -1.390  -19.540 1.00 38.70  ? 206 GLU A C   1 
ATOM   1430 O O   . GLU A 1 192 ? 4.735   -2.583  -19.320 1.00 34.95  ? 206 GLU A O   1 
ATOM   1431 C CB  . GLU A 1 192 ? 6.323   -0.231  -17.916 1.00 42.28  ? 206 GLU A CB  1 
ATOM   1432 C CG  . GLU A 1 192 ? 7.033   -1.541  -17.678 1.00 43.55  ? 206 GLU A CG  1 
ATOM   1433 C CD  . GLU A 1 192 ? 8.444   -1.371  -17.142 1.00 51.94  ? 206 GLU A CD  1 
ATOM   1434 O OE1 . GLU A 1 192 ? 9.058   -0.298  -17.395 1.00 47.71  ? 206 GLU A OE1 1 
ATOM   1435 O OE2 . GLU A 1 192 ? 8.932   -2.338  -16.487 1.00 50.49  ? 206 GLU A OE2 1 
ATOM   1436 N N   . LYS A 1 193 ? 5.044   -0.886  -20.763 1.00 46.63  ? 207 LYS A N   1 
ATOM   1437 C CA  . LYS A 1 193 ? 5.167   -1.722  -21.959 1.00 51.91  ? 207 LYS A CA  1 
ATOM   1438 C C   . LYS A 1 193 ? 4.087   -2.789  -22.110 1.00 54.73  ? 207 LYS A C   1 
ATOM   1439 O O   . LYS A 1 193 ? 4.394   -3.962  -22.014 1.00 59.21  ? 207 LYS A O   1 
ATOM   1440 C CB  . LYS A 1 193 ? 6.547   -2.381  -22.003 1.00 57.45  ? 207 LYS A CB  1 
ATOM   1441 C CG  . LYS A 1 193 ? 7.671   -1.386  -22.201 1.00 65.36  ? 207 LYS A CG  1 
ATOM   1442 C CD  . LYS A 1 193 ? 9.010   -2.083  -22.027 1.00 80.25  ? 207 LYS A CD  1 
ATOM   1443 C CE  . LYS A 1 193 ? 10.115  -1.110  -21.630 1.00 85.30  ? 207 LYS A CE  1 
ATOM   1444 N NZ  . LYS A 1 193 ? 11.207  -1.829  -20.914 1.00 89.65  ? 207 LYS A NZ  1 
ATOM   1445 N N   . LYS A 1 194 ? 2.830   -2.397  -22.336 1.00 61.00  ? 208 LYS A N   1 
ATOM   1446 C CA  . LYS A 1 194 ? 1.736   -3.385  -22.536 1.00 69.13  ? 208 LYS A CA  1 
ATOM   1447 C C   . LYS A 1 194 ? 0.977   -3.136  -23.836 1.00 67.94  ? 208 LYS A C   1 
ATOM   1448 O O   . LYS A 1 194 ? 0.574   -2.001  -24.087 1.00 57.29  ? 208 LYS A O   1 
ATOM   1449 C CB  . LYS A 1 194 ? 0.759   -3.395  -21.354 1.00 72.10  ? 208 LYS A CB  1 
ATOM   1450 C CG  . LYS A 1 194 ? 1.369   -4.005  -20.096 1.00 79.14  ? 208 LYS A CG  1 
ATOM   1451 C CD  . LYS A 1 194 ? 0.538   -5.129  -19.508 1.00 80.37  ? 208 LYS A CD  1 
ATOM   1452 C CE  . LYS A 1 194 ? -0.756  -4.604  -18.924 1.00 80.38  ? 208 LYS A CE  1 
ATOM   1453 N NZ  . LYS A 1 194 ? -1.326  -5.646  -18.040 1.00 84.38  ? 208 LYS A NZ  1 
ATOM   1454 N N   . PRO A 1 195 ? 0.790   -4.194  -24.668 1.00 76.06  ? 209 PRO A N   1 
ATOM   1455 C CA  . PRO A 1 195 ? -0.124  -4.069  -25.827 1.00 81.38  ? 209 PRO A CA  1 
ATOM   1456 C C   . PRO A 1 195 ? -1.579  -3.775  -25.388 1.00 80.45  ? 209 PRO A C   1 
ATOM   1457 O O   . PRO A 1 195 ? -1.965  -4.193  -24.302 1.00 82.59  ? 209 PRO A O   1 
ATOM   1458 C CB  . PRO A 1 195 ? -0.018  -5.444  -26.513 1.00 80.74  ? 209 PRO A CB  1 
ATOM   1459 C CG  . PRO A 1 195 ? 1.291   -6.015  -26.057 1.00 81.61  ? 209 PRO A CG  1 
ATOM   1460 C CD  . PRO A 1 195 ? 1.490   -5.500  -24.659 1.00 79.28  ? 209 PRO A CD  1 
ATOM   1461 N N   . THR A 1 196 ? -2.351  -3.043  -26.197 1.00 80.75  ? 210 THR A N   1 
ATOM   1462 C CA  . THR A 1 196 ? -3.774  -2.769  -25.899 1.00 81.99  ? 210 THR A CA  1 
ATOM   1463 C C   . THR A 1 196 ? -4.709  -3.643  -26.757 1.00 83.65  ? 210 THR A C   1 
ATOM   1464 O O   . THR A 1 196 ? -4.946  -4.815  -26.457 1.00 70.43  ? 210 THR A O   1 
ATOM   1465 C CB  . THR A 1 196 ? -4.129  -1.278  -26.105 1.00 80.29  ? 210 THR A CB  1 
ATOM   1466 O OG1 . THR A 1 196 ? -3.916  -0.908  -27.471 1.00 75.50  ? 210 THR A OG1 1 
ATOM   1467 C CG2 . THR A 1 196 ? -3.281  -0.386  -25.207 1.00 81.01  ? 210 THR A CG2 1 
HETATM 1468 C C   . ACT B 2 .   ? -6.772  13.528  2.673   1.00 69.06  ? 301 ACT A C   1 
HETATM 1469 O O   . ACT B 2 .   ? -7.337  12.432  2.921   1.00 74.03  ? 301 ACT A O   1 
HETATM 1470 O OXT . ACT B 2 .   ? -7.134  14.189  1.668   1.00 52.85  ? 301 ACT A OXT 1 
HETATM 1471 C CH3 . ACT B 2 .   ? -5.671  14.030  3.592   1.00 64.51  ? 301 ACT A CH3 1 
HETATM 1472 C C   . ACT C 2 .   ? -3.482  -17.066 -0.217  1.00 76.99  ? 302 ACT A C   1 
HETATM 1473 O O   . ACT C 2 .   ? -3.331  -17.013 1.025   1.00 77.65  ? 302 ACT A O   1 
HETATM 1474 O OXT . ACT C 2 .   ? -4.406  -16.431 -0.782  1.00 78.09  ? 302 ACT A OXT 1 
HETATM 1475 C CH3 . ACT C 2 .   ? -2.538  -17.904 -1.038  1.00 73.88  ? 302 ACT A CH3 1 
HETATM 1476 S S   . DMS D 3 .   ? -14.229 -9.297  5.419   1.00 78.03  ? 303 DMS A S   1 
HETATM 1477 O O   . DMS D 3 .   ? -14.241 -9.389  3.899   1.00 45.77  ? 303 DMS A O   1 
HETATM 1478 C C1  . DMS D 3 .   ? -13.151 -10.402 6.157   1.00 62.98  ? 303 DMS A C1  1 
HETATM 1479 C C2  . DMS D 3 .   ? -13.437 -7.913  6.089   1.00 69.47  ? 303 DMS A C2  1 
HETATM 1480 S S   . DMS E 3 .   ? -9.581  -14.962 -5.736  1.00 89.99  ? 304 DMS A S   1 
HETATM 1481 O O   . DMS E 3 .   ? -9.880  -13.493 -5.758  1.00 61.86  ? 304 DMS A O   1 
HETATM 1482 C C1  . DMS E 3 .   ? -10.541 -15.812 -6.863  1.00 82.63  ? 304 DMS A C1  1 
HETATM 1483 C C2  . DMS E 3 .   ? -8.049  -15.278 -6.438  1.00 89.01  ? 304 DMS A C2  1 
HETATM 1484 N N1  . H0J F 4 .   ? 7.281   6.893   9.059   0.66 32.53  ? 305 H0J A N1  1 
HETATM 1485 C C4  . H0J F 4 .   ? 7.005   5.774   9.750   0.66 34.81  ? 305 H0J A C4  1 
HETATM 1486 C C5  . H0J F 4 .   ? 7.690   5.463   10.929  0.66 34.21  ? 305 H0J A C5  1 
HETATM 1487 C C6  . H0J F 4 .   ? 5.968   4.876   9.222   0.66 41.66  ? 305 H0J A C6  1 
HETATM 1488 C C7  . H0J F 4 .   ? 5.568   3.680   9.743   0.66 46.89  ? 305 H0J A C7  1 
HETATM 1489 C C8  . H0J F 4 .   ? 4.296   3.284   9.307   0.66 46.13  ? 305 H0J A C8  1 
HETATM 1490 C C10 . H0J F 4 .   ? 2.769   3.617   7.358   0.66 52.92  ? 305 H0J A C10 1 
HETATM 1491 C C1  . H0J F 4 .   ? 8.664   6.321   11.402  0.66 33.23  ? 305 H0J A C1  1 
HETATM 1492 C C2  . H0J F 4 .   ? 8.919   7.484   10.718  0.66 30.47  ? 305 H0J A C2  1 
HETATM 1493 C C3  . H0J F 4 .   ? 8.226   7.707   9.550   0.66 29.95  ? 305 H0J A C3  1 
HETATM 1494 C C9  . H0J F 4 .   ? 3.931   3.917   8.158   0.66 46.32  ? 305 H0J A C9  1 
HETATM 1495 S S1  . H0J F 4 .   ? 5.039   5.199   7.795   0.66 45.19  ? 305 H0J A S1  1 
HETATM 1496 S S2  . H0J F 4 .   ? 2.635   4.453   5.945   0.66 55.82  ? 305 H0J A S2  1 
HETATM 1497 N N2  . H0J F 4 .   ? 1.836   2.769   7.775   0.66 47.15  ? 305 H0J A N2  1 
HETATM 1498 N N1  . H0J G 4 .   ? 6.509   8.961   12.570  0.66 46.77  ? 306 H0J A N1  1 
HETATM 1499 C C4  . H0J G 4 .   ? 6.083   7.759   12.994  0.66 45.21  ? 306 H0J A C4  1 
HETATM 1500 C C5  . H0J G 4 .   ? 6.653   7.105   14.088  0.66 45.24  ? 306 H0J A C5  1 
HETATM 1501 C C6  . H0J G 4 .   ? 4.991   7.162   12.231  0.66 48.80  ? 306 H0J A C6  1 
HETATM 1502 C C7  . H0J G 4 .   ? 4.410   5.933   12.380  0.66 45.24  ? 306 H0J A C7  1 
HETATM 1503 C C8  . H0J G 4 .   ? 3.407   5.693   11.441  0.66 48.80  ? 306 H0J A C8  1 
HETATM 1504 C C10 . H0J G 4 .   ? 2.434   6.725   9.416   0.66 55.74  ? 306 H0J A C10 1 
HETATM 1505 C C1  . H0J G 4 .   ? 7.689   7.715   14.764  0.66 45.98  ? 306 H0J A C1  1 
HETATM 1506 C C2  . H0J G 4 .   ? 8.134   8.946   14.336  0.66 48.45  ? 306 H0J A C2  1 
HETATM 1507 C C3  . H0J G 4 .   ? 7.515   9.528   13.250  0.66 48.72  ? 306 H0J A C3  1 
HETATM 1508 C C9  . H0J G 4 .   ? 3.276   6.711   10.533  0.66 50.48  ? 306 H0J A C9  1 
HETATM 1509 S S1  . H0J G 4 .   ? 4.303   8.033   10.910  0.66 56.65  ? 306 H0J A S1  1 
HETATM 1510 S S2  . H0J G 4 .   ? 2.529   8.001   8.351   0.66 65.92  ? 306 H0J A S2  1 
HETATM 1511 N N2  . H0J G 4 .   ? 1.604   5.712   9.254   0.66 61.52  ? 306 H0J A N2  1 
HETATM 1512 O O   . HOH H 5 .   ? 19.665  -8.098  6.157   1.00 42.39  ? 401 HOH A O   1 
HETATM 1513 O O   . HOH H 5 .   ? -12.082 -4.351  10.889  1.00 58.60  ? 402 HOH A O   1 
HETATM 1514 O O   . HOH H 5 .   ? -5.689  -14.940 -13.200 1.00 61.53  ? 403 HOH A O   1 
HETATM 1515 O O   . HOH H 5 .   ? 9.296   1.445   -18.887 1.00 50.98  ? 404 HOH A O   1 
HETATM 1516 O O   . HOH H 5 .   ? -12.068 5.431   -6.869  1.00 45.42  ? 405 HOH A O   1 
HETATM 1517 O O   . HOH H 5 .   ? -10.749 -17.141 -3.265  1.00 61.20  ? 406 HOH A O   1 
HETATM 1518 O O   . HOH H 5 .   ? 3.186   7.967   -16.972 1.00 76.65  ? 407 HOH A O   1 
HETATM 1519 O O   . HOH H 5 .   ? 9.529   -3.249  16.929  1.00 59.32  ? 408 HOH A O   1 
HETATM 1520 O O   . HOH H 5 .   ? -0.989  -0.847  -22.523 1.00 54.70  ? 409 HOH A O   1 
HETATM 1521 O O   . HOH H 5 .   ? 9.787   7.665   -0.740  1.00 44.46  ? 410 HOH A O   1 
HETATM 1522 O O   . HOH H 5 .   ? 12.538  -0.472  17.759  1.00 47.29  ? 411 HOH A O   1 
HETATM 1523 O O   . HOH H 5 .   ? 8.050   -4.342  -15.229 1.00 35.93  ? 412 HOH A O   1 
HETATM 1524 O O   . HOH H 5 .   ? -5.283  9.969   -14.549 1.00 49.84  ? 413 HOH A O   1 
HETATM 1525 O O   . HOH H 5 .   ? -11.756 7.451   13.051  1.00 49.25  ? 414 HOH A O   1 
HETATM 1526 O O   . HOH H 5 .   ? -12.643 10.569  3.972   1.00 55.92  ? 415 HOH A O   1 
HETATM 1527 O O   . HOH H 5 .   ? 7.650   16.462  -4.636  1.00 67.10  ? 416 HOH A O   1 
HETATM 1528 O O   . HOH H 5 .   ? 4.888   14.135  -2.081  1.00 53.57  ? 417 HOH A O   1 
HETATM 1529 O O   . HOH H 5 .   ? 9.201   -4.550  9.513   1.00 33.28  ? 418 HOH A O   1 
HETATM 1530 O O   . HOH H 5 .   ? -12.337 -6.732  -2.462  1.00 61.46  ? 419 HOH A O   1 
HETATM 1531 O O   . HOH H 5 .   ? -2.653  -7.909  -18.145 1.00 61.88  ? 420 HOH A O   1 
HETATM 1532 O O   . HOH H 5 .   ? 0.003   12.947  -17.622 1.00 63.27  ? 421 HOH A O   1 
HETATM 1533 O O   . HOH H 5 .   ? 8.502   -13.567 -12.754 1.00 42.75  ? 422 HOH A O   1 
HETATM 1534 O O   . HOH H 5 .   ? -16.191 16.497  -6.638  1.00 59.93  ? 423 HOH A O   1 
HETATM 1535 O O   . HOH H 5 .   ? 5.697   -14.777 -5.477  1.00 57.12  ? 424 HOH A O   1 
HETATM 1536 O O   . HOH H 5 .   ? 17.821  -8.406  -3.823  1.00 71.68  ? 425 HOH A O   1 
HETATM 1537 O O   . HOH H 5 .   ? 20.620  -7.099  13.710  1.00 57.11  ? 426 HOH A O   1 
HETATM 1538 O O   . HOH H 5 .   ? -1.792  -7.229  -15.193 1.00 40.23  ? 427 HOH A O   1 
HETATM 1539 O O   . HOH H 5 .   ? 9.191   -10.157 15.674  1.00 33.25  ? 428 HOH A O   1 
HETATM 1540 O O   . HOH H 5 .   ? 2.129   -15.549 -12.546 1.00 49.67  ? 429 HOH A O   1 
HETATM 1541 O O   . HOH H 5 .   ? -3.696  6.416   -16.922 1.00 54.91  ? 430 HOH A O   1 
HETATM 1542 O O   . HOH H 5 .   ? 3.093   8.867   2.914   1.00 32.63  ? 431 HOH A O   1 
HETATM 1543 O O   . HOH H 5 .   ? 16.133  -4.316  14.734  1.00 42.05  ? 432 HOH A O   1 
HETATM 1544 O O   . HOH H 5 .   ? 20.253  4.135   7.805   1.00 38.13  ? 433 HOH A O   1 
HETATM 1545 O O   . HOH H 5 .   ? -10.507 7.664   16.159  1.00 52.98  ? 434 HOH A O   1 
HETATM 1546 O O   . HOH H 5 .   ? -9.173  -8.803  -6.367  1.00 40.71  ? 435 HOH A O   1 
HETATM 1547 O O   . HOH H 5 .   ? 0.456   -8.345  18.833  1.00 41.73  ? 436 HOH A O   1 
HETATM 1548 O O   . HOH H 5 .   ? -11.055 7.061   -11.284 1.00 48.39  ? 437 HOH A O   1 
HETATM 1549 O O   . HOH H 5 .   ? -13.474 -15.821 -1.987  1.00 42.51  ? 438 HOH A O   1 
HETATM 1550 O O   . HOH H 5 .   ? 20.684  7.466   14.461  1.00 61.88  ? 439 HOH A O   1 
HETATM 1551 O O   . HOH H 5 .   ? 1.330   -0.525  -26.209 1.00 36.83  ? 440 HOH A O   1 
HETATM 1552 O O   . HOH H 5 .   ? 14.776  -7.385  2.774   1.00 49.79  ? 441 HOH A O   1 
HETATM 1553 O O   . HOH H 5 .   ? 12.776  -6.870  5.333   1.00 63.09  ? 442 HOH A O   1 
HETATM 1554 O O   . HOH H 5 .   ? -5.275  7.689   19.394  1.00 66.64  ? 443 HOH A O   1 
HETATM 1555 O O   . HOH H 5 .   ? -12.767 -13.556 0.962   1.00 47.69  ? 444 HOH A O   1 
HETATM 1556 O O   . HOH H 5 .   ? -4.315  -14.878 -5.031  1.00 47.35  ? 445 HOH A O   1 
HETATM 1557 O O   . HOH H 5 .   ? -6.437  -12.883 -14.083 1.00 42.91  ? 446 HOH A O   1 
HETATM 1558 O O   . HOH H 5 .   ? -14.010 4.366   10.390  1.00 36.13  ? 447 HOH A O   1 
HETATM 1559 O O   . HOH H 5 .   ? -8.771  15.394  -8.534  1.00 54.91  ? 448 HOH A O   1 
HETATM 1560 O O   . HOH H 5 .   ? -0.204  10.617  1.869   1.00 32.52  ? 449 HOH A O   1 
HETATM 1561 O O   . HOH H 5 .   ? 2.280   -11.859 13.494  1.00 39.01  ? 450 HOH A O   1 
HETATM 1562 O O   . HOH H 5 .   ? 15.284  10.596  6.725   1.00 48.20  ? 451 HOH A O   1 
HETATM 1563 O O   . HOH H 5 .   ? -11.897 -9.733  9.960   1.00 48.35  ? 452 HOH A O   1 
HETATM 1564 O O   . HOH H 5 .   ? 1.007   -6.698  -15.806 1.00 38.84  ? 453 HOH A O   1 
HETATM 1565 O O   . HOH H 5 .   ? 16.161  -4.372  8.892   1.00 32.68  ? 454 HOH A O   1 
HETATM 1566 O O   . HOH H 5 .   ? 6.320   -3.319  18.813  1.00 49.03  ? 455 HOH A O   1 
HETATM 1567 O O   . HOH H 5 .   ? -7.198  -11.197 -17.602 1.00 50.93  ? 456 HOH A O   1 
HETATM 1568 O O   . HOH H 5 .   ? 9.896   -11.512 -0.458  1.00 59.08  ? 457 HOH A O   1 
HETATM 1569 O O   . HOH H 5 .   ? -13.938 -2.719  0.732   1.00 59.85  ? 458 HOH A O   1 
HETATM 1570 O O   . HOH H 5 .   ? -3.945  -9.696  6.896   1.00 42.81  ? 459 HOH A O   1 
HETATM 1571 O O   . HOH H 5 .   ? 2.716   -3.101  16.456  1.00 53.10  ? 460 HOH A O   1 
HETATM 1572 O O   . HOH H 5 .   ? -5.705  -13.367 -2.965  1.00 39.11  ? 461 HOH A O   1 
HETATM 1573 O O   . HOH H 5 .   ? -12.685 0.573   17.510  1.00 56.50  ? 462 HOH A O   1 
HETATM 1574 O O   . HOH H 5 .   ? -2.533  12.684  2.702   1.00 49.82  ? 463 HOH A O   1 
HETATM 1575 O O   . HOH H 5 .   ? -5.375  -14.076 12.050  1.00 63.13  ? 464 HOH A O   1 
HETATM 1576 O O   . HOH H 5 .   ? -1.379  -14.784 3.534   1.00 41.01  ? 465 HOH A O   1 
HETATM 1577 O O   . HOH H 5 .   ? 3.724   9.156   -13.120 1.00 41.01  ? 466 HOH A O   1 
HETATM 1578 O O   . HOH H 5 .   ? 0.225   13.681  -15.001 1.00 51.15  ? 467 HOH A O   1 
HETATM 1579 O O   . HOH H 5 .   ? 0.653   -11.844 10.856  1.00 33.93  ? 468 HOH A O   1 
HETATM 1580 O O   . HOH H 5 .   ? 10.955  -15.003 6.209   1.00 64.03  ? 469 HOH A O   1 
HETATM 1581 O O   . HOH H 5 .   ? 11.491  -3.184  8.294   1.00 30.17  ? 470 HOH A O   1 
HETATM 1582 O O   . HOH H 5 .   ? -18.501 -11.413 -1.479  1.00 70.52  ? 471 HOH A O   1 
HETATM 1583 O O   . HOH H 5 .   ? 14.931  -10.050 -11.403 1.00 54.92  ? 472 HOH A O   1 
HETATM 1584 O O   . HOH H 5 .   ? -5.888  0.442   -13.412 1.00 32.77  ? 473 HOH A O   1 
HETATM 1585 O O   . HOH H 5 .   ? -1.200  17.401  -13.154 1.00 46.66  ? 474 HOH A O   1 
HETATM 1586 O O   . HOH H 5 .   ? 6.274   10.279  3.534   1.00 51.63  ? 475 HOH A O   1 
HETATM 1587 O O   . HOH H 5 .   ? 0.494   -14.759 1.545   1.00 37.04  ? 476 HOH A O   1 
HETATM 1588 O O   . HOH H 5 .   ? -8.381  16.253  0.012   1.00 66.97  ? 477 HOH A O   1 
HETATM 1589 O O   . HOH H 5 .   ? -9.371  12.192  -10.063 1.00 43.93  ? 478 HOH A O   1 
HETATM 1590 O O   . HOH H 5 .   ? 15.501  4.700   1.135   1.00 40.18  ? 479 HOH A O   1 
HETATM 1591 O O   . HOH H 5 .   ? 7.198   12.292  -2.747  1.00 56.59  ? 480 HOH A O   1 
HETATM 1592 O O   . HOH H 5 .   ? 11.862  -2.390  15.679  1.00 39.44  ? 481 HOH A O   1 
HETATM 1593 O O   . HOH H 5 .   ? -11.227 10.448  12.604  1.00 51.96  ? 482 HOH A O   1 
HETATM 1594 O O   . HOH H 5 .   ? 21.262  -0.010  15.935  1.00 43.03  ? 483 HOH A O   1 
HETATM 1595 O O   . HOH H 5 .   ? -7.105  -15.004 -1.354  1.00 59.07  ? 484 HOH A O   1 
HETATM 1596 O O   . HOH H 5 .   ? 13.790  -10.217 10.240  1.00 56.16  ? 485 HOH A O   1 
HETATM 1597 O O   . HOH H 5 .   ? 5.309   3.686   16.367  1.00 58.26  ? 486 HOH A O   1 
HETATM 1598 O O   . HOH H 5 .   ? 0.871   -12.199 15.597  1.00 49.34  ? 487 HOH A O   1 
HETATM 1599 O O   . HOH H 5 .   ? 22.001  -9.905  2.882   1.00 42.47  ? 488 HOH A O   1 
HETATM 1600 O O   . HOH H 5 .   ? 4.651   -14.575 7.470   1.00 46.36  ? 489 HOH A O   1 
HETATM 1601 O O   . HOH H 5 .   ? 13.812  -10.964 -7.874  1.00 63.43  ? 490 HOH A O   1 
HETATM 1602 O O   . HOH H 5 .   ? 2.500   0.715   14.824  1.00 39.69  ? 491 HOH A O   1 
HETATM 1603 O O   . HOH H 5 .   ? 11.897  -10.646 8.393   1.00 39.55  ? 492 HOH A O   1 
HETATM 1604 O O   . HOH H 5 .   ? -16.522 1.107   9.827   1.00 54.24  ? 493 HOH A O   1 
HETATM 1605 O O   . HOH H 5 .   ? -10.254 -4.949  12.747  1.00 56.49  ? 494 HOH A O   1 
HETATM 1606 O O   . HOH H 5 .   ? -4.286  -8.774  13.749  1.00 42.94  ? 495 HOH A O   1 
HETATM 1607 O O   . HOH H 5 .   ? -12.631 2.501   -10.760 1.00 54.75  ? 496 HOH A O   1 
HETATM 1608 O O   . HOH H 5 .   ? 16.698  -6.297  13.390  1.00 53.51  ? 497 HOH A O   1 
HETATM 1609 O O   . HOH H 5 .   ? 16.780  -11.783 8.872   1.00 54.07  ? 498 HOH A O   1 
HETATM 1610 O O   . HOH H 5 .   ? -0.744  -0.921  -19.454 1.00 46.42  ? 499 HOH A O   1 
HETATM 1611 O O   . HOH H 5 .   ? 4.081   -10.449 -17.018 1.00 52.20  ? 500 HOH A O   1 
HETATM 1612 O O   . HOH H 5 .   ? 10.596  3.489   16.144  1.00 65.18  ? 501 HOH A O   1 
HETATM 1613 O O   . HOH H 5 .   ? -20.271 8.762   -0.498  1.00 49.83  ? 502 HOH A O   1 
HETATM 1614 O O   . HOH H 5 .   ? 2.224   11.208  3.480   1.00 42.94  ? 503 HOH A O   1 
HETATM 1615 O O   . HOH H 5 .   ? 12.635  -12.532 10.783  1.00 54.29  ? 504 HOH A O   1 
HETATM 1616 O O   . HOH H 5 .   ? 19.435  2.014   14.597  1.00 62.32  ? 505 HOH A O   1 
HETATM 1617 O O   . HOH H 5 .   ? -13.492 3.487   -2.927  1.00 28.80  ? 506 HOH A O   1 
HETATM 1618 O O   . HOH H 5 .   ? 9.150   -11.373 5.411   1.00 37.97  ? 507 HOH A O   1 
HETATM 1619 O O   . HOH H 5 .   ? -7.751  2.043   -14.777 1.00 44.67  ? 508 HOH A O   1 
HETATM 1620 O O   . HOH H 5 .   ? 17.600  4.918   8.210   1.00 39.74  ? 509 HOH A O   1 
HETATM 1621 O O   . HOH H 5 .   ? -2.940  2.445   12.992  1.00 52.40  ? 510 HOH A O   1 
HETATM 1622 O O   . HOH H 5 .   ? 21.284  5.125   13.577  1.00 54.99  ? 511 HOH A O   1 
HETATM 1623 O O   . HOH H 5 .   ? -4.973  -3.972  -14.736 1.00 47.47  ? 512 HOH A O   1 
HETATM 1624 O O   . HOH H 5 .   ? -17.068 -10.388 -5.969  1.00 59.43  ? 513 HOH A O   1 
HETATM 1625 O O   . HOH H 5 .   ? -12.521 4.306   -12.681 1.00 53.58  ? 514 HOH A O   1 
HETATM 1626 O O   . HOH H 5 .   ? -7.656  -16.663 7.664   1.00 57.08  ? 515 HOH A O   1 
HETATM 1627 O O   . HOH H 5 .   ? -18.583 -13.099 -6.319  1.00 54.93  ? 516 HOH A O   1 
HETATM 1628 O O   . HOH H 5 .   ? 13.785  -5.326  3.786   1.00 50.41  ? 517 HOH A O   1 
HETATM 1629 O O   . HOH H 5 .   ? 2.282   -8.285  -17.991 1.00 64.94  ? 518 HOH A O   1 
HETATM 1630 O O   . HOH H 5 .   ? 6.815   -15.580 -12.338 1.00 57.83  ? 519 HOH A O   1 
HETATM 1631 O O   . HOH H 5 .   ? 9.934   -6.568  18.256  1.00 48.02  ? 520 HOH A O   1 
HETATM 1632 O O   . HOH H 5 .   ? -2.334  -5.528  15.795  1.00 57.21  ? 521 HOH A O   1 
HETATM 1633 O O   . HOH H 5 .   ? -5.028  -1.879  -14.736 1.00 40.82  ? 522 HOH A O   1 
HETATM 1634 O O   . HOH H 5 .   ? -2.981  -11.279 13.065  1.00 57.56  ? 523 HOH A O   1 
HETATM 1635 O O   . HOH H 5 .   ? -15.328 4.243   8.188   1.00 43.80  ? 524 HOH A O   1 
HETATM 1636 O O   . HOH H 5 .   ? 11.596  -10.601 6.339   1.00 55.82  ? 525 HOH A O   1 
HETATM 1637 O O   . HOH H 5 .   ? -6.911  -8.085  14.254  1.00 62.12  ? 526 HOH A O   1 
HETATM 1638 O O   . HOH H 5 .   ? 13.328  -7.551  14.277  1.00 57.27  ? 527 HOH A O   1 
HETATM 1639 O O   . HOH H 5 .   ? 12.504  -6.475  -14.830 1.00 53.17  ? 528 HOH A O   1 
HETATM 1640 O O   . HOH H 5 .   ? -7.523  5.527   -14.211 1.00 51.80  ? 529 HOH A O   1 
HETATM 1641 O O   . HOH H 5 .   ? 11.372  -9.749  4.013   1.00 59.74  ? 530 HOH A O   1 
HETATM 1642 O O   . HOH H 5 .   ? 2.031   12.351  -20.556 1.00 56.15  ? 531 HOH A O   1 
HETATM 1643 O O   . HOH H 5 .   ? -9.684  -20.051 2.143   1.00 50.72  ? 532 HOH A O   1 
HETATM 1644 O O   . HOH H 5 .   ? 1.610   7.499   5.752   1.00 52.94  ? 533 HOH A O   1 
HETATM 1645 O O   . HOH H 5 .   ? 3.580   11.645  -14.874 1.00 49.02  ? 534 HOH A O   1 
HETATM 1646 O O   . HOH H 5 .   ? 6.742   -10.895 -16.716 1.00 64.41  ? 535 HOH A O   1 
HETATM 1647 O O   . HOH H 5 .   ? -12.787 -2.946  14.756  1.00 63.63  ? 536 HOH A O   1 
HETATM 1648 O O   . HOH H 5 .   ? -1.216  -0.119  -30.133 1.00 53.05  ? 537 HOH A O   1 
HETATM 1649 O O   . HOH H 5 .   ? -19.851 13.863  -8.201  1.00 68.17  ? 538 HOH A O   1 
HETATM 1650 O O   . HOH H 5 .   ? 10.608  -13.833 -11.205 1.00 65.43  ? 539 HOH A O   1 
HETATM 1651 O O   . HOH H 5 .   ? -9.003  -16.033 9.506   1.00 71.74  ? 540 HOH A O   1 
HETATM 1652 O O   . HOH H 5 .   ? 4.876   14.910  2.055   1.00 55.83  ? 541 HOH A O   1 
HETATM 1653 O O   . HOH H 5 .   ? 0.448   -1.559  -28.662 1.00 64.43  ? 542 HOH A O   1 
HETATM 1654 O O   . HOH H 5 .   ? 5.169   8.582   -15.888 1.00 77.47  ? 543 HOH A O   1 
HETATM 1655 O O   . HOH H 5 .   ? 10.016  8.616   1.818   1.00 62.75  ? 544 HOH A O   1 
HETATM 1656 O O   . HOH H 5 .   ? 4.216   13.028  3.622   1.00 48.96  ? 545 HOH A O   1 
HETATM 1657 O O   . HOH H 5 .   ? 7.548   -12.001 0.378   1.00 53.61  ? 546 HOH A O   1 
HETATM 1658 O O   . HOH H 5 .   ? -3.321  -7.998  16.160  1.00 46.76  ? 547 HOH A O   1 
HETATM 1659 O O   . HOH H 5 .   ? 7.936   -12.638 2.967   1.00 54.34  ? 548 HOH A O   1 
HETATM 1660 O O   . HOH H 5 .   ? -8.450  7.097   -12.676 1.00 40.78  ? 549 HOH A O   1 
HETATM 1661 O O   . HOH H 5 .   ? 7.863   13.547  1.626   1.00 74.76  ? 550 HOH A O   1 
HETATM 1662 O O   . HOH H 5 .   ? -0.641  -10.363 20.177  1.00 48.34  ? 551 HOH A O   1 
HETATM 1663 O O   . HOH H 5 .   ? -7.080  1.806   -17.381 1.00 51.72  ? 552 HOH A O   1 
HETATM 1664 O O   . HOH H 5 .   ? -4.808  -0.201  -16.888 1.00 49.17  ? 553 HOH A O   1 
HETATM 1665 O O   . HOH H 5 .   ? 3.368   -14.021 4.495   1.00 70.51  ? 554 HOH A O   1 
HETATM 1666 O O   . HOH H 5 .   ? -2.613  1.176   -18.162 1.00 44.29  ? 555 HOH A O   1 
HETATM 1667 O O   . HOH H 5 .   ? -5.887  3.767   -18.766 1.00 47.34  ? 556 HOH A O   1 
# 
loop_
_pdbx_poly_seq_scheme.asym_id 
_pdbx_poly_seq_scheme.entity_id 
_pdbx_poly_seq_scheme.seq_id 
_pdbx_poly_seq_scheme.mon_id 
_pdbx_poly_seq_scheme.ndb_seq_num 
_pdbx_poly_seq_scheme.pdb_seq_num 
_pdbx_poly_seq_scheme.auth_seq_num 
_pdbx_poly_seq_scheme.pdb_mon_id 
_pdbx_poly_seq_scheme.auth_mon_id 
_pdbx_poly_seq_scheme.pdb_strand_id 
_pdbx_poly_seq_scheme.pdb_ins_code 
_pdbx_poly_seq_scheme.hetero 
A 1 1   SER 1   15  15  SER SER A . n 
A 1 2   MET 2   16  16  MET MET A . n 
A 1 3   LEU 3   17  17  LEU LEU A . n 
A 1 4   ASP 4   18  18  ASP ASP A . n 
A 1 5   ASP 5   19  19  ASP ASP A . n 
A 1 6   ALA 6   20  20  ALA ALA A . n 
A 1 7   LYS 7   21  21  LYS LYS A . n 
A 1 8   ALA 8   22  22  ALA ALA A . n 
A 1 9   ARG 9   23  23  ARG ARG A . n 
A 1 10  LEU 10  24  24  LEU LEU A . n 
A 1 11  ARG 11  25  25  ARG ARG A . n 
A 1 12  LYS 12  26  26  LYS LYS A . n 
A 1 13  TYR 13  27  27  TYR TYR A . n 
A 1 14  ASP 14  28  28  ASP ASP A . n 
A 1 15  ILE 15  29  29  ILE ILE A . n 
A 1 16  GLY 16  30  30  GLY GLY A . n 
A 1 17  GLY 17  31  31  GLY GLY A . n 
A 1 18  LYS 18  32  32  LYS LYS A . n 
A 1 19  TYR 19  33  33  TYR TYR A . n 
A 1 20  SER 20  34  34  SER SER A . n 
A 1 21  HIS 21  35  35  HIS HIS A . n 
A 1 22  LEU 22  36  36  LEU LEU A . n 
A 1 23  PRO 23  37  37  PRO PRO A . n 
A 1 24  TYR 24  38  38  TYR TYR A . n 
A 1 25  ASN 25  39  39  ASN ASN A . n 
A 1 26  LYS 26  40  40  LYS LYS A . n 
A 1 27  TYR 27  41  41  TYR TYR A . n 
A 1 28  SER 28  42  42  SER SER A . n 
A 1 29  VAL 29  43  43  VAL VAL A . n 
A 1 30  LEU 30  44  44  LEU LEU A . n 
A 1 31  LEU 31  45  45  LEU LEU A . n 
A 1 32  PRO 32  46  46  PRO PRO A . n 
A 1 33  LEU 33  47  47  LEU LEU A . n 
A 1 34  VAL 34  48  48  VAL VAL A . n 
A 1 35  ALA 35  49  49  ALA ALA A . n 
A 1 36  LYS 36  50  50  LYS LYS A . n 
A 1 37  GLU 37  51  51  GLU GLU A . n 
A 1 38  GLY 38  52  52  GLY GLY A . n 
A 1 39  LYS 39  53  53  LYS LYS A . n 
A 1 40  LEU 40  54  54  LEU LEU A . n 
A 1 41  HIS 41  55  55  HIS HIS A . n 
A 1 42  LEU 42  56  56  LEU LEU A . n 
A 1 43  LEU 43  57  57  LEU LEU A . n 
A 1 44  PHE 44  58  58  PHE PHE A . n 
A 1 45  THR 45  59  59  THR THR A . n 
A 1 46  VAL 46  60  60  VAL VAL A . n 
A 1 47  ARG 47  61  61  ARG ARG A . n 
A 1 48  SER 48  62  62  SER SER A . n 
A 1 49  GLU 49  63  63  GLU GLU A . n 
A 1 50  LYS 50  64  64  LYS LYS A . n 
A 1 51  LEU 51  65  65  LEU LEU A . n 
A 1 52  ARG 52  66  66  ARG ARG A . n 
A 1 53  ARG 53  67  67  ARG ARG A . n 
A 1 54  ALA 54  68  68  ALA ALA A . n 
A 1 55  PRO 55  69  69  PRO PRO A . n 
A 1 56  GLY 56  70  70  GLY GLY A . n 
A 1 57  GLU 57  71  71  GLU GLU A . n 
A 1 58  VAL 58  72  72  VAL VAL A . n 
A 1 59  CYS 59  73  73  CYS CYS A . n 
A 1 60  PHE 60  74  74  PHE PHE A . n 
A 1 61  PRO 61  75  75  PRO PRO A . n 
A 1 62  GLY 62  76  76  GLY GLY A . n 
A 1 63  GLY 63  77  77  GLY GLY A . n 
A 1 64  LYS 64  78  78  LYS LYS A . n 
A 1 65  ARG 65  79  79  ARG ARG A . n 
A 1 66  ASP 66  80  80  ASP ASP A . n 
A 1 67  PRO 67  81  81  PRO PRO A . n 
A 1 68  THR 68  82  82  THR THR A . n 
A 1 69  ASP 69  83  83  ASP ASP A . n 
A 1 70  MET 70  84  84  MET MET A . n 
A 1 71  ASP 71  85  85  ASP ASP A . n 
A 1 72  ASP 72  86  86  ASP ASP A . n 
A 1 73  ALA 73  87  87  ALA ALA A . n 
A 1 74  ALA 74  88  88  ALA ALA A . n 
A 1 75  THR 75  89  89  THR THR A . n 
A 1 76  ALA 76  90  90  ALA ALA A . n 
A 1 77  LEU 77  91  91  LEU LEU A . n 
A 1 78  ARG 78  92  92  ARG ARG A . n 
A 1 79  GLU 79  93  93  GLU GLU A . n 
A 1 80  ALA 80  94  94  ALA ALA A . n 
A 1 81  GLN 81  95  95  GLN GLN A . n 
A 1 82  GLU 82  96  96  GLU GLU A . n 
A 1 83  GLU 83  97  97  GLU GLU A . n 
A 1 84  VAL 84  98  98  VAL VAL A . n 
A 1 85  GLY 85  99  99  GLY GLY A . n 
A 1 86  LEU 86  100 100 LEU LEU A . n 
A 1 87  ARG 87  101 101 ARG ARG A . n 
A 1 88  HYP 88  102 102 HYP HYP A . n 
A 1 89  HIS 89  103 103 HIS HIS A . n 
A 1 90  GLN 90  104 104 GLN GLN A . n 
A 1 91  VAL 91  105 105 VAL VAL A . n 
A 1 92  GLU 92  106 106 GLU GLU A . n 
A 1 93  VAL 93  107 107 VAL VAL A . n 
A 1 94  VAL 94  108 108 VAL VAL A . n 
A 1 95  CSO 95  109 109 CSO CSO A . n 
A 1 96  CYS 96  110 110 CYS CYS A . n 
A 1 97  LEU 97  111 111 LEU LEU A . n 
A 1 98  VAL 98  112 112 VAL VAL A . n 
A 1 99  PRO 99  113 113 PRO PRO A . n 
A 1 100 CYS 100 114 114 CYS CYS A . n 
A 1 101 LEU 101 115 115 LEU LEU A . n 
A 1 102 ILE 102 116 116 ILE ILE A . n 
A 1 103 ASP 103 117 117 ASP ASP A . n 
A 1 104 THR 104 118 118 THR THR A . n 
A 1 105 ASP 105 119 119 ASP ASP A . n 
A 1 106 THR 106 120 120 THR THR A . n 
A 1 107 LEU 107 121 121 LEU LEU A . n 
A 1 108 ILE 108 122 122 ILE ILE A . n 
A 1 109 THR 109 123 123 THR THR A . n 
A 1 110 PRO 110 124 124 PRO PRO A . n 
A 1 111 PHE 111 125 125 PHE PHE A . n 
A 1 112 VAL 112 126 126 VAL VAL A . n 
A 1 113 GLY 113 127 127 GLY GLY A . n 
A 1 114 LEU 114 128 128 LEU LEU A . n 
A 1 115 ILE 115 129 129 ILE ILE A . n 
A 1 116 ASP 116 130 130 ASP ASP A . n 
A 1 117 HIS 117 131 131 HIS HIS A . n 
A 1 118 ASN 118 132 132 ASN ASN A . n 
A 1 119 PHE 119 133 133 PHE PHE A . n 
A 1 120 GLN 120 134 134 GLN GLN A . n 
A 1 121 ALA 121 135 135 ALA ALA A . n 
A 1 122 GLN 122 136 136 GLN GLN A . n 
A 1 123 PRO 123 137 137 PRO PRO A . n 
A 1 124 ASN 124 138 138 ASN ASN A . n 
A 1 125 PRO 125 139 139 PRO PRO A . n 
A 1 126 ALA 126 140 140 ALA ALA A . n 
A 1 127 GLU 127 141 141 GLU GLU A . n 
A 1 128 VAL 128 142 142 VAL VAL A . n 
A 1 129 LYS 129 143 143 LYS LYS A . n 
A 1 130 ASP 130 144 144 ASP ASP A . n 
A 1 131 VAL 131 145 145 VAL VAL A . n 
A 1 132 PHE 132 146 146 PHE PHE A . n 
A 1 133 LEU 133 147 147 LEU LEU A . n 
A 1 134 VAL 134 148 148 VAL VAL A . n 
A 1 135 PRO 135 149 149 PRO PRO A . n 
A 1 136 LEU 136 150 150 LEU LEU A . n 
A 1 137 ALA 137 151 151 ALA ALA A . n 
A 1 138 TYR 138 152 152 TYR TYR A . n 
A 1 139 PHE 139 153 153 PHE PHE A . n 
A 1 140 LEU 140 154 154 LEU LEU A . n 
A 1 141 HIS 141 155 155 HIS HIS A . n 
A 1 142 PRO 142 156 156 PRO PRO A . n 
A 1 143 GLN 143 157 157 GLN GLN A . n 
A 1 144 VAL 144 158 158 VAL VAL A . n 
A 1 145 HIS 145 159 159 HIS HIS A . n 
A 1 146 ASP 146 160 160 ASP ASP A . n 
A 1 147 GLN 147 161 161 GLN GLN A . n 
A 1 148 HIS 148 162 ?   ?   ?   A . n 
A 1 149 TYR 149 163 ?   ?   ?   A . n 
A 1 150 VAL 150 164 ?   ?   ?   A . n 
A 1 151 THR 151 165 ?   ?   ?   A . n 
A 1 152 ARG 152 166 ?   ?   ?   A . n 
A 1 153 LEU 153 167 ?   ?   ?   A . n 
A 1 154 GLY 154 168 ?   ?   ?   A . n 
A 1 155 HIS 155 169 ?   ?   ?   A . n 
A 1 156 ARG 156 170 ?   ?   ?   A . n 
A 1 157 PHE 157 171 ?   ?   ?   A . n 
A 1 158 ILE 158 172 172 ILE ILE A . n 
A 1 159 ASN 159 173 173 ASN ASN A . n 
A 1 160 HIS 160 174 174 HIS HIS A . n 
A 1 161 ILE 161 175 175 ILE ILE A . n 
A 1 162 PHE 162 176 176 PHE PHE A . n 
A 1 163 GLU 163 177 177 GLU GLU A . n 
A 1 164 TYR 164 178 178 TYR TYR A . n 
A 1 165 THR 165 179 179 THR THR A . n 
A 1 166 ASN 166 180 180 ASN ASN A . n 
A 1 167 PRO 167 181 181 PRO PRO A . n 
A 1 168 GLU 168 182 182 GLU GLU A . n 
A 1 169 ASP 169 183 183 ASP ASP A . n 
A 1 170 GLY 170 184 184 GLY GLY A . n 
A 1 171 VAL 171 185 185 VAL VAL A . n 
A 1 172 THR 172 186 186 THR THR A . n 
A 1 173 TYR 173 187 187 TYR TYR A . n 
A 1 174 GLN 174 188 188 GLN GLN A . n 
A 1 175 ILE 175 189 189 ILE ILE A . n 
A 1 176 LYS 176 190 190 LYS LYS A . n 
A 1 177 GLY 177 191 191 GLY GLY A . n 
A 1 178 MET 178 192 192 MET MET A . n 
A 1 179 THR 179 193 193 THR THR A . n 
A 1 180 ALA 180 194 194 ALA ALA A . n 
A 1 181 ASN 181 195 195 ASN ASN A . n 
A 1 182 LEU 182 196 196 LEU LEU A . n 
A 1 183 ALA 183 197 197 ALA ALA A . n 
A 1 184 VAL 184 198 198 VAL VAL A . n 
A 1 185 LEU 185 199 199 LEU LEU A . n 
A 1 186 VAL 186 200 200 VAL VAL A . n 
A 1 187 ALA 187 201 201 ALA ALA A . n 
A 1 188 PHE 188 202 202 PHE PHE A . n 
A 1 189 ILE 189 203 203 ILE ILE A . n 
A 1 190 ILE 190 204 204 ILE ILE A . n 
A 1 191 LEU 191 205 205 LEU LEU A . n 
A 1 192 GLU 192 206 206 GLU GLU A . n 
A 1 193 LYS 193 207 207 LYS LYS A . n 
A 1 194 LYS 194 208 208 LYS LYS A . n 
A 1 195 PRO 195 209 209 PRO PRO A . n 
A 1 196 THR 196 210 210 THR THR A . n 
# 
loop_
_pdbx_nonpoly_scheme.asym_id 
_pdbx_nonpoly_scheme.entity_id 
_pdbx_nonpoly_scheme.mon_id 
_pdbx_nonpoly_scheme.ndb_seq_num 
_pdbx_nonpoly_scheme.pdb_seq_num 
_pdbx_nonpoly_scheme.auth_seq_num 
_pdbx_nonpoly_scheme.pdb_mon_id 
_pdbx_nonpoly_scheme.auth_mon_id 
_pdbx_nonpoly_scheme.pdb_strand_id 
_pdbx_nonpoly_scheme.pdb_ins_code 
B 2 ACT 1   301 1   ACT ACT A . 
C 2 ACT 1   302 2   ACT ACT A . 
D 3 DMS 1   303 1   DMS DMS A . 
E 3 DMS 1   304 2   DMS DMS A . 
F 4 H0J 1   305 1   H0J LIG A . 
G 4 H0J 1   306 2   H0J LIG A . 
H 5 HOH 1   401 9   HOH HOH A . 
H 5 HOH 2   402 69  HOH HOH A . 
H 5 HOH 3   403 199 HOH HOH A . 
H 5 HOH 4   404 94  HOH HOH A . 
H 5 HOH 5   405 179 HOH HOH A . 
H 5 HOH 6   406 143 HOH HOH A . 
H 5 HOH 7   407 198 HOH HOH A . 
H 5 HOH 8   408 157 HOH HOH A . 
H 5 HOH 9   409 24  HOH HOH A . 
H 5 HOH 10  410 23  HOH HOH A . 
H 5 HOH 11  411 140 HOH HOH A . 
H 5 HOH 12  412 105 HOH HOH A . 
H 5 HOH 13  413 117 HOH HOH A . 
H 5 HOH 14  414 48  HOH HOH A . 
H 5 HOH 15  415 80  HOH HOH A . 
H 5 HOH 16  416 162 HOH HOH A . 
H 5 HOH 17  417 124 HOH HOH A . 
H 5 HOH 18  418 14  HOH HOH A . 
H 5 HOH 19  419 58  HOH HOH A . 
H 5 HOH 20  420 166 HOH HOH A . 
H 5 HOH 21  421 167 HOH HOH A . 
H 5 HOH 22  422 109 HOH HOH A . 
H 5 HOH 23  423 156 HOH HOH A . 
H 5 HOH 24  424 49  HOH HOH A . 
H 5 HOH 25  425 187 HOH HOH A . 
H 5 HOH 26  426 77  HOH HOH A . 
H 5 HOH 27  427 101 HOH HOH A . 
H 5 HOH 28  428 10  HOH HOH A . 
H 5 HOH 29  429 113 HOH HOH A . 
H 5 HOH 30  430 197 HOH HOH A . 
H 5 HOH 31  431 20  HOH HOH A . 
H 5 HOH 32  432 36  HOH HOH A . 
H 5 HOH 33  433 53  HOH HOH A . 
H 5 HOH 34  434 89  HOH HOH A . 
H 5 HOH 35  435 108 HOH HOH A . 
H 5 HOH 36  436 26  HOH HOH A . 
H 5 HOH 37  437 103 HOH HOH A . 
H 5 HOH 38  438 13  HOH HOH A . 
H 5 HOH 39  439 72  HOH HOH A . 
H 5 HOH 40  440 12  HOH HOH A . 
H 5 HOH 41  441 38  HOH HOH A . 
H 5 HOH 42  442 128 HOH HOH A . 
H 5 HOH 43  443 47  HOH HOH A . 
H 5 HOH 44  444 27  HOH HOH A . 
H 5 HOH 45  445 85  HOH HOH A . 
H 5 HOH 46  446 193 HOH HOH A . 
H 5 HOH 47  447 15  HOH HOH A . 
H 5 HOH 48  448 158 HOH HOH A . 
H 5 HOH 49  449 97  HOH HOH A . 
H 5 HOH 50  450 6   HOH HOH A . 
H 5 HOH 51  451 43  HOH HOH A . 
H 5 HOH 52  452 35  HOH HOH A . 
H 5 HOH 53  453 99  HOH HOH A . 
H 5 HOH 54  454 2   HOH HOH A . 
H 5 HOH 55  455 42  HOH HOH A . 
H 5 HOH 56  456 137 HOH HOH A . 
H 5 HOH 57  457 62  HOH HOH A . 
H 5 HOH 58  458 159 HOH HOH A . 
H 5 HOH 59  459 39  HOH HOH A . 
H 5 HOH 60  460 79  HOH HOH A . 
H 5 HOH 61  461 28  HOH HOH A . 
H 5 HOH 62  462 61  HOH HOH A . 
H 5 HOH 63  463 102 HOH HOH A . 
H 5 HOH 64  464 182 HOH HOH A . 
H 5 HOH 65  465 22  HOH HOH A . 
H 5 HOH 66  466 104 HOH HOH A . 
H 5 HOH 67  467 118 HOH HOH A . 
H 5 HOH 68  468 1   HOH HOH A . 
H 5 HOH 69  469 78  HOH HOH A . 
H 5 HOH 70  470 8   HOH HOH A . 
H 5 HOH 71  471 71  HOH HOH A . 
H 5 HOH 72  472 146 HOH HOH A . 
H 5 HOH 73  473 98  HOH HOH A . 
H 5 HOH 74  474 139 HOH HOH A . 
H 5 HOH 75  475 30  HOH HOH A . 
H 5 HOH 76  476 37  HOH HOH A . 
H 5 HOH 77  477 186 HOH HOH A . 
H 5 HOH 78  478 121 HOH HOH A . 
H 5 HOH 79  479 7   HOH HOH A . 
H 5 HOH 80  480 125 HOH HOH A . 
H 5 HOH 81  481 17  HOH HOH A . 
H 5 HOH 82  482 46  HOH HOH A . 
H 5 HOH 83  483 152 HOH HOH A . 
H 5 HOH 84  484 145 HOH HOH A . 
H 5 HOH 85  485 75  HOH HOH A . 
H 5 HOH 86  486 86  HOH HOH A . 
H 5 HOH 87  487 19  HOH HOH A . 
H 5 HOH 88  488 25  HOH HOH A . 
H 5 HOH 89  489 34  HOH HOH A . 
H 5 HOH 90  490 183 HOH HOH A . 
H 5 HOH 91  491 56  HOH HOH A . 
H 5 HOH 92  492 31  HOH HOH A . 
H 5 HOH 93  493 110 HOH HOH A . 
H 5 HOH 94  494 5   HOH HOH A . 
H 5 HOH 95  495 55  HOH HOH A . 
H 5 HOH 96  496 176 HOH HOH A . 
H 5 HOH 97  497 149 HOH HOH A . 
H 5 HOH 98  498 200 HOH HOH A . 
H 5 HOH 99  499 45  HOH HOH A . 
H 5 HOH 100 500 153 HOH HOH A . 
H 5 HOH 101 501 141 HOH HOH A . 
H 5 HOH 102 502 116 HOH HOH A . 
H 5 HOH 103 503 18  HOH HOH A . 
H 5 HOH 104 504 63  HOH HOH A . 
H 5 HOH 105 505 194 HOH HOH A . 
H 5 HOH 106 506 96  HOH HOH A . 
H 5 HOH 107 507 21  HOH HOH A . 
H 5 HOH 108 508 106 HOH HOH A . 
H 5 HOH 109 509 64  HOH HOH A . 
H 5 HOH 110 510 196 HOH HOH A . 
H 5 HOH 111 511 138 HOH HOH A . 
H 5 HOH 112 512 127 HOH HOH A . 
H 5 HOH 113 513 122 HOH HOH A . 
H 5 HOH 114 514 184 HOH HOH A . 
H 5 HOH 115 515 111 HOH HOH A . 
H 5 HOH 116 516 155 HOH HOH A . 
H 5 HOH 117 517 59  HOH HOH A . 
H 5 HOH 118 518 161 HOH HOH A . 
H 5 HOH 119 519 126 HOH HOH A . 
H 5 HOH 120 520 129 HOH HOH A . 
H 5 HOH 121 521 50  HOH HOH A . 
H 5 HOH 122 522 170 HOH HOH A . 
H 5 HOH 123 523 169 HOH HOH A . 
H 5 HOH 124 524 16  HOH HOH A . 
H 5 HOH 125 525 90  HOH HOH A . 
H 5 HOH 126 526 66  HOH HOH A . 
H 5 HOH 127 527 175 HOH HOH A . 
H 5 HOH 128 528 119 HOH HOH A . 
H 5 HOH 129 529 192 HOH HOH A . 
H 5 HOH 130 530 44  HOH HOH A . 
H 5 HOH 131 531 177 HOH HOH A . 
H 5 HOH 132 532 29  HOH HOH A . 
H 5 HOH 133 533 73  HOH HOH A . 
H 5 HOH 134 534 201 HOH HOH A . 
H 5 HOH 135 535 123 HOH HOH A . 
H 5 HOH 136 536 65  HOH HOH A . 
H 5 HOH 137 537 174 HOH HOH A . 
H 5 HOH 138 538 172 HOH HOH A . 
H 5 HOH 139 539 168 HOH HOH A . 
H 5 HOH 140 540 88  HOH HOH A . 
H 5 HOH 141 541 178 HOH HOH A . 
H 5 HOH 142 542 57  HOH HOH A . 
H 5 HOH 143 543 147 HOH HOH A . 
H 5 HOH 144 544 195 HOH HOH A . 
H 5 HOH 145 545 52  HOH HOH A . 
H 5 HOH 146 546 190 HOH HOH A . 
H 5 HOH 147 547 131 HOH HOH A . 
H 5 HOH 148 548 132 HOH HOH A . 
H 5 HOH 149 549 188 HOH HOH A . 
H 5 HOH 150 550 185 HOH HOH A . 
H 5 HOH 151 551 165 HOH HOH A . 
H 5 HOH 152 552 148 HOH HOH A . 
H 5 HOH 153 553 171 HOH HOH A . 
H 5 HOH 154 554 164 HOH HOH A . 
H 5 HOH 155 555 68  HOH HOH A . 
H 5 HOH 156 556 115 HOH HOH A . 
# 
loop_
_pdbx_struct_mod_residue.id 
_pdbx_struct_mod_residue.label_asym_id 
_pdbx_struct_mod_residue.label_comp_id 
_pdbx_struct_mod_residue.label_seq_id 
_pdbx_struct_mod_residue.auth_asym_id 
_pdbx_struct_mod_residue.auth_comp_id 
_pdbx_struct_mod_residue.auth_seq_id 
_pdbx_struct_mod_residue.PDB_ins_code 
_pdbx_struct_mod_residue.parent_comp_id 
_pdbx_struct_mod_residue.details 
1 A HYP 88 A HYP 102 ? PRO 'modified residue' 
2 A CSO 95 A CSO 109 ? CYS 'modified residue' 
# 
_pdbx_struct_assembly.id                   1 
_pdbx_struct_assembly.details              author_and_software_defined_assembly 
_pdbx_struct_assembly.method_details       PISA 
_pdbx_struct_assembly.oligomeric_details   monomeric 
_pdbx_struct_assembly.oligomeric_count     1 
# 
_pdbx_struct_assembly_gen.assembly_id       1 
_pdbx_struct_assembly_gen.oper_expression   1 
_pdbx_struct_assembly_gen.asym_id_list      A,B,C,D,E,F,G,H 
# 
loop_
_pdbx_struct_assembly_prop.biol_id 
_pdbx_struct_assembly_prop.type 
_pdbx_struct_assembly_prop.value 
_pdbx_struct_assembly_prop.details 
1 'ABSA (A^2)' 750   ? 
1 MORE         5     ? 
1 'SSA (A^2)'  10510 ? 
# 
_pdbx_struct_oper_list.id                   1 
_pdbx_struct_oper_list.type                 'identity operation' 
_pdbx_struct_oper_list.name                 1_555 
_pdbx_struct_oper_list.symmetry_operation   x,y,z 
_pdbx_struct_oper_list.matrix[1][1]         1.0000000000 
_pdbx_struct_oper_list.matrix[1][2]         0.0000000000 
_pdbx_struct_oper_list.matrix[1][3]         0.0000000000 
_pdbx_struct_oper_list.vector[1]            0.0000000000 
_pdbx_struct_oper_list.matrix[2][1]         0.0000000000 
_pdbx_struct_oper_list.matrix[2][2]         1.0000000000 
_pdbx_struct_oper_list.matrix[2][3]         0.0000000000 
_pdbx_struct_oper_list.vector[2]            0.0000000000 
_pdbx_struct_oper_list.matrix[3][1]         0.0000000000 
_pdbx_struct_oper_list.matrix[3][2]         0.0000000000 
_pdbx_struct_oper_list.matrix[3][3]         1.0000000000 
_pdbx_struct_oper_list.vector[3]            0.0000000000 
# 
loop_
_pdbx_audit_revision_history.ordinal 
_pdbx_audit_revision_history.data_content_type 
_pdbx_audit_revision_history.major_revision 
_pdbx_audit_revision_history.minor_revision 
_pdbx_audit_revision_history.revision_date 
1 'Structure model' 1 0 2019-03-27 
2 'Structure model' 1 1 2023-11-15 
# 
_pdbx_audit_revision_details.ordinal             1 
_pdbx_audit_revision_details.revision_ordinal    1 
_pdbx_audit_revision_details.data_content_type   'Structure model' 
_pdbx_audit_revision_details.provider            repository 
_pdbx_audit_revision_details.type                'Initial release' 
_pdbx_audit_revision_details.description         ? 
_pdbx_audit_revision_details.details             ? 
# 
loop_
_pdbx_audit_revision_group.ordinal 
_pdbx_audit_revision_group.revision_ordinal 
_pdbx_audit_revision_group.data_content_type 
_pdbx_audit_revision_group.group 
1 2 'Structure model' 'Data collection'     
2 2 'Structure model' 'Database references' 
# 
loop_
_pdbx_audit_revision_category.ordinal 
_pdbx_audit_revision_category.revision_ordinal 
_pdbx_audit_revision_category.data_content_type 
_pdbx_audit_revision_category.category 
1 2 'Structure model' chem_comp_atom 
2 2 'Structure model' chem_comp_bond 
3 2 'Structure model' database_2     
# 
loop_
_pdbx_audit_revision_item.ordinal 
_pdbx_audit_revision_item.revision_ordinal 
_pdbx_audit_revision_item.data_content_type 
_pdbx_audit_revision_item.item 
1 2 'Structure model' '_database_2.pdbx_DOI'                
2 2 'Structure model' '_database_2.pdbx_database_accession' 
# 
_phasing.method   MR 
# 
loop_
_software.pdbx_ordinal 
_software.name 
_software.version 
_software.date 
_software.type 
_software.contact_author 
_software.contact_author_email 
_software.classification 
_software.location 
_software.language 
_software.citation_id 
1 REFMAC      5.8.0189 ?               program 'Garib N. Murshudov' garib@ysbl.york.ac.uk    refinement        
http://www.ccp4.ac.uk/dist/html/refmac5.html        Fortran_77 ? 
2 Aimless     0.5.31   12/12/16        program 'Phil Evans'         ?                        'data scaling'    
http://www.mrc-lmb.cam.ac.uk/harry/pre/aimless.html ?          ? 
3 PDB_EXTRACT 3.23     'SEP. 23, 2016' package PDB                  deposit@deposit.rcsb.org 'data extraction' 
http://sw-tools.pdb.org/apps/PDB_EXTRACT/           C++        ? 
4 XDS         .        ?               program ?                    ?                        'data reduction'  ? ?          ? 
5 REFMAC      .        ?               program ?                    ?                        phasing           ? ?          ? 
# 
loop_
_pdbx_validate_close_contact.id 
_pdbx_validate_close_contact.PDB_model_num 
_pdbx_validate_close_contact.auth_atom_id_1 
_pdbx_validate_close_contact.auth_asym_id_1 
_pdbx_validate_close_contact.auth_comp_id_1 
_pdbx_validate_close_contact.auth_seq_id_1 
_pdbx_validate_close_contact.PDB_ins_code_1 
_pdbx_validate_close_contact.label_alt_id_1 
_pdbx_validate_close_contact.auth_atom_id_2 
_pdbx_validate_close_contact.auth_asym_id_2 
_pdbx_validate_close_contact.auth_comp_id_2 
_pdbx_validate_close_contact.auth_seq_id_2 
_pdbx_validate_close_contact.PDB_ins_code_2 
_pdbx_validate_close_contact.label_alt_id_2 
_pdbx_validate_close_contact.dist 
1 1 O A HOH 492 ? ? O A HOH 525 ? ? 2.08 
2 1 O A HOH 512 ? ? O A HOH 522 ? ? 2.09 
3 1 O A LYS 32  ? ? O A HOH 401 ? ? 2.13 
# 
_pdbx_validate_symm_contact.id                1 
_pdbx_validate_symm_contact.PDB_model_num     1 
_pdbx_validate_symm_contact.auth_atom_id_1    O 
_pdbx_validate_symm_contact.auth_asym_id_1    A 
_pdbx_validate_symm_contact.auth_comp_id_1    HOH 
_pdbx_validate_symm_contact.auth_seq_id_1     425 
_pdbx_validate_symm_contact.PDB_ins_code_1    ? 
_pdbx_validate_symm_contact.label_alt_id_1    ? 
_pdbx_validate_symm_contact.site_symmetry_1   1_555 
_pdbx_validate_symm_contact.auth_atom_id_2    O 
_pdbx_validate_symm_contact.auth_asym_id_2    A 
_pdbx_validate_symm_contact.auth_comp_id_2    HOH 
_pdbx_validate_symm_contact.auth_seq_id_2     425 
_pdbx_validate_symm_contact.PDB_ins_code_2    ? 
_pdbx_validate_symm_contact.label_alt_id_2    ? 
_pdbx_validate_symm_contact.site_symmetry_2   6_559 
_pdbx_validate_symm_contact.dist              2.19 
# 
loop_
_pdbx_validate_torsion.id 
_pdbx_validate_torsion.PDB_model_num 
_pdbx_validate_torsion.auth_comp_id 
_pdbx_validate_torsion.auth_asym_id 
_pdbx_validate_torsion.auth_seq_id 
_pdbx_validate_torsion.PDB_ins_code 
_pdbx_validate_torsion.label_alt_id 
_pdbx_validate_torsion.phi 
_pdbx_validate_torsion.psi 
1 1 LYS A 32  ? ? -30.00 -55.89 
2 1 THR A 118 ? ? 68.09  -22.34 
# 
loop_
_pdbx_unobs_or_zero_occ_atoms.id 
_pdbx_unobs_or_zero_occ_atoms.PDB_model_num 
_pdbx_unobs_or_zero_occ_atoms.polymer_flag 
_pdbx_unobs_or_zero_occ_atoms.occupancy_flag 
_pdbx_unobs_or_zero_occ_atoms.auth_asym_id 
_pdbx_unobs_or_zero_occ_atoms.auth_comp_id 
_pdbx_unobs_or_zero_occ_atoms.auth_seq_id 
_pdbx_unobs_or_zero_occ_atoms.PDB_ins_code 
_pdbx_unobs_or_zero_occ_atoms.auth_atom_id 
_pdbx_unobs_or_zero_occ_atoms.label_alt_id 
_pdbx_unobs_or_zero_occ_atoms.label_asym_id 
_pdbx_unobs_or_zero_occ_atoms.label_comp_id 
_pdbx_unobs_or_zero_occ_atoms.label_seq_id 
_pdbx_unobs_or_zero_occ_atoms.label_atom_id 
1 1 Y 1 A GLN 161 ? CG  ? A GLN 147 CG  
2 1 Y 1 A GLN 161 ? CD  ? A GLN 147 CD  
3 1 Y 1 A GLN 161 ? OE1 ? A GLN 147 OE1 
4 1 Y 1 A GLN 161 ? NE2 ? A GLN 147 NE2 
# 
loop_
_pdbx_unobs_or_zero_occ_residues.id 
_pdbx_unobs_or_zero_occ_residues.PDB_model_num 
_pdbx_unobs_or_zero_occ_residues.polymer_flag 
_pdbx_unobs_or_zero_occ_residues.occupancy_flag 
_pdbx_unobs_or_zero_occ_residues.auth_asym_id 
_pdbx_unobs_or_zero_occ_residues.auth_comp_id 
_pdbx_unobs_or_zero_occ_residues.auth_seq_id 
_pdbx_unobs_or_zero_occ_residues.PDB_ins_code 
_pdbx_unobs_or_zero_occ_residues.label_asym_id 
_pdbx_unobs_or_zero_occ_residues.label_comp_id 
_pdbx_unobs_or_zero_occ_residues.label_seq_id 
1  1 Y 1 A HIS 162 ? A HIS 148 
2  1 Y 1 A TYR 163 ? A TYR 149 
3  1 Y 1 A VAL 164 ? A VAL 150 
4  1 Y 1 A THR 165 ? A THR 151 
5  1 Y 1 A ARG 166 ? A ARG 152 
6  1 Y 1 A LEU 167 ? A LEU 153 
7  1 Y 1 A GLY 168 ? A GLY 154 
8  1 Y 1 A HIS 169 ? A HIS 155 
9  1 Y 1 A ARG 170 ? A ARG 156 
10 1 Y 1 A PHE 171 ? A PHE 157 
# 
loop_
_chem_comp_atom.comp_id 
_chem_comp_atom.atom_id 
_chem_comp_atom.type_symbol 
_chem_comp_atom.pdbx_aromatic_flag 
_chem_comp_atom.pdbx_stereo_config 
_chem_comp_atom.pdbx_ordinal 
ACT C    C N N 1   
ACT O    O N N 2   
ACT OXT  O N N 3   
ACT CH3  C N N 4   
ACT H1   H N N 5   
ACT H2   H N N 6   
ACT H3   H N N 7   
ALA N    N N N 8   
ALA CA   C N S 9   
ALA C    C N N 10  
ALA O    O N N 11  
ALA CB   C N N 12  
ALA OXT  O N N 13  
ALA H    H N N 14  
ALA H2   H N N 15  
ALA HA   H N N 16  
ALA HB1  H N N 17  
ALA HB2  H N N 18  
ALA HB3  H N N 19  
ALA HXT  H N N 20  
ARG N    N N N 21  
ARG CA   C N S 22  
ARG C    C N N 23  
ARG O    O N N 24  
ARG CB   C N N 25  
ARG CG   C N N 26  
ARG CD   C N N 27  
ARG NE   N N N 28  
ARG CZ   C N N 29  
ARG NH1  N N N 30  
ARG NH2  N N N 31  
ARG OXT  O N N 32  
ARG H    H N N 33  
ARG H2   H N N 34  
ARG HA   H N N 35  
ARG HB2  H N N 36  
ARG HB3  H N N 37  
ARG HG2  H N N 38  
ARG HG3  H N N 39  
ARG HD2  H N N 40  
ARG HD3  H N N 41  
ARG HE   H N N 42  
ARG HH11 H N N 43  
ARG HH12 H N N 44  
ARG HH21 H N N 45  
ARG HH22 H N N 46  
ARG HXT  H N N 47  
ASN N    N N N 48  
ASN CA   C N S 49  
ASN C    C N N 50  
ASN O    O N N 51  
ASN CB   C N N 52  
ASN CG   C N N 53  
ASN OD1  O N N 54  
ASN ND2  N N N 55  
ASN OXT  O N N 56  
ASN H    H N N 57  
ASN H2   H N N 58  
ASN HA   H N N 59  
ASN HB2  H N N 60  
ASN HB3  H N N 61  
ASN HD21 H N N 62  
ASN HD22 H N N 63  
ASN HXT  H N N 64  
ASP N    N N N 65  
ASP CA   C N S 66  
ASP C    C N N 67  
ASP O    O N N 68  
ASP CB   C N N 69  
ASP CG   C N N 70  
ASP OD1  O N N 71  
ASP OD2  O N N 72  
ASP OXT  O N N 73  
ASP H    H N N 74  
ASP H2   H N N 75  
ASP HA   H N N 76  
ASP HB2  H N N 77  
ASP HB3  H N N 78  
ASP HD2  H N N 79  
ASP HXT  H N N 80  
CSO N    N N N 81  
CSO CA   C N R 82  
CSO CB   C N N 83  
CSO SG   S N N 84  
CSO C    C N N 85  
CSO O    O N N 86  
CSO OXT  O N N 87  
CSO OD   O N N 88  
CSO H    H N N 89  
CSO H2   H N N 90  
CSO HA   H N N 91  
CSO HB2  H N N 92  
CSO HB3  H N N 93  
CSO HXT  H N N 94  
CSO HD   H N N 95  
CYS N    N N N 96  
CYS CA   C N R 97  
CYS C    C N N 98  
CYS O    O N N 99  
CYS CB   C N N 100 
CYS SG   S N N 101 
CYS OXT  O N N 102 
CYS H    H N N 103 
CYS H2   H N N 104 
CYS HA   H N N 105 
CYS HB2  H N N 106 
CYS HB3  H N N 107 
CYS HG   H N N 108 
CYS HXT  H N N 109 
DMS S    S N N 110 
DMS O    O N N 111 
DMS C1   C N N 112 
DMS C2   C N N 113 
DMS H11  H N N 114 
DMS H12  H N N 115 
DMS H13  H N N 116 
DMS H21  H N N 117 
DMS H22  H N N 118 
DMS H23  H N N 119 
GLN N    N N N 120 
GLN CA   C N S 121 
GLN C    C N N 122 
GLN O    O N N 123 
GLN CB   C N N 124 
GLN CG   C N N 125 
GLN CD   C N N 126 
GLN OE1  O N N 127 
GLN NE2  N N N 128 
GLN OXT  O N N 129 
GLN H    H N N 130 
GLN H2   H N N 131 
GLN HA   H N N 132 
GLN HB2  H N N 133 
GLN HB3  H N N 134 
GLN HG2  H N N 135 
GLN HG3  H N N 136 
GLN HE21 H N N 137 
GLN HE22 H N N 138 
GLN HXT  H N N 139 
GLU N    N N N 140 
GLU CA   C N S 141 
GLU C    C N N 142 
GLU O    O N N 143 
GLU CB   C N N 144 
GLU CG   C N N 145 
GLU CD   C N N 146 
GLU OE1  O N N 147 
GLU OE2  O N N 148 
GLU OXT  O N N 149 
GLU H    H N N 150 
GLU H2   H N N 151 
GLU HA   H N N 152 
GLU HB2  H N N 153 
GLU HB3  H N N 154 
GLU HG2  H N N 155 
GLU HG3  H N N 156 
GLU HE2  H N N 157 
GLU HXT  H N N 158 
GLY N    N N N 159 
GLY CA   C N N 160 
GLY C    C N N 161 
GLY O    O N N 162 
GLY OXT  O N N 163 
GLY H    H N N 164 
GLY H2   H N N 165 
GLY HA2  H N N 166 
GLY HA3  H N N 167 
GLY HXT  H N N 168 
H0J N1   N Y N 169 
H0J C4   C Y N 170 
H0J C5   C Y N 171 
H0J C6   C Y N 172 
H0J C7   C Y N 173 
H0J C8   C Y N 174 
H0J C10  C N N 175 
H0J C1   C Y N 176 
H0J C2   C Y N 177 
H0J C3   C Y N 178 
H0J C9   C Y N 179 
H0J S1   S Y N 180 
H0J S2   S N N 181 
H0J N2   N N N 182 
H0J H1   H N N 183 
H0J H2   H N N 184 
H0J H3   H N N 185 
H0J H4   H N N 186 
H0J H5   H N N 187 
H0J H6   H N N 188 
H0J H7   H N N 189 
H0J H8   H N N 190 
HIS N    N N N 191 
HIS CA   C N S 192 
HIS C    C N N 193 
HIS O    O N N 194 
HIS CB   C N N 195 
HIS CG   C Y N 196 
HIS ND1  N Y N 197 
HIS CD2  C Y N 198 
HIS CE1  C Y N 199 
HIS NE2  N Y N 200 
HIS OXT  O N N 201 
HIS H    H N N 202 
HIS H2   H N N 203 
HIS HA   H N N 204 
HIS HB2  H N N 205 
HIS HB3  H N N 206 
HIS HD1  H N N 207 
HIS HD2  H N N 208 
HIS HE1  H N N 209 
HIS HE2  H N N 210 
HIS HXT  H N N 211 
HOH O    O N N 212 
HOH H1   H N N 213 
HOH H2   H N N 214 
HYP N    N N N 215 
HYP CA   C N S 216 
HYP C    C N N 217 
HYP O    O N N 218 
HYP CB   C N N 219 
HYP CG   C N R 220 
HYP CD   C N N 221 
HYP OD1  O N N 222 
HYP OXT  O N N 223 
HYP H    H N N 224 
HYP HA   H N N 225 
HYP HB2  H N N 226 
HYP HB3  H N N 227 
HYP HG   H N N 228 
HYP HD22 H N N 229 
HYP HD23 H N N 230 
HYP HD1  H N N 231 
HYP HXT  H N N 232 
ILE N    N N N 233 
ILE CA   C N S 234 
ILE C    C N N 235 
ILE O    O N N 236 
ILE CB   C N S 237 
ILE CG1  C N N 238 
ILE CG2  C N N 239 
ILE CD1  C N N 240 
ILE OXT  O N N 241 
ILE H    H N N 242 
ILE H2   H N N 243 
ILE HA   H N N 244 
ILE HB   H N N 245 
ILE HG12 H N N 246 
ILE HG13 H N N 247 
ILE HG21 H N N 248 
ILE HG22 H N N 249 
ILE HG23 H N N 250 
ILE HD11 H N N 251 
ILE HD12 H N N 252 
ILE HD13 H N N 253 
ILE HXT  H N N 254 
LEU N    N N N 255 
LEU CA   C N S 256 
LEU C    C N N 257 
LEU O    O N N 258 
LEU CB   C N N 259 
LEU CG   C N N 260 
LEU CD1  C N N 261 
LEU CD2  C N N 262 
LEU OXT  O N N 263 
LEU H    H N N 264 
LEU H2   H N N 265 
LEU HA   H N N 266 
LEU HB2  H N N 267 
LEU HB3  H N N 268 
LEU HG   H N N 269 
LEU HD11 H N N 270 
LEU HD12 H N N 271 
LEU HD13 H N N 272 
LEU HD21 H N N 273 
LEU HD22 H N N 274 
LEU HD23 H N N 275 
LEU HXT  H N N 276 
LYS N    N N N 277 
LYS CA   C N S 278 
LYS C    C N N 279 
LYS O    O N N 280 
LYS CB   C N N 281 
LYS CG   C N N 282 
LYS CD   C N N 283 
LYS CE   C N N 284 
LYS NZ   N N N 285 
LYS OXT  O N N 286 
LYS H    H N N 287 
LYS H2   H N N 288 
LYS HA   H N N 289 
LYS HB2  H N N 290 
LYS HB3  H N N 291 
LYS HG2  H N N 292 
LYS HG3  H N N 293 
LYS HD2  H N N 294 
LYS HD3  H N N 295 
LYS HE2  H N N 296 
LYS HE3  H N N 297 
LYS HZ1  H N N 298 
LYS HZ2  H N N 299 
LYS HZ3  H N N 300 
LYS HXT  H N N 301 
MET N    N N N 302 
MET CA   C N S 303 
MET C    C N N 304 
MET O    O N N 305 
MET CB   C N N 306 
MET CG   C N N 307 
MET SD   S N N 308 
MET CE   C N N 309 
MET OXT  O N N 310 
MET H    H N N 311 
MET H2   H N N 312 
MET HA   H N N 313 
MET HB2  H N N 314 
MET HB3  H N N 315 
MET HG2  H N N 316 
MET HG3  H N N 317 
MET HE1  H N N 318 
MET HE2  H N N 319 
MET HE3  H N N 320 
MET HXT  H N N 321 
PHE N    N N N 322 
PHE CA   C N S 323 
PHE C    C N N 324 
PHE O    O N N 325 
PHE CB   C N N 326 
PHE CG   C Y N 327 
PHE CD1  C Y N 328 
PHE CD2  C Y N 329 
PHE CE1  C Y N 330 
PHE CE2  C Y N 331 
PHE CZ   C Y N 332 
PHE OXT  O N N 333 
PHE H    H N N 334 
PHE H2   H N N 335 
PHE HA   H N N 336 
PHE HB2  H N N 337 
PHE HB3  H N N 338 
PHE HD1  H N N 339 
PHE HD2  H N N 340 
PHE HE1  H N N 341 
PHE HE2  H N N 342 
PHE HZ   H N N 343 
PHE HXT  H N N 344 
PRO N    N N N 345 
PRO CA   C N S 346 
PRO C    C N N 347 
PRO O    O N N 348 
PRO CB   C N N 349 
PRO CG   C N N 350 
PRO CD   C N N 351 
PRO OXT  O N N 352 
PRO H    H N N 353 
PRO HA   H N N 354 
PRO HB2  H N N 355 
PRO HB3  H N N 356 
PRO HG2  H N N 357 
PRO HG3  H N N 358 
PRO HD2  H N N 359 
PRO HD3  H N N 360 
PRO HXT  H N N 361 
SER N    N N N 362 
SER CA   C N S 363 
SER C    C N N 364 
SER O    O N N 365 
SER CB   C N N 366 
SER OG   O N N 367 
SER OXT  O N N 368 
SER H    H N N 369 
SER H2   H N N 370 
SER HA   H N N 371 
SER HB2  H N N 372 
SER HB3  H N N 373 
SER HG   H N N 374 
SER HXT  H N N 375 
THR N    N N N 376 
THR CA   C N S 377 
THR C    C N N 378 
THR O    O N N 379 
THR CB   C N R 380 
THR OG1  O N N 381 
THR CG2  C N N 382 
THR OXT  O N N 383 
THR H    H N N 384 
THR H2   H N N 385 
THR HA   H N N 386 
THR HB   H N N 387 
THR HG1  H N N 388 
THR HG21 H N N 389 
THR HG22 H N N 390 
THR HG23 H N N 391 
THR HXT  H N N 392 
TYR N    N N N 393 
TYR CA   C N S 394 
TYR C    C N N 395 
TYR O    O N N 396 
TYR CB   C N N 397 
TYR CG   C Y N 398 
TYR CD1  C Y N 399 
TYR CD2  C Y N 400 
TYR CE1  C Y N 401 
TYR CE2  C Y N 402 
TYR CZ   C Y N 403 
TYR OH   O N N 404 
TYR OXT  O N N 405 
TYR H    H N N 406 
TYR H2   H N N 407 
TYR HA   H N N 408 
TYR HB2  H N N 409 
TYR HB3  H N N 410 
TYR HD1  H N N 411 
TYR HD2  H N N 412 
TYR HE1  H N N 413 
TYR HE2  H N N 414 
TYR HH   H N N 415 
TYR HXT  H N N 416 
VAL N    N N N 417 
VAL CA   C N S 418 
VAL C    C N N 419 
VAL O    O N N 420 
VAL CB   C N N 421 
VAL CG1  C N N 422 
VAL CG2  C N N 423 
VAL OXT  O N N 424 
VAL H    H N N 425 
VAL H2   H N N 426 
VAL HA   H N N 427 
VAL HB   H N N 428 
VAL HG11 H N N 429 
VAL HG12 H N N 430 
VAL HG13 H N N 431 
VAL HG21 H N N 432 
VAL HG22 H N N 433 
VAL HG23 H N N 434 
VAL HXT  H N N 435 
# 
loop_
_chem_comp_bond.comp_id 
_chem_comp_bond.atom_id_1 
_chem_comp_bond.atom_id_2 
_chem_comp_bond.value_order 
_chem_comp_bond.pdbx_aromatic_flag 
_chem_comp_bond.pdbx_stereo_config 
_chem_comp_bond.pdbx_ordinal 
ACT C   O    doub N N 1   
ACT C   OXT  sing N N 2   
ACT C   CH3  sing N N 3   
ACT CH3 H1   sing N N 4   
ACT CH3 H2   sing N N 5   
ACT CH3 H3   sing N N 6   
ALA N   CA   sing N N 7   
ALA N   H    sing N N 8   
ALA N   H2   sing N N 9   
ALA CA  C    sing N N 10  
ALA CA  CB   sing N N 11  
ALA CA  HA   sing N N 12  
ALA C   O    doub N N 13  
ALA C   OXT  sing N N 14  
ALA CB  HB1  sing N N 15  
ALA CB  HB2  sing N N 16  
ALA CB  HB3  sing N N 17  
ALA OXT HXT  sing N N 18  
ARG N   CA   sing N N 19  
ARG N   H    sing N N 20  
ARG N   H2   sing N N 21  
ARG CA  C    sing N N 22  
ARG CA  CB   sing N N 23  
ARG CA  HA   sing N N 24  
ARG C   O    doub N N 25  
ARG C   OXT  sing N N 26  
ARG CB  CG   sing N N 27  
ARG CB  HB2  sing N N 28  
ARG CB  HB3  sing N N 29  
ARG CG  CD   sing N N 30  
ARG CG  HG2  sing N N 31  
ARG CG  HG3  sing N N 32  
ARG CD  NE   sing N N 33  
ARG CD  HD2  sing N N 34  
ARG CD  HD3  sing N N 35  
ARG NE  CZ   sing N N 36  
ARG NE  HE   sing N N 37  
ARG CZ  NH1  sing N N 38  
ARG CZ  NH2  doub N N 39  
ARG NH1 HH11 sing N N 40  
ARG NH1 HH12 sing N N 41  
ARG NH2 HH21 sing N N 42  
ARG NH2 HH22 sing N N 43  
ARG OXT HXT  sing N N 44  
ASN N   CA   sing N N 45  
ASN N   H    sing N N 46  
ASN N   H2   sing N N 47  
ASN CA  C    sing N N 48  
ASN CA  CB   sing N N 49  
ASN CA  HA   sing N N 50  
ASN C   O    doub N N 51  
ASN C   OXT  sing N N 52  
ASN CB  CG   sing N N 53  
ASN CB  HB2  sing N N 54  
ASN CB  HB3  sing N N 55  
ASN CG  OD1  doub N N 56  
ASN CG  ND2  sing N N 57  
ASN ND2 HD21 sing N N 58  
ASN ND2 HD22 sing N N 59  
ASN OXT HXT  sing N N 60  
ASP N   CA   sing N N 61  
ASP N   H    sing N N 62  
ASP N   H2   sing N N 63  
ASP CA  C    sing N N 64  
ASP CA  CB   sing N N 65  
ASP CA  HA   sing N N 66  
ASP C   O    doub N N 67  
ASP C   OXT  sing N N 68  
ASP CB  CG   sing N N 69  
ASP CB  HB2  sing N N 70  
ASP CB  HB3  sing N N 71  
ASP CG  OD1  doub N N 72  
ASP CG  OD2  sing N N 73  
ASP OD2 HD2  sing N N 74  
ASP OXT HXT  sing N N 75  
CSO N   CA   sing N N 76  
CSO N   H    sing N N 77  
CSO N   H2   sing N N 78  
CSO CA  CB   sing N N 79  
CSO CA  C    sing N N 80  
CSO CA  HA   sing N N 81  
CSO CB  SG   sing N N 82  
CSO CB  HB2  sing N N 83  
CSO CB  HB3  sing N N 84  
CSO SG  OD   sing N N 85  
CSO C   O    doub N N 86  
CSO C   OXT  sing N N 87  
CSO OXT HXT  sing N N 88  
CSO OD  HD   sing N N 89  
CYS N   CA   sing N N 90  
CYS N   H    sing N N 91  
CYS N   H2   sing N N 92  
CYS CA  C    sing N N 93  
CYS CA  CB   sing N N 94  
CYS CA  HA   sing N N 95  
CYS C   O    doub N N 96  
CYS C   OXT  sing N N 97  
CYS CB  SG   sing N N 98  
CYS CB  HB2  sing N N 99  
CYS CB  HB3  sing N N 100 
CYS SG  HG   sing N N 101 
CYS OXT HXT  sing N N 102 
DMS S   O    doub N N 103 
DMS S   C1   sing N N 104 
DMS S   C2   sing N N 105 
DMS C1  H11  sing N N 106 
DMS C1  H12  sing N N 107 
DMS C1  H13  sing N N 108 
DMS C2  H21  sing N N 109 
DMS C2  H22  sing N N 110 
DMS C2  H23  sing N N 111 
GLN N   CA   sing N N 112 
GLN N   H    sing N N 113 
GLN N   H2   sing N N 114 
GLN CA  C    sing N N 115 
GLN CA  CB   sing N N 116 
GLN CA  HA   sing N N 117 
GLN C   O    doub N N 118 
GLN C   OXT  sing N N 119 
GLN CB  CG   sing N N 120 
GLN CB  HB2  sing N N 121 
GLN CB  HB3  sing N N 122 
GLN CG  CD   sing N N 123 
GLN CG  HG2  sing N N 124 
GLN CG  HG3  sing N N 125 
GLN CD  OE1  doub N N 126 
GLN CD  NE2  sing N N 127 
GLN NE2 HE21 sing N N 128 
GLN NE2 HE22 sing N N 129 
GLN OXT HXT  sing N N 130 
GLU N   CA   sing N N 131 
GLU N   H    sing N N 132 
GLU N   H2   sing N N 133 
GLU CA  C    sing N N 134 
GLU CA  CB   sing N N 135 
GLU CA  HA   sing N N 136 
GLU C   O    doub N N 137 
GLU C   OXT  sing N N 138 
GLU CB  CG   sing N N 139 
GLU CB  HB2  sing N N 140 
GLU CB  HB3  sing N N 141 
GLU CG  CD   sing N N 142 
GLU CG  HG2  sing N N 143 
GLU CG  HG3  sing N N 144 
GLU CD  OE1  doub N N 145 
GLU CD  OE2  sing N N 146 
GLU OE2 HE2  sing N N 147 
GLU OXT HXT  sing N N 148 
GLY N   CA   sing N N 149 
GLY N   H    sing N N 150 
GLY N   H2   sing N N 151 
GLY CA  C    sing N N 152 
GLY CA  HA2  sing N N 153 
GLY CA  HA3  sing N N 154 
GLY C   O    doub N N 155 
GLY C   OXT  sing N N 156 
GLY OXT HXT  sing N N 157 
H0J C1  C5   doub Y N 158 
H0J C1  C2   sing Y N 159 
H0J C5  C4   sing Y N 160 
H0J C2  C3   doub Y N 161 
H0J C4  C6   sing N N 162 
H0J C4  N1   doub Y N 163 
H0J C7  C6   doub Y N 164 
H0J C7  C8   sing Y N 165 
H0J C3  N1   sing Y N 166 
H0J C6  S1   sing Y N 167 
H0J C8  C9   doub Y N 168 
H0J C9  S1   sing Y N 169 
H0J C9  C10  sing N N 170 
H0J N2  C10  sing N N 171 
H0J C10 S2   doub N N 172 
H0J C5  H1   sing N N 173 
H0J C7  H2   sing N N 174 
H0J C8  H3   sing N N 175 
H0J C1  H4   sing N N 176 
H0J C2  H5   sing N N 177 
H0J C3  H6   sing N N 178 
H0J N2  H7   sing N N 179 
H0J N2  H8   sing N N 180 
HIS N   CA   sing N N 181 
HIS N   H    sing N N 182 
HIS N   H2   sing N N 183 
HIS CA  C    sing N N 184 
HIS CA  CB   sing N N 185 
HIS CA  HA   sing N N 186 
HIS C   O    doub N N 187 
HIS C   OXT  sing N N 188 
HIS CB  CG   sing N N 189 
HIS CB  HB2  sing N N 190 
HIS CB  HB3  sing N N 191 
HIS CG  ND1  sing Y N 192 
HIS CG  CD2  doub Y N 193 
HIS ND1 CE1  doub Y N 194 
HIS ND1 HD1  sing N N 195 
HIS CD2 NE2  sing Y N 196 
HIS CD2 HD2  sing N N 197 
HIS CE1 NE2  sing Y N 198 
HIS CE1 HE1  sing N N 199 
HIS NE2 HE2  sing N N 200 
HIS OXT HXT  sing N N 201 
HOH O   H1   sing N N 202 
HOH O   H2   sing N N 203 
HYP N   CA   sing N N 204 
HYP N   CD   sing N N 205 
HYP N   H    sing N N 206 
HYP CA  C    sing N N 207 
HYP CA  CB   sing N N 208 
HYP CA  HA   sing N N 209 
HYP C   O    doub N N 210 
HYP C   OXT  sing N N 211 
HYP CB  CG   sing N N 212 
HYP CB  HB2  sing N N 213 
HYP CB  HB3  sing N N 214 
HYP CG  CD   sing N N 215 
HYP CG  OD1  sing N N 216 
HYP CG  HG   sing N N 217 
HYP CD  HD22 sing N N 218 
HYP CD  HD23 sing N N 219 
HYP OD1 HD1  sing N N 220 
HYP OXT HXT  sing N N 221 
ILE N   CA   sing N N 222 
ILE N   H    sing N N 223 
ILE N   H2   sing N N 224 
ILE CA  C    sing N N 225 
ILE CA  CB   sing N N 226 
ILE CA  HA   sing N N 227 
ILE C   O    doub N N 228 
ILE C   OXT  sing N N 229 
ILE CB  CG1  sing N N 230 
ILE CB  CG2  sing N N 231 
ILE CB  HB   sing N N 232 
ILE CG1 CD1  sing N N 233 
ILE CG1 HG12 sing N N 234 
ILE CG1 HG13 sing N N 235 
ILE CG2 HG21 sing N N 236 
ILE CG2 HG22 sing N N 237 
ILE CG2 HG23 sing N N 238 
ILE CD1 HD11 sing N N 239 
ILE CD1 HD12 sing N N 240 
ILE CD1 HD13 sing N N 241 
ILE OXT HXT  sing N N 242 
LEU N   CA   sing N N 243 
LEU N   H    sing N N 244 
LEU N   H2   sing N N 245 
LEU CA  C    sing N N 246 
LEU CA  CB   sing N N 247 
LEU CA  HA   sing N N 248 
LEU C   O    doub N N 249 
LEU C   OXT  sing N N 250 
LEU CB  CG   sing N N 251 
LEU CB  HB2  sing N N 252 
LEU CB  HB3  sing N N 253 
LEU CG  CD1  sing N N 254 
LEU CG  CD2  sing N N 255 
LEU CG  HG   sing N N 256 
LEU CD1 HD11 sing N N 257 
LEU CD1 HD12 sing N N 258 
LEU CD1 HD13 sing N N 259 
LEU CD2 HD21 sing N N 260 
LEU CD2 HD22 sing N N 261 
LEU CD2 HD23 sing N N 262 
LEU OXT HXT  sing N N 263 
LYS N   CA   sing N N 264 
LYS N   H    sing N N 265 
LYS N   H2   sing N N 266 
LYS CA  C    sing N N 267 
LYS CA  CB   sing N N 268 
LYS CA  HA   sing N N 269 
LYS C   O    doub N N 270 
LYS C   OXT  sing N N 271 
LYS CB  CG   sing N N 272 
LYS CB  HB2  sing N N 273 
LYS CB  HB3  sing N N 274 
LYS CG  CD   sing N N 275 
LYS CG  HG2  sing N N 276 
LYS CG  HG3  sing N N 277 
LYS CD  CE   sing N N 278 
LYS CD  HD2  sing N N 279 
LYS CD  HD3  sing N N 280 
LYS CE  NZ   sing N N 281 
LYS CE  HE2  sing N N 282 
LYS CE  HE3  sing N N 283 
LYS NZ  HZ1  sing N N 284 
LYS NZ  HZ2  sing N N 285 
LYS NZ  HZ3  sing N N 286 
LYS OXT HXT  sing N N 287 
MET N   CA   sing N N 288 
MET N   H    sing N N 289 
MET N   H2   sing N N 290 
MET CA  C    sing N N 291 
MET CA  CB   sing N N 292 
MET CA  HA   sing N N 293 
MET C   O    doub N N 294 
MET C   OXT  sing N N 295 
MET CB  CG   sing N N 296 
MET CB  HB2  sing N N 297 
MET CB  HB3  sing N N 298 
MET CG  SD   sing N N 299 
MET CG  HG2  sing N N 300 
MET CG  HG3  sing N N 301 
MET SD  CE   sing N N 302 
MET CE  HE1  sing N N 303 
MET CE  HE2  sing N N 304 
MET CE  HE3  sing N N 305 
MET OXT HXT  sing N N 306 
PHE N   CA   sing N N 307 
PHE N   H    sing N N 308 
PHE N   H2   sing N N 309 
PHE CA  C    sing N N 310 
PHE CA  CB   sing N N 311 
PHE CA  HA   sing N N 312 
PHE C   O    doub N N 313 
PHE C   OXT  sing N N 314 
PHE CB  CG   sing N N 315 
PHE CB  HB2  sing N N 316 
PHE CB  HB3  sing N N 317 
PHE CG  CD1  doub Y N 318 
PHE CG  CD2  sing Y N 319 
PHE CD1 CE1  sing Y N 320 
PHE CD1 HD1  sing N N 321 
PHE CD2 CE2  doub Y N 322 
PHE CD2 HD2  sing N N 323 
PHE CE1 CZ   doub Y N 324 
PHE CE1 HE1  sing N N 325 
PHE CE2 CZ   sing Y N 326 
PHE CE2 HE2  sing N N 327 
PHE CZ  HZ   sing N N 328 
PHE OXT HXT  sing N N 329 
PRO N   CA   sing N N 330 
PRO N   CD   sing N N 331 
PRO N   H    sing N N 332 
PRO CA  C    sing N N 333 
PRO CA  CB   sing N N 334 
PRO CA  HA   sing N N 335 
PRO C   O    doub N N 336 
PRO C   OXT  sing N N 337 
PRO CB  CG   sing N N 338 
PRO CB  HB2  sing N N 339 
PRO CB  HB3  sing N N 340 
PRO CG  CD   sing N N 341 
PRO CG  HG2  sing N N 342 
PRO CG  HG3  sing N N 343 
PRO CD  HD2  sing N N 344 
PRO CD  HD3  sing N N 345 
PRO OXT HXT  sing N N 346 
SER N   CA   sing N N 347 
SER N   H    sing N N 348 
SER N   H2   sing N N 349 
SER CA  C    sing N N 350 
SER CA  CB   sing N N 351 
SER CA  HA   sing N N 352 
SER C   O    doub N N 353 
SER C   OXT  sing N N 354 
SER CB  OG   sing N N 355 
SER CB  HB2  sing N N 356 
SER CB  HB3  sing N N 357 
SER OG  HG   sing N N 358 
SER OXT HXT  sing N N 359 
THR N   CA   sing N N 360 
THR N   H    sing N N 361 
THR N   H2   sing N N 362 
THR CA  C    sing N N 363 
THR CA  CB   sing N N 364 
THR CA  HA   sing N N 365 
THR C   O    doub N N 366 
THR C   OXT  sing N N 367 
THR CB  OG1  sing N N 368 
THR CB  CG2  sing N N 369 
THR CB  HB   sing N N 370 
THR OG1 HG1  sing N N 371 
THR CG2 HG21 sing N N 372 
THR CG2 HG22 sing N N 373 
THR CG2 HG23 sing N N 374 
THR OXT HXT  sing N N 375 
TYR N   CA   sing N N 376 
TYR N   H    sing N N 377 
TYR N   H2   sing N N 378 
TYR CA  C    sing N N 379 
TYR CA  CB   sing N N 380 
TYR CA  HA   sing N N 381 
TYR C   O    doub N N 382 
TYR C   OXT  sing N N 383 
TYR CB  CG   sing N N 384 
TYR CB  HB2  sing N N 385 
TYR CB  HB3  sing N N 386 
TYR CG  CD1  doub Y N 387 
TYR CG  CD2  sing Y N 388 
TYR CD1 CE1  sing Y N 389 
TYR CD1 HD1  sing N N 390 
TYR CD2 CE2  doub Y N 391 
TYR CD2 HD2  sing N N 392 
TYR CE1 CZ   doub Y N 393 
TYR CE1 HE1  sing N N 394 
TYR CE2 CZ   sing Y N 395 
TYR CE2 HE2  sing N N 396 
TYR CZ  OH   sing N N 397 
TYR OH  HH   sing N N 398 
TYR OXT HXT  sing N N 399 
VAL N   CA   sing N N 400 
VAL N   H    sing N N 401 
VAL N   H2   sing N N 402 
VAL CA  C    sing N N 403 
VAL CA  CB   sing N N 404 
VAL CA  HA   sing N N 405 
VAL C   O    doub N N 406 
VAL C   OXT  sing N N 407 
VAL CB  CG1  sing N N 408 
VAL CB  CG2  sing N N 409 
VAL CB  HB   sing N N 410 
VAL CG1 HG11 sing N N 411 
VAL CG1 HG12 sing N N 412 
VAL CG1 HG13 sing N N 413 
VAL CG2 HG21 sing N N 414 
VAL CG2 HG22 sing N N 415 
VAL CG2 HG23 sing N N 416 
VAL OXT HXT  sing N N 417 
# 
_pdbx_deposit_group.group_id            G_1002045 
_pdbx_deposit_group.group_description   
;human NUDT7 screened against the 3D-Fragment Consortium Library by X-ray Crystallography at the XChem facility of Diamond Light Source beamline I04-1
;
_pdbx_deposit_group.group_title         'PanDDA analysis group deposition of models with modelled events (e.g. bound ligands)' 
_pdbx_deposit_group.group_type          'changed state' 
# 
loop_
_pdbx_entity_nonpoly.entity_id 
_pdbx_entity_nonpoly.name 
_pdbx_entity_nonpoly.comp_id 
2 'ACETATE ION'                                ACT 
3 'DIMETHYL SULFOXIDE'                         DMS 
4 '5-(pyridin-2-yl)thiophene-2-carbothioamide' H0J 
5 water                                        HOH 
# 
_pdbx_related_exp_data_set.ordinal              1 
_pdbx_related_exp_data_set.data_reference       10.5281/zenodo.1244111 
_pdbx_related_exp_data_set.metadata_reference   10.5281/zenodo.1244111 
_pdbx_related_exp_data_set.data_set_type        'other data' 
_pdbx_related_exp_data_set.details              'Complete PanDDA analysis' 
# 
